data_7T0L
#
_entry.id   7T0L
#
_cell.length_a   142.785
_cell.length_b   146.660
_cell.length_c   177.875
_cell.angle_alpha   90.000
_cell.angle_beta   90.000
_cell.angle_gamma   90.000
#
_symmetry.space_group_name_H-M   'C 2 2 21'
#
loop_
_entity.id
_entity.type
_entity.pdbx_description
1 polymer 'MHC class I antigen'
2 polymer Beta-2-microglobulin
3 polymer 'PHE-ARG-TYR-ASN-GLY-LEU-ILE-HIS-ARG peptide'
4 polymer 'IgG2a heavy chain'
5 polymer 'Light chain kappa'
#
loop_
_entity_poly.entity_id
_entity_poly.type
_entity_poly.pdbx_seq_one_letter_code
_entity_poly.pdbx_strand_id
1 'polypeptide(L)'
;GSHSMRYFHTSVSRPGRGEPRFITVGYVDDTLFVRFDSDAASPREEPRAPWIEQEGPEYWDRETQISKAKAQTDREDLRT
LLRYYNQSEAGSHTLQNMYGCDVGPDGRLLRGYHQNAYDGKDYIALNEDLSSWTAADTAAQITQRKWEAARVAEQLRAYL
EGECVEWLRRYLENGKETLQRADPPKTHVTHHPISDHEATLRCWALGFYPAEITLTWQRDGEDQTQDTELVETRPAGDRT
FQKWAAVVVPSGEEQRYTCHVQHEGLPKPLTLRWEP
;
A,D
2 'polypeptide(L)'
;IQRTPKIQVYSRHPAENGKSNFLNCYVSGFHPSDIEVDLLKNGERIEKVEHSDLSFSKDWSFYLLYYTEFTPTEKDEYAC
RVNHVTLSQPKIVKWDRDM
;
B,E
3 'polypeptide(L)' FRYNGLIHR C,F
4 'polypeptide(L)'
;VQLKQSGPGLVQPSQSLSLTCTVSGFSLTSYGVHWVRQPPGKGLEWLGVIWSGGSTDYNAAFISRLSIRKDNSKSQVFFK
MNSLQADDTAIYYCARTFTTSTSAWFAYWGQGTLVTVSAAKTTAPSVYPLAPVCGDTTGSSVTLGCLVKGYFPEPVTLTW
NSGSLSSGVHTFPAVLQSDLYTLSSSVTVTSSTWPSQSITCNVAHPASSTKVDKKIEP
;
G,H
5 'polypeptide(L)'
;SIVMTQTPKFLLVSAGDRVTITCKASQSVSNDVAWYQQKPGQSPKLLIYYASNRYTGVPDRFTGSGYGTDFTFTISTVQA
EDLAVYFCQQDYSSPPWTFGGGTKLEIRRADAAPTVSIFPPSSEQLTSGGASVVCFLNNFYPKDINVKWKIDGSERQNGV
LNSWTDQDSKDSTYSMSSTLTLTKDEYERHNSYTCEATHKTSTSPIVKSFN
;
K,L
#
# COMPACT_ATOMS: atom_id res chain seq x y z
N GLY A 1 -0.25 25.99 1.92
CA GLY A 1 1.04 25.60 2.47
C GLY A 1 1.20 24.12 2.68
N SER A 2 1.12 23.34 1.57
CA SER A 2 1.21 21.88 1.52
C SER A 2 2.67 21.40 1.52
N HIS A 3 2.99 20.41 2.39
CA HIS A 3 4.35 19.87 2.53
C HIS A 3 4.43 18.37 2.17
N SER A 4 5.59 17.74 2.43
CA SER A 4 5.84 16.33 2.12
C SER A 4 7.03 15.75 2.87
N MET A 5 7.02 14.41 3.06
CA MET A 5 8.12 13.66 3.68
C MET A 5 8.37 12.40 2.86
N ARG A 6 9.53 12.29 2.18
CA ARG A 6 9.88 11.12 1.37
C ARG A 6 11.20 10.49 1.80
N TYR A 7 11.31 9.16 1.64
CA TYR A 7 12.51 8.36 1.92
C TYR A 7 12.95 7.67 0.62
N PHE A 8 14.24 7.81 0.28
CA PHE A 8 14.84 7.23 -0.94
C PHE A 8 15.80 6.11 -0.59
N HIS A 9 15.72 5.01 -1.33
CA HIS A 9 16.59 3.87 -1.12
C HIS A 9 17.17 3.42 -2.44
N THR A 10 18.48 3.23 -2.45
CA THR A 10 19.21 2.73 -3.60
C THR A 10 20.05 1.53 -3.11
N SER A 11 19.86 0.38 -3.76
CA SER A 11 20.59 -0.84 -3.48
C SER A 11 21.14 -1.38 -4.81
N VAL A 12 22.44 -1.14 -5.11
CA VAL A 12 23.05 -1.58 -6.39
C VAL A 12 24.05 -2.73 -6.15
N SER A 13 23.84 -3.88 -6.83
CA SER A 13 24.69 -5.06 -6.67
C SER A 13 26.02 -4.87 -7.40
N ARG A 14 27.15 -5.04 -6.68
CA ARG A 14 28.50 -4.90 -7.24
C ARG A 14 29.25 -6.24 -7.10
N PRO A 15 29.03 -7.22 -8.02
CA PRO A 15 29.68 -8.54 -7.88
C PRO A 15 31.18 -8.47 -8.00
N GLY A 16 31.86 -9.10 -7.03
CA GLY A 16 33.31 -9.12 -6.93
C GLY A 16 33.86 -8.11 -5.95
N ARG A 17 33.24 -6.90 -5.92
CA ARG A 17 33.59 -5.78 -5.04
C ARG A 17 32.92 -5.95 -3.64
N GLY A 18 32.65 -7.20 -3.25
CA GLY A 18 32.10 -7.57 -1.96
C GLY A 18 30.61 -7.81 -1.88
N GLU A 19 29.89 -6.81 -1.33
CA GLU A 19 28.45 -6.84 -1.14
C GLU A 19 27.82 -5.55 -1.71
N PRO A 20 26.50 -5.55 -2.10
CA PRO A 20 25.89 -4.34 -2.68
C PRO A 20 26.00 -3.06 -1.87
N ARG A 21 25.92 -1.91 -2.58
CA ARG A 21 25.96 -0.58 -1.98
C ARG A 21 24.54 -0.09 -1.74
N PHE A 22 24.27 0.33 -0.50
CA PHE A 22 22.97 0.82 -0.08
C PHE A 22 23.13 2.27 0.34
N ILE A 23 22.31 3.15 -0.26
CA ILE A 23 22.32 4.59 0.02
C ILE A 23 20.88 4.99 0.25
N THR A 24 20.49 5.27 1.51
CA THR A 24 19.12 5.67 1.84
C THR A 24 19.13 7.08 2.39
N VAL A 25 18.31 7.95 1.80
CA VAL A 25 18.28 9.38 2.12
C VAL A 25 16.84 9.87 2.40
N GLY A 26 16.67 10.63 3.48
CA GLY A 26 15.40 11.21 3.90
C GLY A 26 15.25 12.68 3.58
N TYR A 27 14.09 13.07 3.06
CA TYR A 27 13.78 14.44 2.66
C TYR A 27 12.45 14.95 3.20
N VAL A 28 12.38 16.26 3.44
CA VAL A 28 11.15 16.98 3.81
C VAL A 28 11.02 18.07 2.75
N ASP A 29 10.03 17.91 1.88
CA ASP A 29 9.97 18.78 0.74
C ASP A 29 11.29 18.52 0.05
N ASP A 30 12.05 19.59 -0.04
CA ASP A 30 13.30 19.70 -0.82
C ASP A 30 14.51 19.83 0.10
N THR A 31 14.26 19.60 1.42
CA THR A 31 15.29 19.67 2.44
C THR A 31 15.72 18.25 2.87
N LEU A 32 17.01 17.93 2.62
CA LEU A 32 17.66 16.67 2.99
C LEU A 32 18.00 16.75 4.48
N PHE A 33 17.42 15.85 5.28
CA PHE A 33 17.68 15.88 6.71
C PHE A 33 18.30 14.62 7.31
N VAL A 34 18.14 13.48 6.68
CA VAL A 34 18.76 12.26 7.18
C VAL A 34 19.37 11.44 6.00
N ARG A 35 20.48 10.71 6.25
CA ARG A 35 21.16 9.90 5.23
C ARG A 35 21.89 8.72 5.84
N PHE A 36 22.06 7.63 5.05
CA PHE A 36 22.76 6.41 5.47
C PHE A 36 23.46 5.78 4.26
N ASP A 37 24.78 5.58 4.35
CA ASP A 37 25.57 4.94 3.31
C ASP A 37 26.15 3.65 3.88
N SER A 38 25.89 2.52 3.20
CA SER A 38 26.32 1.18 3.60
C SER A 38 27.83 1.11 3.77
N ASP A 39 28.57 1.76 2.86
CA ASP A 39 30.02 1.82 2.91
C ASP A 39 30.42 3.08 3.70
N ALA A 40 30.65 2.91 5.01
CA ALA A 40 31.06 3.98 5.93
C ALA A 40 31.81 3.38 7.13
N ALA A 41 32.78 4.14 7.72
CA ALA A 41 33.61 3.76 8.89
C ALA A 41 32.83 2.93 9.90
N SER A 42 31.63 3.42 10.28
CA SER A 42 30.61 2.81 11.13
C SER A 42 29.27 3.34 10.61
N PRO A 43 28.52 2.52 9.82
CA PRO A 43 27.30 3.05 9.19
C PRO A 43 26.19 3.34 10.19
N ARG A 44 25.65 4.58 10.14
CA ARG A 44 24.59 5.08 11.01
C ARG A 44 23.74 6.13 10.29
N GLU A 45 22.49 6.36 10.77
CA GLU A 45 21.62 7.43 10.23
C GLU A 45 22.22 8.74 10.72
N GLU A 46 22.70 9.56 9.77
CA GLU A 46 23.40 10.81 10.03
C GLU A 46 22.50 12.05 9.87
N PRO A 47 22.64 13.04 10.80
CA PRO A 47 21.84 14.28 10.68
C PRO A 47 22.46 15.22 9.65
N ARG A 48 21.59 15.83 8.82
CA ARG A 48 22.01 16.76 7.77
C ARG A 48 21.31 18.13 7.95
N ALA A 49 20.41 18.22 8.95
CA ALA A 49 19.67 19.43 9.31
C ALA A 49 19.83 19.72 10.81
N PRO A 50 19.82 21.00 11.25
CA PRO A 50 20.03 21.27 12.69
C PRO A 50 18.86 20.82 13.59
N TRP A 51 17.64 20.80 13.03
CA TRP A 51 16.43 20.44 13.77
C TRP A 51 16.32 18.94 14.00
N ILE A 52 16.97 18.12 13.16
CA ILE A 52 16.92 16.66 13.27
C ILE A 52 17.94 16.13 14.31
N GLU A 53 19.10 16.81 14.49
CA GLU A 53 20.13 16.36 15.47
C GLU A 53 19.71 16.62 16.92
N GLN A 54 18.61 17.38 17.09
CA GLN A 54 17.98 17.72 18.36
C GLN A 54 17.34 16.47 18.99
N GLU A 55 16.94 15.49 18.14
CA GLU A 55 16.27 14.24 18.49
C GLU A 55 17.19 13.26 19.24
N GLY A 56 16.63 12.54 20.21
CA GLY A 56 17.34 11.73 21.18
C GLY A 56 18.01 10.44 20.77
N PRO A 57 18.93 9.97 21.59
CA PRO A 57 19.82 8.87 21.14
C PRO A 57 19.03 7.64 20.72
N GLU A 58 17.94 7.36 21.47
CA GLU A 58 17.00 6.25 21.25
C GLU A 58 16.35 6.36 19.87
N TYR A 59 16.30 7.59 19.30
CA TYR A 59 15.77 7.85 17.98
C TYR A 59 16.76 7.40 16.92
N TRP A 60 18.04 7.76 17.14
CA TRP A 60 19.13 7.47 16.22
C TRP A 60 19.45 6.00 16.15
N ASP A 61 19.26 5.26 17.27
CA ASP A 61 19.48 3.81 17.29
C ASP A 61 18.41 3.16 16.41
N ARG A 62 17.10 3.42 16.69
CA ARG A 62 15.99 2.90 15.90
C ARG A 62 16.27 3.11 14.39
N GLU A 63 16.32 4.38 13.92
CA GLU A 63 16.56 4.82 12.54
C GLU A 63 17.73 4.08 11.85
N THR A 64 18.89 3.96 12.54
CA THR A 64 20.11 3.27 12.07
C THR A 64 19.81 1.79 11.71
N GLN A 65 19.30 1.01 12.70
CA GLN A 65 19.02 -0.43 12.59
C GLN A 65 18.02 -0.77 11.51
N ILE A 66 17.04 0.12 11.25
CA ILE A 66 16.01 -0.07 10.24
C ILE A 66 16.72 -0.09 8.89
N SER A 67 17.60 0.91 8.61
CA SER A 67 18.39 1.04 7.39
C SER A 67 19.39 -0.11 7.27
N LYS A 68 20.08 -0.44 8.37
CA LYS A 68 21.02 -1.57 8.47
C LYS A 68 20.36 -2.87 8.00
N ALA A 69 19.07 -3.07 8.38
CA ALA A 69 18.25 -4.23 8.05
C ALA A 69 17.64 -4.16 6.66
N LYS A 70 17.18 -2.95 6.23
CA LYS A 70 16.61 -2.69 4.90
C LYS A 70 17.59 -3.13 3.86
N ALA A 71 18.88 -2.74 4.05
CA ALA A 71 20.02 -3.10 3.22
C ALA A 71 20.09 -4.61 3.02
N GLN A 72 19.92 -5.39 4.12
CA GLN A 72 19.96 -6.85 4.08
C GLN A 72 18.72 -7.41 3.39
N THR A 73 17.53 -6.79 3.63
CA THR A 73 16.28 -7.22 2.98
C THR A 73 16.41 -6.99 1.47
N ASP A 74 17.03 -5.85 1.07
CA ASP A 74 17.33 -5.47 -0.31
C ASP A 74 18.38 -6.40 -0.93
N ARG A 75 19.39 -6.82 -0.14
CA ARG A 75 20.46 -7.74 -0.57
C ARG A 75 19.88 -9.10 -0.96
N GLU A 76 18.87 -9.55 -0.20
CA GLU A 76 18.17 -10.80 -0.48
C GLU A 76 17.21 -10.57 -1.63
N ASP A 77 16.45 -9.43 -1.60
CA ASP A 77 15.50 -9.02 -2.64
C ASP A 77 16.14 -9.04 -4.02
N LEU A 78 17.44 -8.73 -4.09
CA LEU A 78 18.20 -8.72 -5.35
C LEU A 78 18.37 -10.14 -5.88
N ARG A 79 18.76 -11.08 -5.00
CA ARG A 79 18.94 -12.49 -5.34
C ARG A 79 17.59 -13.13 -5.73
N THR A 80 16.48 -12.68 -5.10
CA THR A 80 15.12 -13.13 -5.36
C THR A 80 14.70 -12.74 -6.79
N LEU A 81 15.02 -11.50 -7.20
CA LEU A 81 14.68 -10.99 -8.53
C LEU A 81 15.54 -11.64 -9.58
N LEU A 82 16.79 -11.99 -9.24
CA LEU A 82 17.71 -12.67 -10.14
C LEU A 82 17.11 -14.02 -10.59
N ARG A 83 16.40 -14.71 -9.66
CA ARG A 83 15.71 -15.98 -9.93
C ARG A 83 14.45 -15.71 -10.78
N TYR A 84 13.63 -14.71 -10.36
CA TYR A 84 12.40 -14.27 -11.05
C TYR A 84 12.63 -14.02 -12.53
N TYR A 85 13.69 -13.25 -12.86
CA TYR A 85 14.05 -12.84 -14.21
C TYR A 85 15.03 -13.78 -14.92
N ASN A 86 15.54 -14.83 -14.24
CA ASN A 86 16.51 -15.82 -14.75
C ASN A 86 17.67 -15.13 -15.49
N GLN A 87 18.34 -14.21 -14.77
CA GLN A 87 19.43 -13.39 -15.28
C GLN A 87 20.78 -13.76 -14.65
N SER A 88 21.89 -13.32 -15.29
CA SER A 88 23.30 -13.53 -14.93
C SER A 88 23.63 -13.19 -13.48
N GLU A 89 24.47 -14.03 -12.84
CA GLU A 89 24.92 -13.86 -11.46
C GLU A 89 25.90 -12.69 -11.34
N ALA A 90 26.84 -12.62 -12.31
CA ALA A 90 27.93 -11.63 -12.42
C ALA A 90 27.45 -10.20 -12.75
N GLY A 91 26.24 -10.06 -13.28
CA GLY A 91 25.65 -8.77 -13.64
C GLY A 91 25.36 -7.84 -12.46
N SER A 92 25.49 -6.53 -12.72
CA SER A 92 25.27 -5.44 -11.75
C SER A 92 23.85 -4.86 -11.94
N HIS A 93 22.96 -5.12 -10.97
CA HIS A 93 21.55 -4.68 -11.00
C HIS A 93 21.23 -3.67 -9.89
N THR A 94 20.27 -2.76 -10.17
CA THR A 94 19.81 -1.70 -9.25
C THR A 94 18.41 -1.98 -8.68
N LEU A 95 18.23 -1.76 -7.37
CA LEU A 95 16.94 -1.86 -6.68
C LEU A 95 16.64 -0.50 -6.04
N GLN A 96 15.64 0.21 -6.58
CA GLN A 96 15.20 1.54 -6.12
C GLN A 96 13.88 1.48 -5.35
N ASN A 97 13.74 2.29 -4.29
CA ASN A 97 12.52 2.37 -3.50
C ASN A 97 12.32 3.77 -2.96
N MET A 98 11.07 4.19 -2.88
CA MET A 98 10.66 5.45 -2.31
C MET A 98 9.23 5.35 -1.76
N TYR A 99 9.06 5.66 -0.45
CA TYR A 99 7.76 5.73 0.23
C TYR A 99 7.68 7.07 0.97
N GLY A 100 6.49 7.65 1.03
CA GLY A 100 6.31 8.93 1.71
C GLY A 100 4.89 9.44 1.85
N CYS A 101 4.72 10.57 2.56
CA CYS A 101 3.42 11.17 2.78
C CYS A 101 3.39 12.66 2.44
N ASP A 102 2.41 13.05 1.62
CA ASP A 102 2.13 14.42 1.18
C ASP A 102 1.01 14.99 2.05
N VAL A 103 1.36 15.99 2.87
CA VAL A 103 0.45 16.60 3.83
C VAL A 103 -0.03 17.96 3.34
N GLY A 104 -1.28 18.28 3.67
CA GLY A 104 -1.93 19.52 3.28
C GLY A 104 -1.49 20.77 4.02
N PRO A 105 -2.19 21.90 3.78
CA PRO A 105 -1.83 23.15 4.45
C PRO A 105 -2.22 23.18 5.93
N ASP A 106 -3.24 22.39 6.34
CA ASP A 106 -3.74 22.38 7.71
C ASP A 106 -3.37 21.08 8.48
N GLY A 107 -2.37 20.33 7.98
CA GLY A 107 -1.83 19.15 8.66
C GLY A 107 -2.31 17.74 8.35
N ARG A 108 -3.34 17.58 7.50
CA ARG A 108 -3.88 16.25 7.16
C ARG A 108 -3.36 15.76 5.79
N LEU A 109 -3.08 14.45 5.69
CA LEU A 109 -2.53 13.73 4.55
C LEU A 109 -3.47 13.68 3.34
N LEU A 110 -2.91 13.87 2.13
CA LEU A 110 -3.66 13.79 0.87
C LEU A 110 -3.11 12.67 -0.03
N ARG A 111 -1.78 12.61 -0.22
CA ARG A 111 -1.20 11.54 -1.02
C ARG A 111 -0.18 10.72 -0.22
N GLY A 112 -0.31 9.41 -0.34
CA GLY A 112 0.58 8.41 0.24
C GLY A 112 1.09 7.50 -0.85
N TYR A 113 2.37 7.12 -0.80
CA TYR A 113 2.94 6.29 -1.86
C TYR A 113 4.04 5.35 -1.37
N HIS A 114 4.10 4.16 -2.00
CA HIS A 114 5.14 3.15 -1.80
C HIS A 114 5.38 2.44 -3.12
N GLN A 115 6.26 3.06 -3.94
CA GLN A 115 6.65 2.57 -5.26
C GLN A 115 8.11 2.21 -5.26
N ASN A 116 8.45 1.18 -6.03
CA ASN A 116 9.81 0.69 -6.16
C ASN A 116 10.07 0.22 -7.60
N ALA A 117 11.34 0.29 -8.03
CA ALA A 117 11.75 -0.06 -9.38
C ALA A 117 13.06 -0.85 -9.43
N TYR A 118 13.08 -1.90 -10.27
CA TYR A 118 14.25 -2.73 -10.54
C TYR A 118 14.89 -2.27 -11.85
N ASP A 119 16.22 -2.16 -11.91
CA ASP A 119 16.96 -1.77 -13.12
C ASP A 119 16.40 -0.54 -13.86
N GLY A 120 15.94 0.46 -13.10
CA GLY A 120 15.44 1.73 -13.63
C GLY A 120 14.01 1.77 -14.13
N LYS A 121 13.37 0.60 -14.23
CA LYS A 121 11.99 0.45 -14.72
C LYS A 121 11.08 -0.05 -13.58
N ASP A 122 9.93 0.66 -13.38
CA ASP A 122 8.90 0.42 -12.35
C ASP A 122 8.64 -1.07 -12.08
N TYR A 123 8.47 -1.46 -10.81
CA TYR A 123 8.21 -2.86 -10.42
C TYR A 123 6.84 -3.00 -9.75
N ILE A 124 6.63 -2.40 -8.57
CA ILE A 124 5.35 -2.50 -7.86
C ILE A 124 5.13 -1.22 -7.04
N ALA A 125 3.93 -0.63 -7.19
CA ALA A 125 3.58 0.62 -6.50
C ALA A 125 2.28 0.47 -5.73
N LEU A 126 2.17 1.19 -4.60
CA LEU A 126 0.95 1.19 -3.79
C LEU A 126 0.08 2.29 -4.33
N ASN A 127 -1.15 1.91 -4.71
CA ASN A 127 -2.11 2.82 -5.33
C ASN A 127 -2.63 3.84 -4.32
N GLU A 128 -3.20 4.95 -4.81
CA GLU A 128 -3.72 6.09 -4.04
C GLU A 128 -4.57 5.68 -2.83
N ASP A 129 -5.33 4.57 -2.96
CA ASP A 129 -6.21 4.04 -1.91
C ASP A 129 -5.44 3.56 -0.67
N LEU A 130 -4.17 3.19 -0.86
CA LEU A 130 -3.33 2.66 0.19
C LEU A 130 -3.80 1.31 0.63
N SER A 131 -4.39 0.59 -0.28
CA SER A 131 -4.78 -0.76 0.01
C SER A 131 -4.65 -1.69 -1.16
N SER A 132 -4.07 -1.23 -2.25
CA SER A 132 -4.08 -1.98 -3.50
C SER A 132 -2.69 -2.02 -4.11
N TRP A 133 -2.43 -2.99 -4.97
CA TRP A 133 -1.12 -3.05 -5.61
C TRP A 133 -1.23 -3.09 -7.14
N THR A 134 -0.22 -2.50 -7.81
CA THR A 134 -0.12 -2.54 -9.27
C THR A 134 1.30 -2.98 -9.62
N ALA A 135 1.37 -4.16 -10.20
CA ALA A 135 2.58 -4.82 -10.66
C ALA A 135 2.89 -4.39 -12.09
N ALA A 136 4.16 -4.09 -12.38
CA ALA A 136 4.56 -3.66 -13.71
C ALA A 136 4.69 -4.81 -14.71
N ASP A 137 5.30 -5.95 -14.30
CA ASP A 137 5.53 -7.14 -15.13
C ASP A 137 5.00 -8.41 -14.44
N THR A 138 5.25 -9.61 -15.01
CA THR A 138 4.77 -10.89 -14.45
C THR A 138 5.54 -11.29 -13.18
N ALA A 139 6.82 -10.87 -13.04
CA ALA A 139 7.64 -11.16 -11.85
C ALA A 139 7.25 -10.26 -10.70
N ALA A 140 6.68 -9.08 -11.02
CA ALA A 140 6.19 -8.12 -10.03
C ALA A 140 4.90 -8.64 -9.40
N GLN A 141 4.26 -9.60 -10.09
CA GLN A 141 3.02 -10.26 -9.66
C GLN A 141 3.27 -11.33 -8.61
N ILE A 142 4.54 -11.81 -8.49
CA ILE A 142 4.93 -12.81 -7.49
C ILE A 142 4.97 -12.12 -6.13
N THR A 143 5.54 -10.88 -6.09
CA THR A 143 5.61 -10.02 -4.91
C THR A 143 4.19 -9.59 -4.51
N GLN A 144 3.30 -9.39 -5.51
CA GLN A 144 1.91 -9.01 -5.30
C GLN A 144 1.22 -10.02 -4.38
N ARG A 145 1.17 -11.33 -4.76
CA ARG A 145 0.57 -12.43 -3.97
C ARG A 145 1.17 -12.47 -2.57
N LYS A 146 2.50 -12.31 -2.46
CA LYS A 146 3.24 -12.30 -1.20
C LYS A 146 2.78 -11.17 -0.26
N TRP A 147 2.58 -9.97 -0.81
CA TRP A 147 2.20 -8.75 -0.07
C TRP A 147 0.66 -8.58 0.10
N GLU A 148 -0.13 -9.39 -0.63
CA GLU A 148 -1.59 -9.38 -0.57
C GLU A 148 -2.07 -10.42 0.46
N ALA A 149 -1.22 -11.41 0.76
CA ALA A 149 -1.50 -12.47 1.71
C ALA A 149 -0.94 -12.10 3.09
N ALA A 150 0.17 -11.35 3.11
CA ALA A 150 0.83 -10.90 4.33
C ALA A 150 0.32 -9.52 4.77
N ARG A 151 -0.71 -9.00 4.06
CA ARG A 151 -1.40 -7.72 4.30
C ARG A 151 -0.42 -6.54 4.60
N VAL A 152 0.66 -6.46 3.79
CA VAL A 152 1.73 -5.44 3.80
C VAL A 152 1.14 -4.05 3.53
N ALA A 153 0.09 -3.97 2.68
CA ALA A 153 -0.56 -2.73 2.28
C ALA A 153 -1.32 -2.09 3.42
N GLU A 154 -1.75 -2.90 4.42
CA GLU A 154 -2.47 -2.43 5.59
C GLU A 154 -1.55 -1.65 6.51
N GLN A 155 -0.42 -2.26 6.98
CA GLN A 155 0.54 -1.61 7.87
C GLN A 155 1.01 -0.28 7.27
N LEU A 156 1.29 -0.26 5.94
CA LEU A 156 1.70 0.91 5.19
C LEU A 156 0.63 2.02 5.27
N ARG A 157 -0.66 1.66 5.11
CA ARG A 157 -1.77 2.60 5.27
C ARG A 157 -1.75 3.19 6.69
N ALA A 158 -1.42 2.36 7.69
CA ALA A 158 -1.36 2.80 9.08
C ALA A 158 -0.19 3.72 9.29
N TYR A 159 0.94 3.42 8.66
CA TYR A 159 2.12 4.25 8.80
C TYR A 159 1.92 5.60 8.12
N LEU A 160 1.58 5.59 6.81
CA LEU A 160 1.36 6.77 5.98
C LEU A 160 0.29 7.70 6.58
N GLU A 161 -0.87 7.16 6.98
CA GLU A 161 -1.96 7.94 7.58
C GLU A 161 -1.66 8.35 9.02
N GLY A 162 -0.88 7.52 9.72
CA GLY A 162 -0.56 7.73 11.12
C GLY A 162 0.75 8.41 11.40
N GLU A 163 1.76 7.62 11.78
CA GLU A 163 3.09 8.09 12.20
C GLU A 163 3.81 8.95 11.15
N CYS A 164 3.64 8.67 9.83
CA CYS A 164 4.26 9.45 8.76
C CYS A 164 3.88 10.92 8.88
N VAL A 165 2.58 11.18 9.18
CA VAL A 165 1.98 12.50 9.36
C VAL A 165 2.45 13.12 10.69
N GLU A 166 2.32 12.38 11.80
CA GLU A 166 2.72 12.79 13.15
C GLU A 166 4.14 13.32 13.20
N TRP A 167 5.05 12.66 12.46
CA TRP A 167 6.46 13.02 12.42
C TRP A 167 6.73 14.16 11.46
N LEU A 168 6.14 14.13 10.24
CA LEU A 168 6.28 15.23 9.28
C LEU A 168 5.82 16.53 9.96
N ARG A 169 4.81 16.40 10.86
CA ARG A 169 4.27 17.48 11.67
C ARG A 169 5.28 17.92 12.70
N ARG A 170 5.91 16.96 13.40
CA ARG A 170 6.92 17.26 14.43
C ARG A 170 8.05 18.03 13.78
N TYR A 171 8.54 17.55 12.62
CA TYR A 171 9.62 18.15 11.83
C TYR A 171 9.26 19.55 11.32
N LEU A 172 7.98 19.79 10.98
CA LEU A 172 7.55 21.10 10.50
C LEU A 172 7.58 22.15 11.63
N GLU A 173 7.22 21.74 12.85
CA GLU A 173 7.24 22.62 14.02
C GLU A 173 8.67 22.78 14.53
N ASN A 174 9.52 21.75 14.32
CA ASN A 174 10.91 21.71 14.78
C ASN A 174 11.80 22.74 14.09
N GLY A 175 11.86 22.71 12.75
CA GLY A 175 12.71 23.60 11.96
C GLY A 175 11.97 24.57 11.06
N LYS A 176 10.96 25.27 11.61
CA LYS A 176 10.10 26.25 10.93
C LYS A 176 10.88 27.43 10.32
N GLU A 177 11.98 27.85 10.97
CA GLU A 177 12.78 29.00 10.53
C GLU A 177 13.56 28.72 9.21
N THR A 178 13.56 27.46 8.74
CA THR A 178 14.21 27.02 7.51
C THR A 178 13.22 26.34 6.55
N LEU A 179 12.13 25.75 7.11
CA LEU A 179 11.12 24.99 6.37
C LEU A 179 9.95 25.85 5.89
N GLN A 180 9.34 26.65 6.78
CA GLN A 180 8.20 27.49 6.44
C GLN A 180 8.61 28.91 6.00
N ARG A 181 9.94 29.18 5.92
CA ARG A 181 10.47 30.47 5.46
C ARG A 181 10.48 30.47 3.93
N ALA A 182 9.40 31.01 3.32
CA ALA A 182 9.24 31.05 1.86
C ALA A 182 10.17 32.10 1.24
N ASP A 183 11.21 31.63 0.54
CA ASP A 183 12.22 32.47 -0.12
C ASP A 183 11.70 33.01 -1.44
N PRO A 184 11.58 34.34 -1.60
CA PRO A 184 11.14 34.87 -2.90
C PRO A 184 12.31 34.88 -3.91
N PRO A 185 12.05 34.76 -5.24
CA PRO A 185 13.17 34.73 -6.19
C PRO A 185 13.71 36.13 -6.52
N LYS A 186 15.05 36.27 -6.42
CA LYS A 186 15.75 37.49 -6.80
C LYS A 186 15.83 37.48 -8.33
N THR A 187 14.94 38.23 -8.97
CA THR A 187 14.79 38.25 -10.42
C THR A 187 15.33 39.51 -11.09
N HIS A 188 15.68 39.39 -12.40
CA HIS A 188 16.18 40.44 -13.32
C HIS A 188 16.20 39.92 -14.78
N VAL A 189 16.27 40.85 -15.77
CA VAL A 189 16.31 40.53 -17.21
C VAL A 189 17.67 40.92 -17.82
N THR A 190 18.26 39.98 -18.59
CA THR A 190 19.55 40.14 -19.24
C THR A 190 19.33 40.20 -20.75
N HIS A 191 19.93 41.21 -21.41
CA HIS A 191 19.84 41.43 -22.85
C HIS A 191 21.10 40.92 -23.54
N HIS A 192 20.89 40.12 -24.62
CA HIS A 192 21.95 39.55 -25.46
C HIS A 192 21.65 39.98 -26.90
N PRO A 193 22.38 40.98 -27.44
CA PRO A 193 22.05 41.53 -28.78
C PRO A 193 22.14 40.57 -29.97
N ILE A 194 23.03 39.59 -29.90
CA ILE A 194 23.29 38.79 -31.05
C ILE A 194 23.78 39.79 -32.06
N SER A 195 23.06 39.87 -33.17
CA SER A 195 23.44 40.65 -34.35
C SER A 195 22.22 41.33 -34.98
N ASP A 196 22.21 42.64 -34.88
CA ASP A 196 21.13 43.42 -35.42
C ASP A 196 19.83 43.04 -34.77
N HIS A 197 18.84 42.84 -35.59
CA HIS A 197 17.43 42.61 -35.12
C HIS A 197 16.94 41.52 -34.10
N GLU A 198 17.28 40.25 -34.31
CA GLU A 198 17.12 39.15 -33.37
C GLU A 198 18.09 39.27 -32.20
N ALA A 199 17.52 39.33 -30.98
CA ALA A 199 18.21 39.45 -29.69
C ALA A 199 17.60 38.49 -28.65
N THR A 200 18.44 37.81 -27.88
CA THR A 200 17.96 36.88 -26.87
C THR A 200 17.78 37.63 -25.53
N LEU A 201 16.57 37.57 -24.99
CA LEU A 201 16.22 38.22 -23.74
C LEU A 201 15.98 37.15 -22.68
N ARG A 202 16.95 36.96 -21.79
CA ARG A 202 16.92 35.94 -20.74
C ARG A 202 16.33 36.47 -19.42
N CYS A 203 15.45 35.66 -18.82
CA CYS A 203 14.80 35.98 -17.56
C CYS A 203 15.34 35.08 -16.47
N TRP A 204 16.07 35.68 -15.52
CA TRP A 204 16.72 34.98 -14.43
C TRP A 204 15.90 34.98 -13.15
N ALA A 205 15.90 33.84 -12.44
CA ALA A 205 15.22 33.62 -11.17
C ALA A 205 16.13 32.77 -10.30
N LEU A 206 16.76 33.42 -9.31
CA LEU A 206 17.73 32.81 -8.41
C LEU A 206 17.37 33.07 -6.96
N GLY A 207 17.75 32.14 -6.07
CA GLY A 207 17.52 32.27 -4.65
C GLY A 207 16.09 32.13 -4.22
N PHE A 208 15.43 31.04 -4.68
CA PHE A 208 14.04 30.78 -4.33
C PHE A 208 13.89 29.38 -3.72
N TYR A 209 12.91 29.21 -2.83
CA TYR A 209 12.62 27.92 -2.19
C TYR A 209 11.10 27.79 -1.92
N PRO A 210 10.45 26.66 -2.28
CA PRO A 210 11.00 25.43 -2.91
C PRO A 210 11.35 25.53 -4.41
N ALA A 211 11.59 24.35 -5.02
CA ALA A 211 11.95 24.12 -6.43
C ALA A 211 10.80 24.44 -7.42
N GLU A 212 9.53 24.52 -6.95
CA GLU A 212 8.39 24.80 -7.83
C GLU A 212 8.39 26.27 -8.28
N ILE A 213 8.56 26.51 -9.60
CA ILE A 213 8.58 27.85 -10.19
C ILE A 213 8.06 27.79 -11.64
N THR A 214 7.37 28.85 -12.06
CA THR A 214 6.82 28.94 -13.40
C THR A 214 7.29 30.27 -14.01
N LEU A 215 8.10 30.17 -15.08
CA LEU A 215 8.66 31.31 -15.79
C LEU A 215 8.12 31.35 -17.22
N THR A 216 7.51 32.48 -17.65
CA THR A 216 6.97 32.61 -19.01
C THR A 216 7.33 33.95 -19.66
N TRP A 217 7.28 34.01 -21.00
CA TRP A 217 7.50 35.23 -21.76
C TRP A 217 6.22 35.58 -22.50
N GLN A 218 5.80 36.86 -22.46
CA GLN A 218 4.54 37.28 -23.06
C GLN A 218 4.63 38.52 -23.96
N ARG A 219 4.33 38.32 -25.27
CA ARG A 219 4.26 39.40 -26.26
C ARG A 219 2.81 39.89 -26.30
N ASP A 220 2.55 41.03 -25.64
CA ASP A 220 1.25 41.71 -25.51
C ASP A 220 0.15 40.79 -24.91
N GLY A 221 0.55 39.87 -24.02
CA GLY A 221 -0.36 38.96 -23.34
C GLY A 221 -0.39 37.54 -23.87
N GLU A 222 0.26 37.30 -25.02
CA GLU A 222 0.30 35.99 -25.65
C GLU A 222 1.51 35.20 -25.17
N ASP A 223 1.27 33.98 -24.65
CA ASP A 223 2.34 33.09 -24.18
C ASP A 223 3.23 32.67 -25.36
N GLN A 224 4.56 32.90 -25.25
CA GLN A 224 5.53 32.57 -26.29
C GLN A 224 6.24 31.24 -25.98
N THR A 225 5.52 30.31 -25.31
CA THR A 225 5.96 28.97 -24.88
C THR A 225 6.64 28.20 -26.03
N GLN A 226 6.08 28.31 -27.25
CA GLN A 226 6.63 27.68 -28.45
C GLN A 226 8.04 28.18 -28.76
N ASP A 227 8.31 29.48 -28.54
CA ASP A 227 9.61 30.09 -28.84
C ASP A 227 10.47 30.43 -27.60
N THR A 228 10.14 29.82 -26.42
CA THR A 228 10.89 30.03 -25.18
C THR A 228 11.69 28.77 -24.78
N GLU A 229 13.03 28.89 -24.56
CA GLU A 229 13.84 27.79 -24.06
C GLU A 229 13.92 27.93 -22.56
N LEU A 230 13.62 26.83 -21.82
CA LEU A 230 13.62 26.77 -20.35
C LEU A 230 14.51 25.68 -19.80
N VAL A 231 15.53 26.06 -18.98
CA VAL A 231 16.43 25.09 -18.31
C VAL A 231 15.68 24.41 -17.18
N GLU A 232 16.03 23.16 -16.90
CA GLU A 232 15.46 22.40 -15.78
C GLU A 232 15.90 23.10 -14.49
N THR A 233 14.98 23.17 -13.46
CA THR A 233 15.26 23.83 -12.17
C THR A 233 16.42 23.07 -11.51
N ARG A 234 17.45 23.83 -11.14
CA ARG A 234 18.72 23.35 -10.64
C ARG A 234 19.03 23.86 -9.23
N PRO A 235 19.75 23.08 -8.38
CA PRO A 235 20.06 23.59 -7.04
C PRO A 235 21.31 24.48 -7.02
N ALA A 236 21.21 25.65 -6.36
CA ALA A 236 22.33 26.56 -6.23
C ALA A 236 23.36 25.97 -5.28
N GLY A 237 22.87 25.28 -4.24
CA GLY A 237 23.69 24.63 -3.23
C GLY A 237 23.40 25.13 -1.83
N ASP A 238 23.14 26.44 -1.71
CA ASP A 238 22.83 27.13 -0.46
C ASP A 238 21.33 26.97 -0.13
N ARG A 239 20.81 25.77 -0.23
CA ARG A 239 19.49 25.52 0.30
C ARG A 239 18.45 26.09 -0.65
N THR A 240 18.91 26.72 -1.72
CA THR A 240 18.08 27.42 -2.69
C THR A 240 18.35 26.90 -4.14
N PHE A 241 17.41 27.21 -5.07
CA PHE A 241 17.39 26.81 -6.48
C PHE A 241 17.44 28.00 -7.43
N GLN A 242 17.67 27.71 -8.73
CA GLN A 242 17.74 28.69 -9.83
C GLN A 242 17.12 28.12 -11.14
N LYS A 243 16.63 29.02 -12.04
CA LYS A 243 16.01 28.68 -13.34
C LYS A 243 15.89 29.92 -14.26
N TRP A 244 16.17 29.77 -15.58
CA TRP A 244 16.02 30.86 -16.55
C TRP A 244 15.18 30.47 -17.78
N ALA A 245 14.56 31.50 -18.42
CA ALA A 245 13.73 31.40 -19.63
C ALA A 245 14.13 32.47 -20.64
N ALA A 246 14.46 32.08 -21.89
CA ALA A 246 14.91 33.04 -22.89
C ALA A 246 14.10 33.01 -24.19
N VAL A 247 14.03 34.19 -24.88
CA VAL A 247 13.31 34.39 -26.15
C VAL A 247 14.11 35.26 -27.12
N VAL A 248 13.99 34.93 -28.40
CA VAL A 248 14.65 35.63 -29.51
C VAL A 248 13.64 36.66 -30.06
N VAL A 249 13.87 37.94 -29.72
CA VAL A 249 13.01 39.08 -30.06
C VAL A 249 13.76 40.05 -31.04
N PRO A 250 13.12 40.53 -32.14
CA PRO A 250 13.81 41.45 -33.07
C PRO A 250 13.98 42.83 -32.46
N SER A 251 14.99 43.60 -32.92
CA SER A 251 15.29 44.95 -32.42
C SER A 251 14.13 45.91 -32.66
N GLY A 252 13.85 46.73 -31.65
CA GLY A 252 12.75 47.69 -31.65
C GLY A 252 11.57 47.14 -30.87
N GLU A 253 11.26 45.84 -31.07
CA GLU A 253 10.17 45.11 -30.42
C GLU A 253 10.52 44.71 -28.97
N GLU A 254 11.80 44.91 -28.55
CA GLU A 254 12.37 44.60 -27.24
C GLU A 254 11.50 45.02 -26.05
N GLN A 255 10.71 46.11 -26.21
CA GLN A 255 9.84 46.63 -25.15
C GLN A 255 8.36 46.19 -25.36
N ARG A 256 8.16 44.90 -25.64
CA ARG A 256 6.82 44.30 -25.69
C ARG A 256 6.74 43.03 -24.82
N TYR A 257 7.72 42.15 -25.03
CA TYR A 257 7.82 40.83 -24.39
C TYR A 257 8.06 41.01 -22.89
N THR A 258 7.17 40.47 -22.05
CA THR A 258 7.23 40.62 -20.59
C THR A 258 7.50 39.28 -19.90
N CYS A 259 8.26 39.31 -18.78
CA CYS A 259 8.53 38.08 -18.05
C CYS A 259 7.58 37.95 -16.86
N HIS A 260 7.14 36.70 -16.59
CA HIS A 260 6.19 36.38 -15.54
C HIS A 260 6.71 35.29 -14.61
N VAL A 261 6.68 35.56 -13.29
CA VAL A 261 7.17 34.65 -12.26
C VAL A 261 6.01 34.30 -11.31
N GLN A 262 5.89 33.00 -10.99
CA GLN A 262 4.90 32.45 -10.06
C GLN A 262 5.63 31.61 -9.02
N HIS A 263 5.52 32.00 -7.72
CA HIS A 263 6.18 31.32 -6.60
C HIS A 263 5.43 31.56 -5.27
N GLU A 264 5.58 30.61 -4.31
CA GLU A 264 5.00 30.68 -2.96
C GLU A 264 5.50 31.91 -2.20
N GLY A 265 6.80 32.22 -2.36
CA GLY A 265 7.50 33.32 -1.74
C GLY A 265 7.02 34.70 -2.18
N LEU A 266 6.26 34.75 -3.28
CA LEU A 266 5.73 36.00 -3.79
C LEU A 266 4.24 36.13 -3.42
N PRO A 267 3.77 37.33 -3.02
CA PRO A 267 2.33 37.47 -2.68
C PRO A 267 1.46 37.57 -3.95
N LYS A 268 1.90 38.40 -4.92
CA LYS A 268 1.27 38.63 -6.21
C LYS A 268 2.30 38.32 -7.31
N PRO A 269 1.93 37.60 -8.40
CA PRO A 269 2.92 37.31 -9.46
C PRO A 269 3.46 38.58 -10.14
N LEU A 270 4.80 38.62 -10.34
CA LEU A 270 5.47 39.78 -10.90
C LEU A 270 5.49 39.78 -12.43
N THR A 271 5.31 40.98 -13.00
CA THR A 271 5.34 41.26 -14.42
C THR A 271 6.55 42.16 -14.69
N LEU A 272 7.76 41.62 -14.43
CA LEU A 272 9.01 42.36 -14.60
C LEU A 272 9.39 42.51 -16.08
N ARG A 273 10.15 43.57 -16.39
CA ARG A 273 10.59 43.92 -17.75
C ARG A 273 12.09 44.26 -17.79
N TRP A 274 12.69 44.24 -19.02
CA TRP A 274 14.09 44.59 -19.25
C TRP A 274 14.24 46.12 -19.27
N GLU A 275 15.17 46.66 -18.45
CA GLU A 275 15.39 48.10 -18.34
C GLU A 275 16.89 48.49 -18.46
N PRO A 276 17.28 49.23 -19.53
CA PRO A 276 18.69 49.62 -19.67
C PRO A 276 19.13 50.70 -18.65
N ILE B 1 18.88 -1.01 -17.23
CA ILE B 1 18.61 -0.04 -18.31
C ILE B 1 19.68 1.06 -18.27
N GLN B 2 19.96 1.68 -19.44
CA GLN B 2 21.01 2.71 -19.52
C GLN B 2 20.53 4.04 -20.13
N ARG B 3 20.61 5.11 -19.31
CA ARG B 3 20.24 6.48 -19.64
C ARG B 3 21.41 7.41 -19.36
N THR B 4 21.74 8.28 -20.35
CA THR B 4 22.86 9.22 -20.28
C THR B 4 22.54 10.43 -19.40
N PRO B 5 23.52 10.96 -18.63
CA PRO B 5 23.24 12.12 -17.76
C PRO B 5 23.08 13.44 -18.51
N LYS B 6 22.35 14.37 -17.86
CA LYS B 6 22.09 15.71 -18.37
C LYS B 6 22.82 16.72 -17.45
N ILE B 7 23.94 17.23 -17.98
CA ILE B 7 24.88 18.15 -17.34
C ILE B 7 24.39 19.61 -17.45
N GLN B 8 24.74 20.43 -16.43
CA GLN B 8 24.49 21.85 -16.28
C GLN B 8 25.56 22.45 -15.39
N VAL B 9 26.41 23.33 -15.96
CA VAL B 9 27.51 23.98 -15.27
CA VAL B 9 27.50 23.96 -15.24
C VAL B 9 27.18 25.47 -15.08
N TYR B 10 26.88 25.87 -13.84
CA TYR B 10 26.50 27.23 -13.48
C TYR B 10 27.11 27.67 -12.14
N SER B 11 26.96 28.96 -11.82
CA SER B 11 27.44 29.58 -10.58
C SER B 11 26.28 29.75 -9.57
N ARG B 12 26.62 29.80 -8.27
CA ARG B 12 25.68 29.98 -7.16
C ARG B 12 25.12 31.43 -7.17
N HIS B 13 26.02 32.43 -7.22
CA HIS B 13 25.70 33.87 -7.24
C HIS B 13 26.13 34.50 -8.60
N PRO B 14 25.51 35.63 -9.06
CA PRO B 14 25.88 36.22 -10.36
C PRO B 14 27.37 36.54 -10.57
N ALA B 15 27.76 36.71 -11.85
CA ALA B 15 29.12 36.98 -12.30
C ALA B 15 29.66 38.32 -11.81
N GLU B 16 30.68 38.23 -10.95
CA GLU B 16 31.45 39.33 -10.37
C GLU B 16 32.89 38.83 -10.23
N ASN B 17 33.78 39.34 -11.08
CA ASN B 17 35.19 38.95 -11.16
C ASN B 17 35.94 39.30 -9.87
N GLY B 18 36.55 38.28 -9.29
CA GLY B 18 37.33 38.40 -8.05
C GLY B 18 36.56 38.02 -6.82
N LYS B 19 35.22 38.10 -6.88
CA LYS B 19 34.29 37.78 -5.80
C LYS B 19 34.32 36.27 -5.51
N SER B 20 34.29 35.91 -4.21
CA SER B 20 34.26 34.52 -3.75
C SER B 20 32.93 33.89 -4.16
N ASN B 21 32.99 32.83 -5.00
CA ASN B 21 31.80 32.16 -5.51
C ASN B 21 31.96 30.63 -5.54
N PHE B 22 30.91 29.92 -6.01
CA PHE B 22 30.89 28.45 -6.09
C PHE B 22 30.59 27.97 -7.51
N LEU B 23 31.30 26.91 -7.94
CA LEU B 23 31.14 26.29 -9.25
C LEU B 23 30.37 24.98 -9.12
N ASN B 24 29.14 24.98 -9.66
CA ASN B 24 28.22 23.84 -9.64
C ASN B 24 28.20 23.13 -10.97
N CYS B 25 27.94 21.81 -10.92
CA CYS B 25 27.81 20.94 -12.08
C CYS B 25 26.73 19.91 -11.79
N TYR B 26 25.50 20.24 -12.16
CA TYR B 26 24.31 19.44 -11.94
C TYR B 26 24.14 18.42 -13.04
N VAL B 27 24.51 17.19 -12.69
CA VAL B 27 24.41 15.98 -13.51
C VAL B 27 23.13 15.25 -13.06
N SER B 28 22.16 15.10 -13.97
CA SER B 28 20.88 14.48 -13.66
C SER B 28 20.30 13.72 -14.83
N GLY B 29 19.57 12.65 -14.56
CA GLY B 29 18.92 11.89 -15.62
C GLY B 29 19.58 10.58 -15.99
N PHE B 30 20.74 10.30 -15.38
CA PHE B 30 21.53 9.09 -15.64
C PHE B 30 21.08 7.85 -14.87
N HIS B 31 21.35 6.69 -15.48
CA HIS B 31 21.07 5.34 -14.98
C HIS B 31 21.97 4.33 -15.75
N PRO B 32 22.72 3.41 -15.10
CA PRO B 32 22.84 3.13 -13.66
C PRO B 32 23.57 4.25 -12.87
N SER B 33 23.57 4.11 -11.54
CA SER B 33 24.12 5.05 -10.55
C SER B 33 25.61 5.40 -10.73
N ASP B 34 26.43 4.46 -11.25
CA ASP B 34 27.87 4.63 -11.46
C ASP B 34 28.21 5.79 -12.40
N ILE B 35 28.67 6.93 -11.81
CA ILE B 35 29.03 8.12 -12.58
C ILE B 35 30.32 8.80 -12.04
N GLU B 36 31.30 8.96 -12.95
CA GLU B 36 32.59 9.61 -12.72
C GLU B 36 32.43 11.07 -13.14
N VAL B 37 32.56 12.01 -12.20
CA VAL B 37 32.44 13.45 -12.46
C VAL B 37 33.63 14.16 -11.86
N ASP B 38 34.25 15.04 -12.66
CA ASP B 38 35.39 15.87 -12.27
C ASP B 38 35.18 17.30 -12.77
N LEU B 39 35.64 18.29 -11.99
CA LEU B 39 35.55 19.70 -12.34
CA LEU B 39 35.54 19.69 -12.37
C LEU B 39 36.90 20.18 -12.86
N LEU B 40 36.91 21.18 -13.75
CA LEU B 40 38.17 21.64 -14.32
C LEU B 40 38.40 23.15 -14.22
N LYS B 41 39.65 23.51 -13.95
CA LYS B 41 40.19 24.88 -13.91
C LYS B 41 41.20 24.98 -15.06
N ASN B 42 40.80 25.63 -16.18
CA ASN B 42 41.59 25.85 -17.41
C ASN B 42 42.11 24.51 -18.03
N GLY B 43 41.30 23.45 -17.90
CA GLY B 43 41.57 22.12 -18.42
C GLY B 43 42.24 21.17 -17.45
N GLU B 44 42.74 21.71 -16.32
CA GLU B 44 43.40 20.97 -15.25
C GLU B 44 42.36 20.58 -14.18
N ARG B 45 42.37 19.30 -13.78
CA ARG B 45 41.44 18.72 -12.79
C ARG B 45 41.62 19.34 -11.40
N ILE B 46 40.51 19.76 -10.76
CA ILE B 46 40.50 20.35 -9.42
C ILE B 46 40.31 19.20 -8.41
N GLU B 47 41.27 19.04 -7.48
CA GLU B 47 41.29 17.97 -6.47
C GLU B 47 40.29 18.18 -5.33
N LYS B 48 39.80 19.42 -5.14
CA LYS B 48 38.87 19.82 -4.07
C LYS B 48 37.41 19.41 -4.38
N VAL B 49 37.20 18.20 -4.95
CA VAL B 49 35.88 17.68 -5.32
C VAL B 49 35.07 17.36 -4.05
N GLU B 50 33.78 17.79 -4.06
CA GLU B 50 32.77 17.63 -3.03
C GLU B 50 31.42 17.44 -3.74
N HIS B 51 30.72 16.30 -3.49
CA HIS B 51 29.46 15.99 -4.17
C HIS B 51 28.33 15.59 -3.21
N SER B 52 27.08 15.79 -3.68
CA SER B 52 25.84 15.48 -2.95
C SER B 52 25.62 13.96 -2.79
N ASP B 53 24.54 13.60 -2.09
CA ASP B 53 24.15 12.22 -1.82
C ASP B 53 23.14 11.73 -2.89
N LEU B 54 23.36 10.52 -3.42
CA LEU B 54 22.61 9.89 -4.52
C LEU B 54 21.10 9.81 -4.26
N SER B 55 20.37 10.63 -5.04
CA SER B 55 18.91 10.69 -4.99
C SER B 55 18.35 10.53 -6.40
N PHE B 56 17.15 9.96 -6.51
CA PHE B 56 16.54 9.78 -7.81
C PHE B 56 15.27 10.62 -7.91
N SER B 57 14.79 10.78 -9.14
CA SER B 57 13.59 11.56 -9.47
CA SER B 57 13.59 11.56 -9.47
C SER B 57 12.39 10.65 -9.57
N LYS B 58 11.20 11.21 -9.80
CA LYS B 58 9.96 10.44 -9.92
C LYS B 58 9.96 9.57 -11.21
N ASP B 59 10.87 9.84 -12.16
CA ASP B 59 11.04 9.02 -13.36
C ASP B 59 12.16 7.97 -13.14
N TRP B 60 12.65 7.88 -11.87
CA TRP B 60 13.65 6.98 -11.29
C TRP B 60 15.10 7.32 -11.70
N SER B 61 15.31 8.42 -12.46
CA SER B 61 16.64 8.87 -12.90
CA SER B 61 16.65 8.85 -12.89
C SER B 61 17.39 9.54 -11.75
N PHE B 62 18.68 9.22 -11.58
CA PHE B 62 19.50 9.79 -10.50
C PHE B 62 19.94 11.24 -10.78
N TYR B 63 20.49 11.90 -9.74
CA TYR B 63 21.02 13.27 -9.82
C TYR B 63 22.01 13.53 -8.70
N LEU B 64 23.13 14.15 -9.09
CA LEU B 64 24.23 14.54 -8.21
C LEU B 64 24.73 15.94 -8.58
N LEU B 65 25.16 16.67 -7.54
CA LEU B 65 25.71 18.01 -7.65
C LEU B 65 27.14 18.00 -7.13
N TYR B 66 28.09 18.22 -8.04
CA TYR B 66 29.51 18.32 -7.74
C TYR B 66 29.83 19.80 -7.68
N TYR B 67 30.20 20.27 -6.48
CA TYR B 67 30.43 21.68 -6.19
C TYR B 67 31.82 21.92 -5.57
N THR B 68 32.39 23.12 -5.80
CA THR B 68 33.69 23.57 -5.30
C THR B 68 33.74 25.12 -5.31
N GLU B 69 34.39 25.71 -4.29
CA GLU B 69 34.53 27.17 -4.17
C GLU B 69 35.55 27.65 -5.21
N PHE B 70 35.14 28.61 -6.06
CA PHE B 70 36.02 29.13 -7.11
C PHE B 70 36.03 30.68 -7.15
N THR B 71 37.09 31.25 -7.75
CA THR B 71 37.23 32.69 -7.91
C THR B 71 37.18 33.03 -9.41
N PRO B 72 36.03 33.52 -9.92
CA PRO B 72 35.93 33.82 -11.37
C PRO B 72 36.82 34.99 -11.78
N THR B 73 37.57 34.80 -12.87
CA THR B 73 38.47 35.80 -13.47
C THR B 73 38.03 35.97 -14.94
N GLU B 74 38.71 36.85 -15.71
CA GLU B 74 38.37 37.09 -17.10
C GLU B 74 39.07 36.07 -18.02
N LYS B 75 40.36 35.79 -17.78
CA LYS B 75 41.21 34.89 -18.57
C LYS B 75 40.99 33.40 -18.28
N ASP B 76 40.41 33.07 -17.11
CA ASP B 76 40.18 31.67 -16.73
C ASP B 76 38.94 31.08 -17.39
N GLU B 77 39.03 29.77 -17.71
CA GLU B 77 37.98 28.99 -18.37
C GLU B 77 37.63 27.75 -17.51
N TYR B 78 36.40 27.71 -16.99
CA TYR B 78 35.98 26.62 -16.12
C TYR B 78 35.01 25.68 -16.83
N ALA B 79 35.29 24.37 -16.77
CA ALA B 79 34.48 23.33 -17.38
C ALA B 79 34.19 22.21 -16.37
N CYS B 80 33.41 21.21 -16.79
CA CYS B 80 33.05 20.06 -15.98
C CYS B 80 33.09 18.82 -16.87
N ARG B 81 33.85 17.80 -16.43
CA ARG B 81 34.09 16.55 -17.15
C ARG B 81 33.32 15.40 -16.49
N VAL B 82 32.33 14.91 -17.22
CA VAL B 82 31.41 13.84 -16.83
C VAL B 82 31.73 12.59 -17.65
N ASN B 83 31.59 11.43 -17.01
CA ASN B 83 31.78 10.13 -17.63
C ASN B 83 30.77 9.16 -17.01
N HIS B 84 30.07 8.44 -17.89
CA HIS B 84 29.03 7.50 -17.56
C HIS B 84 29.20 6.26 -18.45
N VAL B 85 28.57 5.12 -18.05
CA VAL B 85 28.61 3.85 -18.79
C VAL B 85 28.16 4.08 -20.26
N THR B 86 27.17 4.97 -20.44
CA THR B 86 26.60 5.36 -21.72
C THR B 86 27.58 6.21 -22.54
N LEU B 87 28.39 7.02 -21.87
CA LEU B 87 29.30 7.94 -22.53
C LEU B 87 30.53 7.28 -23.17
N SER B 88 30.64 7.44 -24.51
CA SER B 88 31.73 6.94 -25.34
C SER B 88 33.08 7.54 -24.90
N GLN B 89 33.11 8.88 -24.76
CA GLN B 89 34.28 9.67 -24.36
C GLN B 89 33.88 10.68 -23.28
N PRO B 90 34.78 11.09 -22.35
CA PRO B 90 34.38 12.03 -21.28
C PRO B 90 33.78 13.35 -21.77
N LYS B 91 32.52 13.60 -21.37
CA LYS B 91 31.72 14.79 -21.72
C LYS B 91 32.21 16.03 -20.98
N ILE B 92 32.97 16.89 -21.69
CA ILE B 92 33.47 18.14 -21.12
C ILE B 92 32.49 19.24 -21.53
N VAL B 93 31.93 19.93 -20.52
CA VAL B 93 30.95 21.02 -20.68
C VAL B 93 31.52 22.32 -20.08
N LYS B 94 31.86 23.33 -20.93
CA LYS B 94 32.37 24.64 -20.51
C LYS B 94 31.29 25.49 -19.80
N TRP B 95 31.71 26.33 -18.82
CA TRP B 95 30.84 27.22 -18.02
C TRP B 95 30.65 28.58 -18.71
N ASP B 96 29.40 29.08 -18.69
CA ASP B 96 28.98 30.36 -19.27
C ASP B 96 28.20 31.16 -18.23
N ARG B 97 28.59 32.43 -18.02
CA ARG B 97 27.98 33.33 -17.03
C ARG B 97 26.60 33.85 -17.48
N ASP B 98 26.34 33.85 -18.80
CA ASP B 98 25.06 34.29 -19.38
C ASP B 98 24.08 33.11 -19.44
N MET B 99 24.54 31.91 -19.02
CA MET B 99 23.78 30.65 -18.99
C MET B 99 23.71 30.04 -17.57
N PHE C 1 11.10 9.94 10.27
CA PHE C 1 10.81 8.69 10.98
C PHE C 1 10.42 7.64 9.98
N ARG C 2 11.15 6.52 9.92
CA ARG C 2 10.95 5.46 8.95
C ARG C 2 9.88 4.42 9.32
N TYR C 3 9.47 3.68 8.30
CA TYR C 3 8.57 2.55 8.39
C TYR C 3 9.50 1.31 8.60
N ASN C 4 9.11 0.34 9.46
CA ASN C 4 10.01 -0.79 9.71
C ASN C 4 9.44 -2.15 9.26
N GLY C 5 8.48 -2.14 8.35
CA GLY C 5 7.89 -3.37 7.86
C GLY C 5 8.25 -3.72 6.42
N LEU C 6 9.53 -3.51 6.05
CA LEU C 6 10.06 -3.80 4.71
C LEU C 6 10.10 -5.31 4.50
N ILE C 7 8.97 -5.91 4.15
CA ILE C 7 8.82 -7.36 3.96
C ILE C 7 9.39 -7.75 2.59
N HIS C 8 10.19 -8.83 2.56
CA HIS C 8 10.86 -9.40 1.39
C HIS C 8 10.00 -9.43 0.12
N ARG C 9 10.66 -9.29 -1.05
CA ARG C 9 10.00 -9.29 -2.35
C ARG C 9 9.92 -10.72 -2.92
N GLY D 1 -21.24 -38.60 19.03
CA GLY D 1 -22.15 -39.17 20.02
C GLY D 1 -23.20 -38.19 20.52
N SER D 2 -22.74 -37.02 21.00
CA SER D 2 -23.58 -35.93 21.54
C SER D 2 -24.14 -35.06 20.41
N HIS D 3 -25.31 -34.43 20.63
CA HIS D 3 -26.03 -33.54 19.67
C HIS D 3 -26.54 -32.25 20.36
N SER D 4 -27.28 -31.38 19.63
CA SER D 4 -27.80 -30.10 20.16
C SER D 4 -28.85 -29.42 19.24
N MET D 5 -29.69 -28.57 19.85
CA MET D 5 -30.73 -27.73 19.25
C MET D 5 -30.65 -26.35 19.88
N ARG D 6 -30.42 -25.30 19.07
CA ARG D 6 -30.32 -23.93 19.58
C ARG D 6 -31.17 -22.98 18.73
N TYR D 7 -32.01 -22.14 19.36
CA TYR D 7 -32.82 -21.15 18.67
C TYR D 7 -32.13 -19.77 18.72
N PHE D 8 -31.89 -19.13 17.54
CA PHE D 8 -31.18 -17.86 17.41
C PHE D 8 -32.10 -16.72 16.99
N HIS D 9 -32.08 -15.61 17.76
CA HIS D 9 -32.96 -14.45 17.53
C HIS D 9 -32.15 -13.16 17.44
N THR D 10 -32.43 -12.32 16.41
CA THR D 10 -31.75 -11.04 16.20
C THR D 10 -32.82 -9.92 16.05
N SER D 11 -32.71 -8.81 16.84
CA SER D 11 -33.65 -7.68 16.82
C SER D 11 -32.94 -6.33 16.68
N VAL D 12 -32.91 -5.76 15.47
CA VAL D 12 -32.21 -4.50 15.20
C VAL D 12 -33.20 -3.36 14.90
N SER D 13 -33.18 -2.30 15.72
CA SER D 13 -34.04 -1.13 15.54
C SER D 13 -33.56 -0.26 14.37
N ARG D 14 -34.49 0.47 13.76
CA ARG D 14 -34.24 1.38 12.64
C ARG D 14 -35.09 2.67 12.86
N PRO D 15 -34.45 3.79 13.29
CA PRO D 15 -35.23 4.99 13.61
C PRO D 15 -35.74 5.70 12.35
N GLY D 16 -37.06 5.66 12.18
CA GLY D 16 -37.75 6.28 11.04
C GLY D 16 -37.80 5.42 9.80
N ARG D 17 -37.22 4.19 9.84
CA ARG D 17 -37.18 3.25 8.71
C ARG D 17 -38.22 2.14 8.93
N GLY D 18 -39.21 2.46 9.76
CA GLY D 18 -40.32 1.56 10.09
C GLY D 18 -40.17 1.03 11.49
N GLU D 19 -40.32 -0.31 11.63
CA GLU D 19 -40.19 -1.04 12.88
C GLU D 19 -38.91 -1.91 12.86
N PRO D 20 -38.37 -2.39 14.01
CA PRO D 20 -37.15 -3.21 13.97
C PRO D 20 -37.25 -4.47 13.10
N ARG D 21 -36.10 -5.03 12.70
CA ARG D 21 -36.05 -6.25 11.92
C ARG D 21 -35.92 -7.43 12.87
N PHE D 22 -36.59 -8.55 12.57
CA PHE D 22 -36.53 -9.73 13.42
C PHE D 22 -36.26 -10.98 12.58
N ILE D 23 -35.05 -11.53 12.71
CA ILE D 23 -34.57 -12.70 11.96
C ILE D 23 -34.31 -13.86 12.92
N THR D 24 -35.34 -14.68 13.18
CA THR D 24 -35.24 -15.82 14.10
C THR D 24 -35.01 -17.10 13.28
N VAL D 25 -33.91 -17.81 13.61
CA VAL D 25 -33.45 -19.02 12.91
C VAL D 25 -33.32 -20.22 13.87
N GLY D 26 -33.52 -21.41 13.31
CA GLY D 26 -33.40 -22.68 14.01
C GLY D 26 -32.14 -23.42 13.62
N TYR D 27 -31.69 -24.33 14.50
CA TYR D 27 -30.48 -25.13 14.31
C TYR D 27 -30.57 -26.48 15.01
N VAL D 28 -29.91 -27.50 14.42
CA VAL D 28 -29.72 -28.86 14.91
C VAL D 28 -28.22 -29.12 14.67
N ASP D 29 -27.41 -28.87 15.67
CA ASP D 29 -25.96 -28.84 15.51
C ASP D 29 -25.57 -27.75 14.57
N ASP D 30 -24.71 -28.07 13.60
CA ASP D 30 -24.25 -27.11 12.60
C ASP D 30 -25.25 -26.98 11.43
N THR D 31 -26.25 -27.89 11.38
CA THR D 31 -27.31 -27.94 10.36
C THR D 31 -28.45 -26.98 10.74
N LEU D 32 -29.03 -26.30 9.73
CA LEU D 32 -30.18 -25.41 9.89
C LEU D 32 -31.50 -26.20 9.71
N PHE D 33 -32.58 -25.76 10.35
CA PHE D 33 -33.89 -26.36 10.07
C PHE D 33 -35.10 -25.45 9.85
N VAL D 34 -35.15 -24.33 10.54
CA VAL D 34 -36.31 -23.42 10.46
C VAL D 34 -35.80 -21.96 10.40
N ARG D 35 -36.61 -21.03 9.85
CA ARG D 35 -36.26 -19.61 9.76
C ARG D 35 -37.52 -18.75 9.65
N PHE D 36 -37.39 -17.44 9.96
CA PHE D 36 -38.45 -16.42 9.93
C PHE D 36 -37.79 -15.03 9.84
N ASP D 37 -38.39 -14.12 9.06
CA ASP D 37 -37.92 -12.74 8.93
C ASP D 37 -39.12 -11.80 9.03
N SER D 38 -39.03 -10.74 9.89
CA SER D 38 -40.10 -9.75 10.08
C SER D 38 -40.39 -9.01 8.77
N ASP D 39 -39.34 -8.90 7.92
CA ASP D 39 -39.36 -8.29 6.59
C ASP D 39 -39.60 -9.41 5.56
N ALA D 40 -40.89 -9.74 5.34
CA ALA D 40 -41.35 -10.79 4.42
C ALA D 40 -42.81 -10.56 4.05
N ALA D 41 -43.16 -10.87 2.77
CA ALA D 41 -44.49 -10.74 2.16
C ALA D 41 -45.60 -11.26 3.08
N SER D 42 -45.37 -12.42 3.72
CA SER D 42 -46.25 -13.03 4.71
C SER D 42 -45.34 -13.67 5.77
N PRO D 43 -45.13 -13.01 6.93
CA PRO D 43 -44.18 -13.54 7.91
C PRO D 43 -44.65 -14.88 8.50
N ARG D 44 -44.00 -15.97 8.06
CA ARG D 44 -44.31 -17.34 8.49
C ARG D 44 -43.03 -18.15 8.68
N GLU D 45 -43.08 -19.14 9.60
CA GLU D 45 -41.97 -20.06 9.89
C GLU D 45 -41.75 -20.95 8.68
N GLU D 46 -40.58 -20.80 8.06
CA GLU D 46 -40.22 -21.50 6.83
C GLU D 46 -39.37 -22.75 7.10
N PRO D 47 -39.71 -23.89 6.44
CA PRO D 47 -38.89 -25.09 6.59
C PRO D 47 -37.61 -25.00 5.76
N ARG D 48 -36.44 -25.28 6.40
CA ARG D 48 -35.13 -25.24 5.75
C ARG D 48 -34.45 -26.61 5.85
N ALA D 49 -35.27 -27.68 5.83
CA ALA D 49 -34.91 -29.09 5.88
C ALA D 49 -36.06 -29.94 5.31
N PRO D 50 -35.80 -31.13 4.72
CA PRO D 50 -36.93 -31.91 4.14
C PRO D 50 -37.76 -32.70 5.16
N TRP D 51 -37.28 -32.85 6.41
CA TRP D 51 -37.97 -33.59 7.47
C TRP D 51 -38.88 -32.70 8.36
N ILE D 52 -38.67 -31.38 8.33
CA ILE D 52 -39.46 -30.44 9.15
C ILE D 52 -40.76 -30.05 8.40
N GLU D 53 -40.77 -30.03 7.05
CA GLU D 53 -41.97 -29.72 6.25
C GLU D 53 -43.02 -30.86 6.35
N GLN D 54 -42.61 -31.99 6.95
CA GLN D 54 -43.41 -33.17 7.20
C GLN D 54 -44.42 -32.91 8.34
N GLU D 55 -44.07 -32.01 9.30
CA GLU D 55 -44.84 -31.65 10.48
C GLU D 55 -46.20 -31.02 10.16
N GLY D 56 -47.12 -31.12 11.12
CA GLY D 56 -48.50 -30.66 11.04
C GLY D 56 -48.73 -29.19 10.74
N PRO D 57 -49.89 -28.82 10.16
CA PRO D 57 -50.17 -27.41 9.84
C PRO D 57 -50.33 -26.56 11.09
N GLU D 58 -50.97 -27.13 12.14
CA GLU D 58 -51.19 -26.49 13.45
C GLU D 58 -49.85 -26.24 14.17
N TYR D 59 -48.79 -27.00 13.79
CA TYR D 59 -47.44 -26.88 14.32
C TYR D 59 -46.86 -25.58 13.83
N TRP D 60 -47.07 -25.30 12.54
CA TRP D 60 -46.58 -24.10 11.87
C TRP D 60 -47.27 -22.86 12.42
N ASP D 61 -48.61 -22.92 12.67
CA ASP D 61 -49.38 -21.80 13.25
C ASP D 61 -48.80 -21.40 14.61
N ARG D 62 -48.54 -22.38 15.48
CA ARG D 62 -47.95 -22.18 16.80
C ARG D 62 -46.57 -21.50 16.62
N GLU D 63 -45.64 -22.21 15.94
CA GLU D 63 -44.26 -21.78 15.67
C GLU D 63 -44.18 -20.39 15.05
N THR D 64 -45.08 -20.06 14.09
CA THR D 64 -45.13 -18.76 13.41
C THR D 64 -45.48 -17.66 14.40
N GLN D 65 -46.54 -17.86 15.19
CA GLN D 65 -47.02 -16.89 16.18
C GLN D 65 -46.01 -16.61 17.30
N ILE D 66 -45.26 -17.64 17.82
CA ILE D 66 -44.23 -17.43 18.86
C ILE D 66 -43.20 -16.41 18.38
N SER D 67 -42.74 -16.58 17.12
CA SER D 67 -41.76 -15.72 16.45
C SER D 67 -42.34 -14.31 16.24
N LYS D 68 -43.66 -14.21 15.91
CA LYS D 68 -44.36 -12.93 15.71
C LYS D 68 -44.50 -12.21 17.06
N ALA D 69 -44.74 -12.98 18.14
CA ALA D 69 -44.87 -12.47 19.49
C ALA D 69 -43.52 -12.07 20.03
N LYS D 70 -42.46 -12.89 19.80
CA LYS D 70 -41.09 -12.64 20.26
C LYS D 70 -40.61 -11.31 19.76
N ALA D 71 -40.95 -10.99 18.50
CA ALA D 71 -40.62 -9.73 17.86
C ALA D 71 -41.34 -8.59 18.58
N GLN D 72 -42.64 -8.75 18.81
CA GLN D 72 -43.48 -7.75 19.50
C GLN D 72 -43.01 -7.53 20.93
N THR D 73 -42.51 -8.60 21.60
CA THR D 73 -41.99 -8.56 22.97
C THR D 73 -40.60 -7.90 22.93
N ASP D 74 -39.80 -8.17 21.86
CA ASP D 74 -38.46 -7.61 21.62
C ASP D 74 -38.51 -6.13 21.30
N ARG D 75 -39.54 -5.67 20.58
CA ARG D 75 -39.77 -4.26 20.23
C ARG D 75 -40.04 -3.46 21.50
N GLU D 76 -40.83 -4.05 22.43
CA GLU D 76 -41.18 -3.48 23.72
C GLU D 76 -39.94 -3.44 24.61
N ASP D 77 -39.22 -4.58 24.70
CA ASP D 77 -37.99 -4.70 25.47
C ASP D 77 -36.93 -3.70 24.96
N LEU D 78 -36.75 -3.60 23.63
CA LEU D 78 -35.84 -2.63 23.02
C LEU D 78 -36.09 -1.23 23.58
N ARG D 79 -37.38 -0.79 23.56
CA ARG D 79 -37.84 0.52 24.05
C ARG D 79 -37.56 0.70 25.55
N THR D 80 -37.47 -0.41 26.33
CA THR D 80 -37.21 -0.36 27.77
C THR D 80 -35.75 -0.06 28.03
N LEU D 81 -34.85 -0.79 27.34
CA LEU D 81 -33.39 -0.68 27.47
C LEU D 81 -32.91 0.74 27.19
N LEU D 82 -33.58 1.43 26.25
CA LEU D 82 -33.32 2.83 25.89
C LEU D 82 -33.62 3.77 27.07
N ARG D 83 -34.42 3.30 27.99
CA ARG D 83 -34.68 3.98 29.22
C ARG D 83 -33.95 3.27 30.32
N TYR D 84 -33.71 1.98 30.12
CA TYR D 84 -33.03 1.24 31.15
C TYR D 84 -31.66 1.83 31.31
N TYR D 85 -31.01 2.10 30.17
CA TYR D 85 -29.72 2.77 30.18
C TYR D 85 -29.88 4.24 29.92
N ASN D 86 -31.11 4.66 29.56
CA ASN D 86 -31.42 6.06 29.21
C ASN D 86 -30.74 6.69 27.97
N GLN D 87 -31.11 6.20 26.79
CA GLN D 87 -30.40 6.42 25.56
C GLN D 87 -31.31 7.03 24.52
N SER D 88 -30.71 7.75 23.58
CA SER D 88 -31.47 8.44 22.58
C SER D 88 -32.14 7.51 21.59
N GLU D 89 -33.27 7.96 21.08
CA GLU D 89 -34.16 7.20 20.19
C GLU D 89 -33.61 7.14 18.75
N ALA D 90 -32.74 8.10 18.36
CA ALA D 90 -32.11 8.23 17.04
C ALA D 90 -31.01 7.19 16.77
N GLY D 91 -30.43 6.61 17.82
CA GLY D 91 -29.39 5.59 17.72
C GLY D 91 -29.97 4.20 17.54
N SER D 92 -29.47 3.47 16.51
CA SER D 92 -29.87 2.09 16.19
C SER D 92 -29.19 1.10 17.15
N HIS D 93 -30.01 0.20 17.78
CA HIS D 93 -29.55 -0.79 18.75
C HIS D 93 -29.85 -2.24 18.31
N THR D 94 -29.21 -3.22 18.98
CA THR D 94 -29.35 -4.64 18.69
C THR D 94 -29.71 -5.48 19.94
N LEU D 95 -30.57 -6.49 19.75
CA LEU D 95 -30.95 -7.41 20.81
C LEU D 95 -30.83 -8.83 20.29
N GLN D 96 -29.78 -9.54 20.72
CA GLN D 96 -29.55 -10.93 20.35
C GLN D 96 -29.97 -11.86 21.47
N ASN D 97 -30.47 -13.04 21.11
CA ASN D 97 -30.89 -14.03 22.07
C ASN D 97 -30.66 -15.42 21.50
N MET D 98 -30.29 -16.35 22.38
CA MET D 98 -30.10 -17.75 22.05
C MET D 98 -30.41 -18.60 23.26
N TYR D 99 -31.15 -19.69 23.02
CA TYR D 99 -31.43 -20.73 23.99
C TYR D 99 -31.21 -22.06 23.30
N GLY D 100 -31.46 -23.17 24.00
CA GLY D 100 -31.28 -24.50 23.43
C GLY D 100 -30.83 -25.57 24.39
N CYS D 101 -30.97 -26.85 23.96
CA CYS D 101 -30.63 -28.00 24.79
C CYS D 101 -29.59 -28.92 24.13
N ASP D 102 -28.65 -29.45 24.95
CA ASP D 102 -27.58 -30.35 24.51
C ASP D 102 -27.86 -31.79 24.93
N VAL D 103 -28.13 -32.64 23.93
CA VAL D 103 -28.40 -34.06 24.10
C VAL D 103 -27.06 -34.81 23.96
N GLY D 104 -26.91 -35.90 24.69
CA GLY D 104 -25.71 -36.71 24.60
C GLY D 104 -25.98 -37.98 23.83
N PRO D 105 -25.10 -39.00 23.91
CA PRO D 105 -25.39 -40.27 23.21
C PRO D 105 -26.63 -40.99 23.79
N ASP D 106 -26.84 -40.84 25.11
CA ASP D 106 -27.91 -41.42 25.95
C ASP D 106 -29.33 -41.03 25.54
N GLY D 107 -29.51 -39.80 25.05
CA GLY D 107 -30.80 -39.28 24.64
C GLY D 107 -31.43 -38.31 25.63
N ARG D 108 -30.63 -37.83 26.63
CA ARG D 108 -31.08 -36.88 27.65
C ARG D 108 -30.18 -35.61 27.73
N LEU D 109 -30.43 -34.74 28.73
CA LEU D 109 -29.77 -33.46 28.95
C LEU D 109 -28.45 -33.55 29.73
N LEU D 110 -27.50 -32.69 29.33
CA LEU D 110 -26.20 -32.51 29.99
C LEU D 110 -25.97 -31.01 30.25
N ARG D 111 -26.35 -30.14 29.29
CA ARG D 111 -26.24 -28.70 29.46
C ARG D 111 -27.32 -28.00 28.64
N GLY D 112 -28.20 -27.32 29.35
CA GLY D 112 -29.26 -26.49 28.79
C GLY D 112 -28.82 -25.05 28.88
N TYR D 113 -29.17 -24.23 27.88
CA TYR D 113 -28.73 -22.84 27.89
C TYR D 113 -29.81 -21.85 27.45
N HIS D 114 -29.73 -20.62 28.00
CA HIS D 114 -30.57 -19.47 27.62
C HIS D 114 -29.87 -18.17 27.99
N GLN D 115 -29.27 -17.52 26.99
CA GLN D 115 -28.58 -16.25 27.15
C GLN D 115 -29.00 -15.24 26.10
N ASN D 116 -28.68 -13.95 26.36
CA ASN D 116 -28.94 -12.83 25.45
C ASN D 116 -27.95 -11.68 25.68
N ALA D 117 -27.73 -10.86 24.61
CA ALA D 117 -26.83 -9.71 24.63
C ALA D 117 -27.44 -8.50 23.97
N TYR D 118 -27.26 -7.33 24.60
CA TYR D 118 -27.74 -6.07 24.06
C TYR D 118 -26.54 -5.35 23.50
N ASP D 119 -26.54 -5.13 22.18
CA ASP D 119 -25.49 -4.45 21.40
C ASP D 119 -24.20 -5.28 21.36
N GLY D 120 -24.34 -6.61 21.26
CA GLY D 120 -23.21 -7.52 21.15
C GLY D 120 -22.33 -7.68 22.38
N LYS D 121 -22.90 -7.34 23.54
CA LYS D 121 -22.25 -7.43 24.83
C LYS D 121 -23.26 -7.99 25.84
N ASP D 122 -22.88 -9.06 26.52
CA ASP D 122 -23.75 -9.93 27.26
C ASP D 122 -24.62 -9.22 28.28
N TYR D 123 -25.90 -9.62 28.36
CA TYR D 123 -26.91 -8.96 29.21
C TYR D 123 -27.33 -9.87 30.39
N ILE D 124 -28.11 -10.92 30.12
CA ILE D 124 -28.55 -11.91 31.09
C ILE D 124 -28.26 -13.29 30.49
N ALA D 125 -28.02 -14.29 31.34
CA ALA D 125 -27.74 -15.65 30.89
C ALA D 125 -28.12 -16.63 31.97
N LEU D 126 -28.88 -17.66 31.59
CA LEU D 126 -29.31 -18.69 32.52
C LEU D 126 -28.11 -19.56 32.90
N ASN D 127 -27.89 -19.75 34.22
CA ASN D 127 -26.77 -20.52 34.75
C ASN D 127 -27.01 -22.02 34.53
N GLU D 128 -25.92 -22.83 34.62
CA GLU D 128 -25.92 -24.31 34.41
C GLU D 128 -26.93 -25.05 35.34
N ASP D 129 -27.26 -24.44 36.48
CA ASP D 129 -28.21 -24.97 37.45
C ASP D 129 -29.65 -24.84 36.94
N LEU D 130 -29.84 -24.03 35.91
CA LEU D 130 -31.13 -23.76 35.31
C LEU D 130 -32.01 -23.13 36.34
N SER D 131 -31.40 -22.49 37.31
CA SER D 131 -32.17 -21.98 38.42
C SER D 131 -31.91 -20.54 38.72
N SER D 132 -30.87 -20.01 38.13
CA SER D 132 -30.32 -18.70 38.42
C SER D 132 -29.84 -17.96 37.16
N TRP D 133 -29.58 -16.65 37.30
CA TRP D 133 -29.12 -15.80 36.21
C TRP D 133 -27.79 -15.13 36.54
N THR D 134 -27.11 -14.67 35.50
CA THR D 134 -25.90 -13.89 35.64
C THR D 134 -26.21 -12.59 34.95
N ALA D 135 -26.61 -11.57 35.73
CA ALA D 135 -26.95 -10.25 35.19
C ALA D 135 -25.64 -9.47 35.02
N ALA D 136 -25.29 -9.14 33.75
CA ALA D 136 -24.06 -8.45 33.36
C ALA D 136 -23.85 -7.11 34.07
N ASP D 137 -24.81 -6.15 33.92
CA ASP D 137 -24.70 -4.82 34.52
C ASP D 137 -25.92 -4.50 35.40
N THR D 138 -26.02 -3.26 35.90
CA THR D 138 -27.09 -2.77 36.77
C THR D 138 -28.45 -2.84 36.07
N ALA D 139 -28.51 -2.51 34.75
CA ALA D 139 -29.77 -2.56 33.99
C ALA D 139 -30.23 -3.99 33.80
N ALA D 140 -29.26 -4.91 33.64
CA ALA D 140 -29.52 -6.34 33.52
C ALA D 140 -29.97 -6.90 34.87
N GLN D 141 -29.61 -6.22 35.99
CA GLN D 141 -30.00 -6.61 37.35
C GLN D 141 -31.50 -6.38 37.60
N ILE D 142 -32.08 -5.36 36.95
CA ILE D 142 -33.50 -5.00 37.06
C ILE D 142 -34.35 -6.14 36.46
N THR D 143 -33.97 -6.63 35.26
CA THR D 143 -34.67 -7.74 34.61
C THR D 143 -34.44 -9.07 35.34
N GLN D 144 -33.39 -9.14 36.13
CA GLN D 144 -33.08 -10.37 36.83
C GLN D 144 -34.19 -10.61 37.77
N ARG D 145 -34.46 -9.64 38.64
CA ARG D 145 -35.58 -9.72 39.55
C ARG D 145 -36.80 -10.14 38.80
N LYS D 146 -37.20 -9.36 37.82
CA LYS D 146 -38.49 -9.54 37.24
C LYS D 146 -38.53 -11.00 36.84
N TRP D 147 -37.38 -11.61 36.59
CA TRP D 147 -37.43 -12.98 36.07
C TRP D 147 -37.26 -14.03 37.17
N GLU D 148 -36.80 -13.60 38.36
CA GLU D 148 -36.63 -14.46 39.54
C GLU D 148 -37.98 -14.55 40.25
N ALA D 149 -38.63 -13.38 40.46
CA ALA D 149 -39.95 -13.26 41.09
C ALA D 149 -41.01 -13.93 40.20
N ALA D 150 -40.97 -13.64 38.88
CA ALA D 150 -41.89 -14.23 37.88
C ALA D 150 -41.54 -15.70 37.58
N ARG D 151 -40.46 -16.22 38.21
CA ARG D 151 -39.96 -17.59 38.12
C ARG D 151 -39.89 -18.06 36.65
N VAL D 152 -39.17 -17.27 35.82
CA VAL D 152 -38.98 -17.48 34.38
C VAL D 152 -38.04 -18.69 34.17
N ALA D 153 -36.98 -18.77 34.98
CA ALA D 153 -35.99 -19.85 34.96
C ALA D 153 -36.64 -21.21 35.18
N GLU D 154 -37.68 -21.28 36.07
CA GLU D 154 -38.44 -22.51 36.38
C GLU D 154 -39.21 -23.05 35.16
N GLN D 155 -39.62 -22.17 34.21
CA GLN D 155 -40.34 -22.62 33.00
C GLN D 155 -39.33 -23.12 31.98
N LEU D 156 -38.18 -22.40 31.84
CA LEU D 156 -37.09 -22.76 30.92
C LEU D 156 -36.47 -24.10 31.33
N ARG D 157 -36.46 -24.38 32.63
CA ARG D 157 -35.99 -25.66 33.12
C ARG D 157 -36.93 -26.75 32.62
N ALA D 158 -38.24 -26.46 32.56
CA ALA D 158 -39.25 -27.42 32.11
C ALA D 158 -39.18 -27.61 30.60
N TYR D 159 -38.92 -26.54 29.86
CA TYR D 159 -38.83 -26.60 28.42
C TYR D 159 -37.57 -27.39 27.99
N LEU D 160 -36.38 -26.99 28.48
CA LEU D 160 -35.09 -27.62 28.16
C LEU D 160 -35.01 -29.07 28.65
N GLU D 161 -35.51 -29.37 29.86
CA GLU D 161 -35.46 -30.75 30.36
C GLU D 161 -36.54 -31.62 29.75
N GLY D 162 -37.63 -31.01 29.26
CA GLY D 162 -38.75 -31.74 28.69
C GLY D 162 -38.93 -31.65 27.19
N GLU D 163 -39.89 -30.80 26.76
CA GLU D 163 -40.29 -30.57 25.37
C GLU D 163 -39.12 -30.20 24.41
N CYS D 164 -37.98 -29.75 24.92
CA CYS D 164 -36.83 -29.42 24.07
C CYS D 164 -36.21 -30.71 23.53
N VAL D 165 -35.87 -31.65 24.44
CA VAL D 165 -35.26 -32.95 24.17
C VAL D 165 -36.25 -33.83 23.37
N GLU D 166 -37.53 -33.86 23.80
CA GLU D 166 -38.63 -34.62 23.18
C GLU D 166 -38.77 -34.32 21.69
N TRP D 167 -38.58 -33.05 21.30
CA TRP D 167 -38.67 -32.63 19.91
C TRP D 167 -37.33 -32.81 19.19
N LEU D 168 -36.19 -32.55 19.88
CA LEU D 168 -34.84 -32.72 19.32
C LEU D 168 -34.59 -34.20 18.95
N ARG D 169 -35.16 -35.15 19.74
CA ARG D 169 -35.05 -36.60 19.46
C ARG D 169 -35.89 -36.95 18.23
N ARG D 170 -37.05 -36.26 18.03
CA ARG D 170 -37.95 -36.42 16.88
C ARG D 170 -37.25 -35.91 15.61
N TYR D 171 -36.49 -34.80 15.72
CA TYR D 171 -35.74 -34.15 14.62
C TYR D 171 -34.53 -35.00 14.21
N LEU D 172 -33.87 -35.66 15.17
CA LEU D 172 -32.73 -36.52 14.92
C LEU D 172 -33.18 -37.85 14.29
N GLU D 173 -34.32 -38.43 14.78
CA GLU D 173 -34.91 -39.69 14.30
C GLU D 173 -35.50 -39.56 12.88
N ASN D 174 -35.97 -38.36 12.48
CA ASN D 174 -36.55 -38.12 11.16
C ASN D 174 -35.48 -37.72 10.12
N GLY D 175 -34.41 -37.07 10.59
CA GLY D 175 -33.28 -36.64 9.77
C GLY D 175 -32.05 -37.50 9.99
N LYS D 176 -32.28 -38.76 10.40
CA LYS D 176 -31.33 -39.82 10.73
C LYS D 176 -30.18 -39.99 9.69
N GLU D 177 -30.50 -39.86 8.39
CA GLU D 177 -29.54 -40.07 7.30
C GLU D 177 -28.62 -38.86 6.97
N THR D 178 -28.94 -37.64 7.42
CA THR D 178 -28.07 -36.48 7.14
C THR D 178 -27.48 -35.90 8.43
N LEU D 179 -28.24 -35.96 9.54
CA LEU D 179 -27.89 -35.45 10.87
C LEU D 179 -26.89 -36.36 11.59
N GLN D 180 -27.16 -37.69 11.64
CA GLN D 180 -26.28 -38.66 12.32
C GLN D 180 -25.13 -39.15 11.45
N ARG D 181 -25.19 -38.88 10.13
CA ARG D 181 -24.13 -39.24 9.18
C ARG D 181 -23.04 -38.17 9.17
N ALA D 182 -22.03 -38.36 10.03
CA ALA D 182 -20.87 -37.48 10.13
C ALA D 182 -19.85 -37.88 9.09
N ASP D 183 -19.28 -36.91 8.37
CA ASP D 183 -18.32 -37.16 7.29
C ASP D 183 -16.88 -36.83 7.69
N PRO D 184 -15.93 -37.78 7.51
CA PRO D 184 -14.53 -37.48 7.85
C PRO D 184 -13.85 -36.60 6.78
N PRO D 185 -12.81 -35.81 7.13
CA PRO D 185 -12.18 -34.96 6.11
C PRO D 185 -11.29 -35.72 5.12
N LYS D 186 -11.33 -35.24 3.86
CA LYS D 186 -10.49 -35.68 2.74
C LYS D 186 -9.28 -34.76 2.79
N THR D 187 -8.17 -35.33 3.25
CA THR D 187 -6.95 -34.60 3.54
C THR D 187 -5.81 -34.88 2.54
N HIS D 188 -4.96 -33.85 2.32
CA HIS D 188 -3.76 -33.87 1.46
C HIS D 188 -2.80 -32.72 1.85
N VAL D 189 -1.48 -32.90 1.62
CA VAL D 189 -0.47 -31.90 1.95
C VAL D 189 0.06 -31.24 0.65
N THR D 190 0.03 -29.90 0.60
CA THR D 190 0.46 -29.09 -0.54
C THR D 190 1.75 -28.36 -0.19
N HIS D 191 2.73 -28.43 -1.12
CA HIS D 191 4.05 -27.83 -1.01
C HIS D 191 4.13 -26.56 -1.85
N HIS D 192 4.41 -25.42 -1.19
CA HIS D 192 4.52 -24.12 -1.85
C HIS D 192 5.97 -23.63 -1.67
N PRO D 193 6.89 -23.98 -2.59
CA PRO D 193 8.27 -23.53 -2.43
C PRO D 193 8.34 -22.01 -2.61
N ILE D 194 8.72 -21.28 -1.57
CA ILE D 194 8.69 -19.79 -1.61
C ILE D 194 9.99 -19.01 -1.90
N SER D 195 11.03 -19.24 -1.12
CA SER D 195 12.34 -18.75 -1.49
C SER D 195 13.49 -19.66 -1.09
N ASP D 196 14.14 -20.23 -2.08
CA ASP D 196 15.39 -20.85 -1.78
C ASP D 196 15.09 -21.85 -0.69
N HIS D 197 15.71 -21.59 0.45
CA HIS D 197 15.86 -22.55 1.52
C HIS D 197 14.60 -22.65 2.37
N GLU D 198 13.51 -22.10 1.86
CA GLU D 198 12.24 -21.96 2.59
C GLU D 198 11.07 -22.42 1.73
N ALA D 199 10.09 -23.13 2.34
CA ALA D 199 8.90 -23.64 1.65
C ALA D 199 7.68 -23.82 2.57
N THR D 200 6.48 -23.49 2.07
CA THR D 200 5.23 -23.65 2.82
C THR D 200 4.76 -25.09 2.66
N LEU D 201 4.26 -25.66 3.77
CA LEU D 201 3.76 -27.01 3.84
C LEU D 201 2.36 -26.96 4.42
N ARG D 202 1.37 -26.74 3.55
CA ARG D 202 -0.05 -26.57 3.88
C ARG D 202 -0.76 -27.92 3.98
N CYS D 203 -1.41 -28.17 5.11
CA CYS D 203 -2.15 -29.39 5.39
C CYS D 203 -3.65 -29.14 5.28
N TRP D 204 -4.24 -29.61 4.16
CA TRP D 204 -5.67 -29.46 3.83
C TRP D 204 -6.53 -30.52 4.47
N ALA D 205 -7.76 -30.15 4.83
CA ALA D 205 -8.79 -31.02 5.40
C ALA D 205 -10.15 -30.52 4.89
N LEU D 206 -10.57 -31.07 3.74
CA LEU D 206 -11.82 -30.68 3.07
C LEU D 206 -12.92 -31.74 3.28
N GLY D 207 -14.17 -31.28 3.24
CA GLY D 207 -15.35 -32.13 3.32
C GLY D 207 -15.56 -32.86 4.62
N PHE D 208 -15.61 -32.13 5.74
CA PHE D 208 -15.84 -32.75 7.03
C PHE D 208 -17.07 -32.18 7.73
N TYR D 209 -17.80 -33.06 8.42
CA TYR D 209 -18.97 -32.71 9.23
C TYR D 209 -18.86 -33.50 10.56
N PRO D 210 -18.96 -32.86 11.76
CA PRO D 210 -19.23 -31.43 12.02
C PRO D 210 -18.00 -30.53 11.86
N ALA D 211 -18.09 -29.29 12.39
CA ALA D 211 -17.02 -28.29 12.32
C ALA D 211 -15.89 -28.59 13.31
N GLU D 212 -16.14 -29.43 14.35
CA GLU D 212 -15.10 -29.77 15.34
C GLU D 212 -14.03 -30.68 14.73
N ILE D 213 -12.81 -30.16 14.71
CA ILE D 213 -11.61 -30.80 14.16
C ILE D 213 -10.36 -30.21 14.88
N THR D 214 -9.20 -30.92 14.82
CA THR D 214 -7.94 -30.48 15.42
C THR D 214 -6.78 -30.80 14.46
N LEU D 215 -6.32 -29.76 13.74
CA LEU D 215 -5.21 -29.85 12.80
C LEU D 215 -3.93 -29.32 13.44
N THR D 216 -2.88 -30.17 13.53
CA THR D 216 -1.58 -29.80 14.12
C THR D 216 -0.42 -30.33 13.29
N TRP D 217 0.66 -29.55 13.24
CA TRP D 217 1.91 -29.95 12.59
C TRP D 217 2.88 -30.39 13.67
N GLN D 218 3.80 -31.33 13.36
CA GLN D 218 4.75 -31.80 14.34
C GLN D 218 6.13 -32.13 13.76
N ARG D 219 7.18 -31.39 14.19
CA ARG D 219 8.57 -31.61 13.79
C ARG D 219 9.13 -32.73 14.67
N ASP D 220 9.19 -33.95 14.09
CA ASP D 220 9.69 -35.17 14.75
C ASP D 220 8.87 -35.44 16.04
N GLY D 221 7.53 -35.40 15.87
CA GLY D 221 6.55 -35.64 16.92
C GLY D 221 6.45 -34.59 18.00
N GLU D 222 6.90 -33.34 17.72
CA GLU D 222 6.88 -32.20 18.65
C GLU D 222 5.98 -31.08 18.13
N ASP D 223 5.12 -30.51 19.01
CA ASP D 223 4.20 -29.41 18.70
C ASP D 223 4.91 -28.25 18.05
N GLN D 224 4.31 -27.71 16.97
CA GLN D 224 4.87 -26.60 16.20
C GLN D 224 3.89 -25.42 16.10
N THR D 225 2.90 -25.37 17.02
CA THR D 225 1.83 -24.35 17.11
C THR D 225 2.36 -22.91 16.95
N GLN D 226 3.51 -22.61 17.59
CA GLN D 226 4.21 -21.33 17.61
C GLN D 226 4.53 -20.83 16.21
N ASP D 227 4.80 -21.77 15.27
CA ASP D 227 5.16 -21.45 13.89
C ASP D 227 4.12 -21.95 12.85
N THR D 228 2.91 -22.35 13.31
CA THR D 228 1.82 -22.82 12.45
C THR D 228 0.69 -21.78 12.39
N GLU D 229 0.43 -21.22 11.18
CA GLU D 229 -0.69 -20.30 11.01
C GLU D 229 -1.94 -21.12 10.69
N LEU D 230 -3.08 -20.77 11.30
CA LEU D 230 -4.31 -21.52 11.13
C LEU D 230 -5.53 -20.65 10.82
N VAL D 231 -6.28 -21.05 9.78
CA VAL D 231 -7.52 -20.42 9.40
C VAL D 231 -8.65 -20.97 10.26
N GLU D 232 -9.64 -20.14 10.57
CA GLU D 232 -10.81 -20.55 11.35
C GLU D 232 -11.64 -21.50 10.46
N THR D 233 -12.31 -22.53 11.04
CA THR D 233 -13.12 -23.50 10.29
C THR D 233 -14.17 -22.73 9.44
N ARG D 234 -14.14 -22.98 8.11
CA ARG D 234 -14.99 -22.30 7.14
C ARG D 234 -16.05 -23.23 6.49
N PRO D 235 -17.31 -22.74 6.30
CA PRO D 235 -18.36 -23.59 5.69
C PRO D 235 -18.21 -23.72 4.18
N ALA D 236 -18.16 -24.95 3.68
CA ALA D 236 -18.01 -25.19 2.24
C ALA D 236 -19.33 -24.90 1.46
N GLY D 237 -20.44 -24.69 2.17
CA GLY D 237 -21.74 -24.36 1.59
C GLY D 237 -22.64 -25.54 1.27
N ASP D 238 -22.05 -26.74 1.13
CA ASP D 238 -22.76 -27.99 0.85
C ASP D 238 -22.90 -28.81 2.15
N ARG D 239 -23.24 -28.09 3.26
CA ARG D 239 -23.44 -28.61 4.62
C ARG D 239 -22.11 -29.10 5.27
N THR D 240 -21.02 -29.15 4.50
CA THR D 240 -19.70 -29.62 4.97
C THR D 240 -18.77 -28.42 5.31
N PHE D 241 -17.67 -28.70 6.05
CA PHE D 241 -16.71 -27.68 6.50
C PHE D 241 -15.29 -27.97 6.03
N GLN D 242 -14.43 -26.93 6.07
CA GLN D 242 -13.03 -27.03 5.66
C GLN D 242 -12.11 -26.17 6.53
N LYS D 243 -10.80 -26.51 6.56
CA LYS D 243 -9.72 -25.85 7.33
C LYS D 243 -8.34 -26.28 6.81
N TRP D 244 -7.28 -25.46 7.06
CA TRP D 244 -5.90 -25.80 6.71
C TRP D 244 -4.91 -25.24 7.71
N ALA D 245 -3.88 -26.05 8.03
CA ALA D 245 -2.78 -25.69 8.93
C ALA D 245 -1.48 -25.68 8.10
N ALA D 246 -0.72 -24.56 8.11
CA ALA D 246 0.51 -24.47 7.33
C ALA D 246 1.72 -24.04 8.14
N VAL D 247 2.92 -24.52 7.72
CA VAL D 247 4.22 -24.23 8.33
C VAL D 247 5.26 -23.88 7.26
N VAL D 248 6.19 -22.97 7.59
CA VAL D 248 7.30 -22.63 6.71
C VAL D 248 8.46 -23.55 7.16
N VAL D 249 8.89 -24.46 6.29
CA VAL D 249 9.91 -25.45 6.63
C VAL D 249 11.17 -25.32 5.70
N PRO D 250 12.41 -25.37 6.26
CA PRO D 250 13.61 -25.29 5.41
C PRO D 250 13.77 -26.50 4.48
N SER D 251 14.50 -26.32 3.38
CA SER D 251 14.75 -27.35 2.37
C SER D 251 15.52 -28.54 2.96
N GLY D 252 15.02 -29.74 2.70
CA GLY D 252 15.61 -30.99 3.19
C GLY D 252 14.82 -31.58 4.34
N GLU D 253 14.49 -30.75 5.35
CA GLU D 253 13.71 -31.13 6.54
C GLU D 253 12.21 -31.27 6.19
N GLU D 254 11.88 -31.24 4.88
CA GLU D 254 10.54 -31.35 4.31
C GLU D 254 9.83 -32.65 4.72
N GLN D 255 10.59 -33.77 4.85
CA GLN D 255 10.08 -35.08 5.22
C GLN D 255 10.37 -35.42 6.71
N ARG D 256 10.25 -34.42 7.59
CA ARG D 256 10.47 -34.54 9.03
C ARG D 256 9.26 -34.09 9.84
N TYR D 257 8.43 -33.24 9.23
CA TYR D 257 7.23 -32.64 9.82
C TYR D 257 6.00 -33.52 9.48
N THR D 258 5.17 -33.87 10.49
CA THR D 258 3.98 -34.71 10.28
C THR D 258 2.69 -33.98 10.65
N CYS D 259 1.67 -34.07 9.78
CA CYS D 259 0.38 -33.45 10.02
C CYS D 259 -0.55 -34.44 10.72
N HIS D 260 -1.30 -33.95 11.70
CA HIS D 260 -2.20 -34.77 12.50
C HIS D 260 -3.62 -34.19 12.50
N VAL D 261 -4.62 -35.05 12.18
CA VAL D 261 -6.04 -34.69 12.11
C VAL D 261 -6.82 -35.47 13.18
N GLN D 262 -7.61 -34.74 13.97
CA GLN D 262 -8.48 -35.29 15.00
C GLN D 262 -9.92 -34.99 14.61
N HIS D 263 -10.73 -36.03 14.32
CA HIS D 263 -12.11 -35.81 13.91
C HIS D 263 -13.08 -36.92 14.36
N GLU D 264 -14.35 -36.51 14.60
CA GLU D 264 -15.50 -37.32 15.03
C GLU D 264 -15.78 -38.46 14.03
N GLY D 265 -15.81 -38.10 12.73
CA GLY D 265 -16.03 -39.03 11.63
C GLY D 265 -14.85 -39.91 11.29
N LEU D 266 -13.70 -39.68 11.96
CA LEU D 266 -12.47 -40.43 11.78
C LEU D 266 -12.32 -41.53 12.86
N PRO D 267 -11.87 -42.75 12.53
CA PRO D 267 -11.61 -43.82 13.53
C PRO D 267 -10.38 -43.79 14.52
N LYS D 268 -9.18 -43.54 14.00
CA LYS D 268 -7.93 -43.27 14.72
C LYS D 268 -7.28 -41.98 14.17
N PRO D 269 -6.53 -41.18 14.99
CA PRO D 269 -5.92 -39.96 14.44
C PRO D 269 -4.99 -40.24 13.26
N LEU D 270 -5.24 -39.58 12.13
CA LEU D 270 -4.42 -39.78 10.94
C LEU D 270 -3.17 -38.94 11.02
N THR D 271 -2.04 -39.62 10.89
CA THR D 271 -0.70 -39.05 10.92
C THR D 271 -0.21 -38.92 9.46
N LEU D 272 -0.92 -38.12 8.65
CA LEU D 272 -0.57 -37.96 7.23
C LEU D 272 0.65 -37.04 7.02
N ARG D 273 1.37 -37.28 5.92
CA ARG D 273 2.63 -36.66 5.50
C ARG D 273 2.54 -36.17 4.04
N TRP D 274 3.45 -35.25 3.64
CA TRP D 274 3.56 -34.73 2.28
C TRP D 274 4.24 -35.78 1.38
N GLU D 275 3.50 -36.26 0.35
CA GLU D 275 3.96 -37.28 -0.59
C GLU D 275 4.15 -36.68 -2.00
N PRO D 276 5.41 -36.55 -2.49
CA PRO D 276 5.62 -36.00 -3.84
C PRO D 276 5.09 -36.93 -4.93
N ILE E 1 -22.15 -1.75 20.17
CA ILE E 1 -20.71 -1.94 19.93
C ILE E 1 -20.44 -2.10 18.42
N GLN E 2 -19.17 -1.92 18.00
CA GLN E 2 -18.77 -2.06 16.60
C GLN E 2 -17.53 -2.94 16.47
N ARG E 3 -17.58 -3.98 15.64
CA ARG E 3 -16.46 -4.88 15.39
C ARG E 3 -16.41 -5.23 13.90
N THR E 4 -15.24 -5.04 13.27
CA THR E 4 -15.02 -5.22 11.83
C THR E 4 -15.18 -6.70 11.36
N PRO E 5 -15.67 -6.95 10.10
CA PRO E 5 -15.76 -8.34 9.62
C PRO E 5 -14.41 -8.94 9.27
N LYS E 6 -14.37 -10.27 9.18
CA LYS E 6 -13.17 -11.04 8.85
C LYS E 6 -13.55 -11.96 7.71
N ILE E 7 -12.97 -11.65 6.54
CA ILE E 7 -13.22 -12.24 5.22
C ILE E 7 -12.28 -13.42 4.91
N GLN E 8 -12.81 -14.40 4.15
CA GLN E 8 -12.12 -15.59 3.63
C GLN E 8 -12.72 -15.97 2.26
N VAL E 9 -11.88 -15.87 1.20
CA VAL E 9 -12.28 -16.18 -0.19
CA VAL E 9 -12.32 -16.19 -0.16
C VAL E 9 -11.65 -17.53 -0.55
N TYR E 10 -12.49 -18.53 -0.82
CA TYR E 10 -12.07 -19.89 -1.14
C TYR E 10 -13.02 -20.62 -2.08
N SER E 11 -12.57 -21.77 -2.62
CA SER E 11 -13.34 -22.66 -3.50
C SER E 11 -13.75 -23.91 -2.72
N ARG E 12 -15.03 -24.33 -2.86
CA ARG E 12 -15.69 -25.49 -2.22
C ARG E 12 -14.88 -26.79 -2.38
N HIS E 13 -14.35 -27.03 -3.59
CA HIS E 13 -13.57 -28.21 -3.92
C HIS E 13 -12.17 -27.79 -4.38
N PRO E 14 -11.14 -28.67 -4.25
CA PRO E 14 -9.78 -28.29 -4.69
C PRO E 14 -9.70 -27.83 -6.15
N ALA E 15 -8.77 -26.89 -6.41
CA ALA E 15 -8.55 -26.24 -7.71
C ALA E 15 -8.30 -27.23 -8.87
N GLU E 16 -9.01 -26.98 -9.98
CA GLU E 16 -8.97 -27.68 -11.27
C GLU E 16 -9.67 -26.77 -12.29
N ASN E 17 -8.94 -26.29 -13.29
CA ASN E 17 -9.47 -25.36 -14.29
C ASN E 17 -10.44 -26.02 -15.26
N GLY E 18 -11.54 -25.32 -15.53
CA GLY E 18 -12.61 -25.75 -16.43
C GLY E 18 -13.55 -26.77 -15.83
N LYS E 19 -13.76 -26.70 -14.50
CA LYS E 19 -14.63 -27.61 -13.73
C LYS E 19 -15.77 -26.81 -13.07
N SER E 20 -16.93 -27.47 -12.89
CA SER E 20 -18.09 -26.87 -12.22
C SER E 20 -17.81 -26.85 -10.71
N ASN E 21 -17.42 -25.67 -10.20
CA ASN E 21 -17.08 -25.47 -8.80
C ASN E 21 -17.91 -24.32 -8.21
N PHE E 22 -17.59 -23.90 -6.97
CA PHE E 22 -18.28 -22.80 -6.28
C PHE E 22 -17.28 -21.80 -5.72
N LEU E 23 -17.67 -20.51 -5.68
CA LEU E 23 -16.84 -19.45 -5.12
C LEU E 23 -17.51 -18.93 -3.85
N ASN E 24 -16.86 -19.20 -2.71
CA ASN E 24 -17.34 -18.88 -1.37
C ASN E 24 -16.55 -17.73 -0.72
N CYS E 25 -17.29 -16.84 -0.04
CA CYS E 25 -16.73 -15.75 0.74
C CYS E 25 -17.36 -15.76 2.14
N TYR E 26 -16.55 -16.22 3.13
CA TYR E 26 -16.94 -16.31 4.53
C TYR E 26 -16.56 -15.03 5.26
N VAL E 27 -17.59 -14.27 5.61
CA VAL E 27 -17.50 -13.02 6.36
C VAL E 27 -18.04 -13.32 7.78
N SER E 28 -17.20 -13.10 8.81
CA SER E 28 -17.54 -13.40 10.22
C SER E 28 -16.88 -12.45 11.18
N GLY E 29 -17.42 -12.34 12.38
CA GLY E 29 -16.85 -11.51 13.42
C GLY E 29 -17.29 -10.06 13.41
N PHE E 30 -18.21 -9.73 12.50
CA PHE E 30 -18.72 -8.37 12.33
C PHE E 30 -19.83 -8.02 13.27
N HIS E 31 -19.93 -6.72 13.59
CA HIS E 31 -20.95 -6.12 14.44
C HIS E 31 -21.02 -4.62 14.16
N PRO E 32 -22.20 -4.05 13.81
CA PRO E 32 -23.55 -4.65 13.70
C PRO E 32 -23.74 -5.60 12.51
N SER E 33 -24.95 -6.17 12.41
CA SER E 33 -25.37 -7.16 11.41
C SER E 33 -25.37 -6.63 9.96
N ASP E 34 -25.59 -5.32 9.79
CA ASP E 34 -25.66 -4.66 8.49
C ASP E 34 -24.31 -4.69 7.77
N ILE E 35 -24.23 -5.49 6.70
CA ILE E 35 -23.04 -5.69 5.89
C ILE E 35 -23.40 -5.73 4.39
N GLU E 36 -22.52 -5.15 3.58
CA GLU E 36 -22.63 -5.10 2.13
C GLU E 36 -21.54 -6.00 1.55
N VAL E 37 -21.91 -7.14 0.97
CA VAL E 37 -20.93 -8.08 0.41
C VAL E 37 -21.23 -8.30 -1.07
N ASP E 38 -20.19 -8.27 -1.90
CA ASP E 38 -20.29 -8.48 -3.34
C ASP E 38 -19.11 -9.25 -3.89
N LEU E 39 -19.40 -10.36 -4.59
CA LEU E 39 -18.38 -11.20 -5.24
CA LEU E 39 -18.36 -11.17 -5.21
C LEU E 39 -18.03 -10.59 -6.57
N LEU E 40 -16.74 -10.56 -6.94
CA LEU E 40 -16.30 -9.95 -8.19
C LEU E 40 -15.55 -10.91 -9.10
N LYS E 41 -15.91 -10.87 -10.40
CA LYS E 41 -15.30 -11.61 -11.49
C LYS E 41 -14.50 -10.58 -12.31
N ASN E 42 -13.16 -10.62 -12.23
CA ASN E 42 -12.22 -9.73 -12.92
C ASN E 42 -12.55 -8.23 -12.67
N GLY E 43 -13.01 -7.91 -11.46
CA GLY E 43 -13.31 -6.55 -11.03
C GLY E 43 -14.74 -6.07 -11.13
N GLU E 44 -15.58 -6.77 -11.92
CA GLU E 44 -17.01 -6.42 -12.11
C GLU E 44 -17.90 -7.14 -11.08
N ARG E 45 -18.94 -6.45 -10.56
CA ARG E 45 -19.87 -7.02 -9.57
C ARG E 45 -20.76 -8.10 -10.20
N ILE E 46 -20.80 -9.30 -9.59
CA ILE E 46 -21.63 -10.43 -10.03
C ILE E 46 -23.07 -10.16 -9.53
N GLU E 47 -24.09 -10.27 -10.42
CA GLU E 47 -25.49 -9.98 -10.10
C GLU E 47 -26.23 -11.08 -9.29
N LYS E 48 -25.81 -12.36 -9.45
CA LYS E 48 -26.43 -13.54 -8.83
C LYS E 48 -25.88 -13.84 -7.42
N VAL E 49 -25.78 -12.79 -6.57
CA VAL E 49 -25.25 -12.85 -5.20
C VAL E 49 -26.24 -13.61 -4.27
N GLU E 50 -25.85 -14.84 -3.89
CA GLU E 50 -26.60 -15.73 -3.01
C GLU E 50 -25.86 -15.83 -1.67
N HIS E 51 -26.57 -15.60 -0.55
CA HIS E 51 -25.99 -15.61 0.79
C HIS E 51 -26.70 -16.60 1.74
N SER E 52 -26.12 -16.80 2.94
CA SER E 52 -26.66 -17.70 3.96
C SER E 52 -27.65 -16.93 4.87
N ASP E 53 -28.27 -17.61 5.85
CA ASP E 53 -29.16 -16.97 6.81
C ASP E 53 -28.34 -16.38 7.95
N LEU E 54 -28.49 -15.05 8.19
CA LEU E 54 -27.75 -14.30 9.20
C LEU E 54 -27.66 -15.05 10.51
N SER E 55 -26.44 -15.48 10.85
CA SER E 55 -26.18 -16.23 12.06
C SER E 55 -25.13 -15.53 12.93
N PHE E 56 -24.97 -16.00 14.17
CA PHE E 56 -24.02 -15.47 15.15
C PHE E 56 -23.43 -16.60 16.01
N SER E 57 -22.19 -16.34 16.47
CA SER E 57 -21.39 -17.27 17.29
CA SER E 57 -21.39 -17.27 17.29
C SER E 57 -21.61 -17.03 18.80
N LYS E 58 -20.91 -17.79 19.66
CA LYS E 58 -21.04 -17.68 21.12
C LYS E 58 -20.44 -16.37 21.68
N ASP E 59 -19.57 -15.69 20.92
CA ASP E 59 -19.00 -14.42 21.33
C ASP E 59 -19.88 -13.24 20.86
N TRP E 60 -21.13 -13.57 20.43
CA TRP E 60 -22.20 -12.72 19.93
C TRP E 60 -21.91 -12.09 18.54
N SER E 61 -20.74 -12.41 17.92
CA SER E 61 -20.36 -11.89 16.61
CA SER E 61 -20.39 -11.88 16.61
C SER E 61 -21.13 -12.62 15.50
N PHE E 62 -21.51 -11.89 14.44
CA PHE E 62 -22.25 -12.42 13.29
C PHE E 62 -21.34 -13.10 12.26
N TYR E 63 -21.96 -13.85 11.32
CA TYR E 63 -21.32 -14.53 10.21
C TYR E 63 -22.32 -14.80 9.07
N LEU E 64 -21.82 -14.70 7.83
CA LEU E 64 -22.55 -14.92 6.57
C LEU E 64 -21.64 -15.50 5.50
N LEU E 65 -22.19 -16.40 4.67
CA LEU E 65 -21.46 -17.00 3.55
C LEU E 65 -22.09 -16.57 2.21
N TYR E 66 -21.30 -15.89 1.37
CA TYR E 66 -21.71 -15.40 0.06
C TYR E 66 -21.09 -16.29 -1.02
N TYR E 67 -21.95 -17.13 -1.62
CA TYR E 67 -21.61 -18.17 -2.58
C TYR E 67 -22.29 -17.99 -3.93
N THR E 68 -21.61 -18.47 -4.99
CA THR E 68 -22.09 -18.48 -6.37
C THR E 68 -21.25 -19.51 -7.16
N GLU E 69 -21.90 -20.24 -8.09
CA GLU E 69 -21.29 -21.26 -8.95
C GLU E 69 -20.28 -20.58 -9.90
N PHE E 70 -19.02 -21.04 -9.90
CA PHE E 70 -17.97 -20.42 -10.72
C PHE E 70 -17.11 -21.46 -11.46
N THR E 71 -16.58 -21.07 -12.63
CA THR E 71 -15.69 -21.90 -13.46
C THR E 71 -14.29 -21.26 -13.43
N PRO E 72 -13.29 -21.93 -12.80
CA PRO E 72 -11.96 -21.31 -12.69
C PRO E 72 -11.15 -21.40 -13.97
N THR E 73 -10.51 -20.28 -14.31
CA THR E 73 -9.64 -20.13 -15.46
C THR E 73 -8.29 -19.60 -14.95
N GLU E 74 -7.26 -19.63 -15.80
CA GLU E 74 -5.91 -19.17 -15.49
C GLU E 74 -5.86 -17.64 -15.44
N LYS E 75 -6.48 -16.97 -16.43
CA LYS E 75 -6.49 -15.52 -16.62
C LYS E 75 -7.46 -14.78 -15.70
N ASP E 76 -8.64 -15.38 -15.43
CA ASP E 76 -9.70 -14.80 -14.60
C ASP E 76 -9.24 -14.59 -13.15
N GLU E 77 -9.51 -13.38 -12.61
CA GLU E 77 -9.15 -12.93 -11.26
C GLU E 77 -10.40 -12.66 -10.42
N TYR E 78 -10.77 -13.60 -9.55
CA TYR E 78 -11.96 -13.50 -8.70
C TYR E 78 -11.63 -12.94 -7.32
N ALA E 79 -12.59 -12.20 -6.71
CA ALA E 79 -12.42 -11.56 -5.41
C ALA E 79 -13.73 -11.46 -4.61
N CYS E 80 -13.68 -10.82 -3.41
CA CYS E 80 -14.81 -10.59 -2.52
C CYS E 80 -14.68 -9.18 -1.95
N ARG E 81 -15.66 -8.31 -2.27
CA ARG E 81 -15.70 -6.93 -1.81
C ARG E 81 -16.73 -6.77 -0.70
N VAL E 82 -16.24 -6.40 0.48
CA VAL E 82 -17.05 -6.20 1.66
C VAL E 82 -16.99 -4.74 2.12
N ASN E 83 -18.14 -4.23 2.51
CA ASN E 83 -18.28 -2.90 3.09
C ASN E 83 -19.13 -3.02 4.36
N HIS E 84 -18.63 -2.38 5.43
CA HIS E 84 -19.22 -2.36 6.76
C HIS E 84 -19.02 -0.98 7.37
N VAL E 85 -19.89 -0.60 8.32
CA VAL E 85 -19.87 0.66 9.05
C VAL E 85 -18.47 0.92 9.70
N THR E 86 -17.74 -0.17 10.03
CA THR E 86 -16.41 -0.14 10.63
C THR E 86 -15.35 0.18 9.58
N LEU E 87 -15.58 -0.27 8.33
CA LEU E 87 -14.66 -0.05 7.21
C LEU E 87 -14.73 1.38 6.68
N SER E 88 -13.54 2.00 6.57
CA SER E 88 -13.33 3.34 6.03
C SER E 88 -13.52 3.32 4.52
N GLN E 89 -13.23 2.17 3.89
CA GLN E 89 -13.34 1.98 2.45
C GLN E 89 -13.59 0.48 2.12
N PRO E 90 -14.42 0.17 1.07
CA PRO E 90 -14.71 -1.24 0.73
C PRO E 90 -13.47 -2.13 0.55
N LYS E 91 -13.39 -3.18 1.37
CA LYS E 91 -12.32 -4.17 1.40
C LYS E 91 -12.48 -5.16 0.25
N ILE E 92 -11.42 -5.37 -0.53
CA ILE E 92 -11.41 -6.34 -1.62
C ILE E 92 -10.37 -7.41 -1.24
N VAL E 93 -10.76 -8.68 -1.34
CA VAL E 93 -9.86 -9.80 -1.02
C VAL E 93 -9.80 -10.74 -2.23
N LYS E 94 -8.65 -10.77 -2.92
CA LYS E 94 -8.43 -11.61 -4.10
C LYS E 94 -8.42 -13.11 -3.75
N TRP E 95 -8.98 -13.96 -4.63
CA TRP E 95 -9.02 -15.41 -4.44
C TRP E 95 -7.68 -16.05 -4.79
N ASP E 96 -7.18 -16.89 -3.86
CA ASP E 96 -5.96 -17.66 -4.00
C ASP E 96 -6.33 -19.13 -3.91
N ARG E 97 -6.02 -19.91 -4.95
CA ARG E 97 -6.30 -21.36 -5.02
C ARG E 97 -5.51 -22.14 -3.97
N ASP E 98 -4.34 -21.59 -3.58
CA ASP E 98 -3.43 -22.13 -2.58
C ASP E 98 -3.92 -21.80 -1.16
N MET E 99 -4.96 -20.95 -1.04
CA MET E 99 -5.52 -20.53 0.25
C MET E 99 -7.05 -20.73 0.30
N PHE F 1 -39.01 -26.93 17.87
CA PHE F 1 -40.07 -26.51 18.78
C PHE F 1 -39.56 -25.37 19.65
N ARG F 2 -40.34 -24.28 19.79
CA ARG F 2 -39.96 -23.08 20.55
C ARG F 2 -40.52 -23.00 21.97
N TYR F 3 -39.86 -22.22 22.84
CA TYR F 3 -40.31 -21.94 24.20
C TYR F 3 -41.28 -20.78 24.10
N ASN F 4 -42.58 -21.05 24.26
CA ASN F 4 -43.62 -20.02 24.10
C ASN F 4 -43.62 -18.92 25.17
N GLY F 5 -43.13 -19.20 26.36
CA GLY F 5 -43.25 -18.22 27.42
C GLY F 5 -42.18 -17.15 27.47
N LEU F 6 -42.04 -16.46 26.36
CA LEU F 6 -41.14 -15.32 26.24
C LEU F 6 -41.63 -14.18 27.16
N ILE F 7 -40.79 -13.76 28.11
CA ILE F 7 -41.16 -12.72 29.07
C ILE F 7 -40.28 -11.48 28.85
N HIS F 8 -40.89 -10.30 29.01
CA HIS F 8 -40.30 -8.97 28.88
C HIS F 8 -39.09 -8.75 29.77
N ARG F 9 -38.14 -7.94 29.29
CA ARG F 9 -36.91 -7.56 30.01
C ARG F 9 -37.14 -6.26 30.80
N VAL G 1 -9.35 -18.45 37.49
CA VAL G 1 -8.93 -17.70 36.28
C VAL G 1 -7.61 -17.00 36.55
N GLN G 2 -6.56 -17.45 35.86
CA GLN G 2 -5.22 -16.90 35.98
C GLN G 2 -4.48 -16.94 34.64
N LEU G 3 -3.80 -15.83 34.29
CA LEU G 3 -3.00 -15.74 33.05
C LEU G 3 -1.51 -15.70 33.41
N LYS G 4 -0.72 -16.69 32.96
CA LYS G 4 0.71 -16.75 33.30
C LYS G 4 1.64 -16.57 32.08
N GLN G 5 2.27 -15.40 31.99
CA GLN G 5 3.18 -15.08 30.90
C GLN G 5 4.61 -15.60 31.16
N SER G 6 5.30 -15.88 30.04
CA SER G 6 6.65 -16.40 29.98
C SER G 6 7.27 -15.91 28.70
N GLY G 7 8.57 -15.64 28.71
CA GLY G 7 9.27 -15.16 27.52
C GLY G 7 10.54 -14.42 27.87
N PRO G 8 11.49 -14.28 26.93
CA PRO G 8 12.75 -13.59 27.25
C PRO G 8 12.54 -12.11 27.49
N GLY G 9 13.47 -11.50 28.23
CA GLY G 9 13.42 -10.07 28.54
C GLY G 9 14.35 -9.23 27.71
N LEU G 10 15.20 -9.85 26.89
CA LEU G 10 16.14 -9.10 26.08
C LEU G 10 16.17 -9.63 24.65
N VAL G 11 15.86 -8.71 23.72
CA VAL G 11 15.82 -8.95 22.28
C VAL G 11 16.86 -8.05 21.60
N GLN G 12 17.75 -8.65 20.80
CA GLN G 12 18.77 -7.93 20.04
C GLN G 12 18.07 -7.14 18.92
N PRO G 13 18.55 -5.94 18.51
CA PRO G 13 17.82 -5.16 17.50
C PRO G 13 17.61 -5.90 16.17
N SER G 14 16.43 -5.66 15.55
CA SER G 14 15.90 -6.22 14.29
C SER G 14 15.88 -7.76 14.35
N GLN G 15 15.22 -8.26 15.39
CA GLN G 15 15.05 -9.67 15.70
C GLN G 15 13.71 -9.89 16.36
N SER G 16 13.18 -11.10 16.25
CA SER G 16 11.88 -11.53 16.77
C SER G 16 11.80 -11.58 18.29
N LEU G 17 10.58 -11.55 18.85
CA LEU G 17 10.26 -11.72 20.29
C LEU G 17 9.06 -12.66 20.38
N SER G 18 9.21 -13.77 21.11
CA SER G 18 8.19 -14.81 21.28
C SER G 18 7.76 -14.87 22.74
N LEU G 19 6.44 -14.74 22.98
CA LEU G 19 5.87 -14.69 24.32
C LEU G 19 4.71 -15.65 24.48
N THR G 20 4.67 -16.29 25.62
CA THR G 20 3.64 -17.25 25.91
C THR G 20 2.74 -16.68 26.99
N CYS G 21 1.48 -17.15 27.07
CA CYS G 21 0.49 -16.79 28.06
C CYS G 21 -0.26 -18.04 28.42
N THR G 22 0.24 -18.79 29.39
CA THR G 22 -0.40 -20.04 29.78
C THR G 22 -1.55 -19.69 30.68
N VAL G 23 -2.76 -19.92 30.17
CA VAL G 23 -4.04 -19.66 30.83
C VAL G 23 -4.44 -20.86 31.74
N SER G 24 -5.35 -20.57 32.68
CA SER G 24 -5.89 -21.47 33.73
C SER G 24 -7.28 -20.95 34.13
N GLY G 25 -8.07 -21.80 34.79
CA GLY G 25 -9.41 -21.46 35.24
C GLY G 25 -10.47 -21.37 34.14
N PHE G 26 -10.07 -21.51 32.84
CA PHE G 26 -10.98 -21.44 31.69
C PHE G 26 -10.42 -22.10 30.42
N SER G 27 -11.33 -22.46 29.48
CA SER G 27 -11.01 -23.08 28.21
C SER G 27 -10.67 -22.02 27.22
N LEU G 28 -9.57 -22.26 26.51
CA LEU G 28 -9.05 -21.36 25.48
C LEU G 28 -9.90 -21.46 24.20
N THR G 29 -10.76 -22.47 24.12
CA THR G 29 -11.65 -22.73 22.99
C THR G 29 -12.87 -21.80 23.00
N SER G 30 -13.15 -21.13 24.15
CA SER G 30 -14.35 -20.28 24.29
C SER G 30 -14.04 -18.79 24.34
N TYR G 31 -12.99 -18.40 25.08
CA TYR G 31 -12.63 -17.01 25.32
C TYR G 31 -11.59 -16.49 24.34
N GLY G 32 -11.46 -15.18 24.32
CA GLY G 32 -10.50 -14.47 23.50
C GLY G 32 -9.45 -13.86 24.39
N VAL G 33 -8.18 -14.17 24.13
CA VAL G 33 -7.05 -13.60 24.85
C VAL G 33 -6.54 -12.46 24.00
N HIS G 34 -6.38 -11.28 24.62
CA HIS G 34 -5.86 -10.07 24.00
C HIS G 34 -4.39 -9.88 24.41
N TRP G 35 -3.66 -9.00 23.71
CA TRP G 35 -2.25 -8.67 23.95
C TRP G 35 -2.09 -7.16 23.90
N VAL G 36 -1.63 -6.57 25.02
CA VAL G 36 -1.51 -5.11 25.21
C VAL G 36 -0.11 -4.79 25.77
N ARG G 37 0.59 -3.82 25.16
CA ARG G 37 1.90 -3.39 25.65
C ARG G 37 1.80 -1.96 26.24
N GLN G 38 2.84 -1.59 27.05
CA GLN G 38 2.97 -0.30 27.71
C GLN G 38 4.45 0.04 27.94
N PRO G 39 5.05 0.99 27.19
CA PRO G 39 6.46 1.37 27.45
C PRO G 39 6.65 2.00 28.83
N PRO G 40 7.85 1.91 29.46
CA PRO G 40 8.04 2.51 30.80
C PRO G 40 7.80 4.03 30.78
N GLY G 41 7.04 4.49 31.78
CA GLY G 41 6.63 5.88 31.93
C GLY G 41 5.35 6.15 31.14
N LYS G 42 5.42 5.89 29.82
CA LYS G 42 4.36 6.05 28.81
C LYS G 42 3.11 5.13 29.05
N GLY G 43 1.99 5.49 28.42
CA GLY G 43 0.71 4.81 28.53
C GLY G 43 0.60 3.45 27.87
N LEU G 44 -0.64 2.90 27.84
CA LEU G 44 -0.99 1.57 27.30
C LEU G 44 -1.45 1.62 25.83
N GLU G 45 -1.18 0.51 25.09
CA GLU G 45 -1.53 0.32 23.68
C GLU G 45 -1.83 -1.16 23.39
N TRP G 46 -2.96 -1.41 22.68
CA TRP G 46 -3.48 -2.72 22.27
C TRP G 46 -2.83 -3.16 20.95
N LEU G 47 -2.33 -4.41 20.93
CA LEU G 47 -1.61 -4.93 19.77
C LEU G 47 -2.39 -6.01 19.00
N GLY G 48 -3.14 -6.85 19.72
CA GLY G 48 -3.93 -7.91 19.09
C GLY G 48 -4.85 -8.70 20.00
N VAL G 49 -5.51 -9.74 19.41
CA VAL G 49 -6.44 -10.67 20.06
C VAL G 49 -6.56 -11.96 19.23
N ILE G 50 -6.69 -13.12 19.90
CA ILE G 50 -6.94 -14.39 19.26
C ILE G 50 -8.33 -14.83 19.79
N TRP G 51 -9.28 -14.93 18.87
CA TRP G 51 -10.65 -15.32 19.17
C TRP G 51 -10.74 -16.82 19.19
N SER G 52 -11.78 -17.34 19.89
CA SER G 52 -12.14 -18.76 20.13
C SER G 52 -11.84 -19.67 18.92
N GLY G 53 -12.32 -19.27 17.74
CA GLY G 53 -12.15 -19.98 16.47
C GLY G 53 -10.76 -20.00 15.84
N GLY G 54 -9.89 -19.10 16.28
CA GLY G 54 -8.54 -19.01 15.76
C GLY G 54 -8.39 -17.76 14.94
N SER G 55 -9.45 -16.95 14.89
CA SER G 55 -9.49 -15.70 14.17
C SER G 55 -8.74 -14.66 14.98
N THR G 56 -8.21 -13.65 14.30
CA THR G 56 -7.44 -12.63 14.98
C THR G 56 -7.83 -11.23 14.51
N ASP G 57 -7.45 -10.24 15.32
CA ASP G 57 -7.56 -8.84 14.99
C ASP G 57 -6.25 -8.21 15.47
N TYR G 58 -5.36 -7.91 14.51
CA TYR G 58 -4.06 -7.31 14.84
C TYR G 58 -4.18 -5.81 14.68
N ASN G 59 -3.38 -5.04 15.46
CA ASN G 59 -3.36 -3.60 15.39
C ASN G 59 -2.76 -3.23 14.08
N ALA G 60 -3.43 -2.44 13.27
CA ALA G 60 -3.06 -2.37 11.86
C ALA G 60 -1.59 -2.01 11.74
N ALA G 61 -1.10 -1.16 12.63
CA ALA G 61 0.30 -0.72 12.62
C ALA G 61 1.30 -1.84 12.67
N PHE G 62 0.88 -3.06 13.04
CA PHE G 62 1.79 -4.18 13.27
C PHE G 62 1.56 -5.41 12.38
N ILE G 63 0.59 -5.38 11.48
CA ILE G 63 0.01 -6.55 10.83
C ILE G 63 0.98 -7.46 10.11
N SER G 64 1.93 -6.89 9.41
CA SER G 64 3.00 -7.58 8.66
C SER G 64 4.14 -8.24 9.52
N ARG G 65 4.17 -8.02 10.85
CA ARG G 65 5.21 -8.58 11.72
C ARG G 65 4.62 -9.30 12.94
N LEU G 66 3.50 -8.81 13.45
CA LEU G 66 2.82 -9.42 14.59
C LEU G 66 2.06 -10.65 14.15
N SER G 67 1.98 -11.63 15.05
CA SER G 67 1.31 -12.90 14.84
C SER G 67 0.91 -13.48 16.18
N ILE G 68 -0.38 -13.82 16.36
CA ILE G 68 -0.88 -14.44 17.59
C ILE G 68 -1.49 -15.80 17.23
N ARG G 69 -0.98 -16.87 17.89
CA ARG G 69 -1.38 -18.26 17.69
C ARG G 69 -1.75 -18.88 19.06
N LYS G 70 -2.40 -20.08 19.09
CA LYS G 70 -2.76 -20.72 20.37
C LYS G 70 -2.91 -22.25 20.31
N ASP G 71 -2.56 -22.90 21.41
CA ASP G 71 -2.76 -24.32 21.63
C ASP G 71 -3.87 -24.45 22.69
N ASN G 72 -5.14 -24.56 22.24
CA ASN G 72 -6.35 -24.72 23.05
C ASN G 72 -6.22 -25.85 24.07
N SER G 73 -5.70 -27.00 23.59
CA SER G 73 -5.44 -28.24 24.32
C SER G 73 -4.46 -28.05 25.47
N LYS G 74 -3.47 -27.15 25.28
CA LYS G 74 -2.41 -26.91 26.24
C LYS G 74 -2.58 -25.56 26.92
N SER G 75 -3.77 -24.93 26.75
CA SER G 75 -4.12 -23.62 27.32
C SER G 75 -3.00 -22.59 27.08
N GLN G 76 -2.39 -22.60 25.90
CA GLN G 76 -1.26 -21.72 25.62
C GLN G 76 -1.48 -20.76 24.47
N VAL G 77 -1.24 -19.46 24.72
CA VAL G 77 -1.33 -18.41 23.68
C VAL G 77 0.10 -18.00 23.31
N PHE G 78 0.39 -17.68 22.03
CA PHE G 78 1.73 -17.27 21.63
C PHE G 78 1.73 -16.00 20.82
N PHE G 79 2.48 -15.00 21.31
CA PHE G 79 2.63 -13.70 20.66
C PHE G 79 4.05 -13.57 20.15
N LYS G 80 4.20 -13.53 18.83
CA LYS G 80 5.49 -13.40 18.16
C LYS G 80 5.50 -12.18 17.29
N MET G 81 6.24 -11.15 17.69
CA MET G 81 6.39 -9.93 16.89
C MET G 81 7.78 -9.94 16.24
N ASN G 82 7.83 -9.60 14.94
CA ASN G 82 9.08 -9.60 14.17
C ASN G 82 9.71 -8.21 14.06
N SER G 83 11.05 -8.19 13.87
CA SER G 83 11.91 -7.02 13.70
C SER G 83 11.75 -6.02 14.86
N LEU G 84 12.10 -6.46 16.06
CA LEU G 84 12.02 -5.61 17.24
C LEU G 84 13.08 -4.53 17.25
N GLN G 85 12.62 -3.28 17.32
CA GLN G 85 13.46 -2.09 17.35
C GLN G 85 13.36 -1.38 18.70
N ALA G 86 14.25 -0.40 18.95
CA ALA G 86 14.32 0.32 20.22
C ALA G 86 12.94 0.72 20.75
N ASP G 87 12.11 1.38 19.93
CA ASP G 87 10.78 1.85 20.32
C ASP G 87 9.83 0.70 20.79
N ASP G 88 10.19 -0.57 20.53
CA ASP G 88 9.40 -1.75 20.92
C ASP G 88 9.70 -2.17 22.38
N THR G 89 10.72 -1.53 23.05
CA THR G 89 11.07 -1.77 24.48
C THR G 89 9.85 -1.37 25.34
N ALA G 90 9.18 -2.36 25.99
CA ALA G 90 7.95 -2.17 26.81
C ALA G 90 7.58 -3.41 27.67
N ILE G 91 6.51 -3.27 28.49
CA ILE G 91 5.93 -4.35 29.29
C ILE G 91 4.73 -4.84 28.51
N TYR G 92 4.72 -6.14 28.21
CA TYR G 92 3.72 -6.81 27.38
C TYR G 92 2.85 -7.70 28.23
N TYR G 93 1.52 -7.46 28.25
CA TYR G 93 0.50 -8.20 29.01
C TYR G 93 -0.49 -8.94 28.11
N CYS G 94 -0.94 -10.13 28.55
CA CYS G 94 -2.02 -10.82 27.87
C CYS G 94 -3.26 -10.55 28.73
N ALA G 95 -4.37 -10.21 28.11
CA ALA G 95 -5.55 -9.86 28.89
C ALA G 95 -6.77 -10.63 28.42
N ARG G 96 -7.84 -10.66 29.24
CA ARG G 96 -9.09 -11.37 28.91
C ARG G 96 -10.29 -10.66 29.53
N THR G 97 -11.40 -10.54 28.75
CA THR G 97 -12.65 -9.88 29.22
C THR G 97 -13.37 -10.82 30.21
N PHE G 98 -14.39 -10.33 30.92
CA PHE G 98 -15.07 -11.16 31.89
C PHE G 98 -15.90 -12.26 31.23
N THR G 99 -16.68 -11.94 30.18
CA THR G 99 -17.54 -12.90 29.48
C THR G 99 -16.89 -13.54 28.24
N THR G 100 -17.67 -14.41 27.56
CA THR G 100 -17.30 -15.16 26.36
C THR G 100 -17.35 -14.21 25.11
N SER G 101 -18.09 -13.07 25.21
CA SER G 101 -18.28 -12.06 24.17
C SER G 101 -16.97 -11.46 23.64
N THR G 102 -17.10 -10.55 22.64
CA THR G 102 -16.01 -9.83 21.96
C THR G 102 -15.73 -8.48 22.62
N SER G 103 -16.15 -8.31 23.88
CA SER G 103 -15.94 -7.09 24.66
C SER G 103 -14.45 -6.90 24.94
N ALA G 104 -13.96 -5.65 24.85
CA ALA G 104 -12.54 -5.31 25.02
C ALA G 104 -12.17 -4.63 26.36
N TRP G 105 -13.06 -4.72 27.38
CA TRP G 105 -12.74 -4.23 28.71
C TRP G 105 -12.06 -5.39 29.46
N PHE G 106 -10.86 -5.17 30.00
CA PHE G 106 -10.07 -6.25 30.60
C PHE G 106 -10.15 -6.40 32.10
N ALA G 107 -10.91 -7.43 32.52
CA ALA G 107 -11.11 -7.87 33.91
C ALA G 107 -9.88 -8.65 34.42
N TYR G 108 -9.29 -9.52 33.58
CA TYR G 108 -8.12 -10.34 33.90
C TYR G 108 -6.88 -9.94 33.06
N TRP G 109 -5.68 -9.96 33.69
CA TRP G 109 -4.41 -9.54 33.11
C TRP G 109 -3.27 -10.56 33.41
N GLY G 110 -2.14 -10.41 32.71
CA GLY G 110 -0.95 -11.23 32.97
C GLY G 110 -0.12 -10.57 34.05
N GLN G 111 1.05 -11.10 34.37
CA GLN G 111 1.88 -10.40 35.35
C GLN G 111 2.76 -9.34 34.62
N GLY G 112 2.81 -9.46 33.31
CA GLY G 112 3.62 -8.60 32.45
C GLY G 112 4.95 -9.24 32.21
N THR G 113 5.63 -8.80 31.13
CA THR G 113 6.95 -9.23 30.76
C THR G 113 7.65 -8.00 30.24
N LEU G 114 8.69 -7.58 30.95
CA LEU G 114 9.52 -6.47 30.53
C LEU G 114 10.44 -6.95 29.42
N VAL G 115 10.44 -6.23 28.28
CA VAL G 115 11.33 -6.56 27.17
C VAL G 115 12.07 -5.30 26.77
N THR G 116 13.39 -5.43 26.81
CA THR G 116 14.37 -4.39 26.52
C THR G 116 14.99 -4.71 25.16
N VAL G 117 15.06 -3.71 24.27
CA VAL G 117 15.65 -3.91 22.94
C VAL G 117 17.03 -3.20 22.93
N SER G 118 18.06 -3.96 23.26
CA SER G 118 19.41 -3.45 23.34
C SER G 118 20.39 -4.47 22.79
N ALA G 119 21.42 -3.96 22.05
CA ALA G 119 22.50 -4.75 21.46
C ALA G 119 23.49 -5.16 22.56
N ALA G 120 23.29 -4.61 23.78
CA ALA G 120 24.09 -4.88 24.97
C ALA G 120 23.82 -6.29 25.44
N LYS G 121 24.88 -6.96 25.92
CA LYS G 121 24.74 -8.33 26.41
C LYS G 121 24.35 -8.32 27.90
N THR G 122 23.83 -9.47 28.37
CA THR G 122 23.41 -9.69 29.75
C THR G 122 24.63 -9.75 30.69
N THR G 123 24.63 -8.87 31.69
CA THR G 123 25.68 -8.88 32.70
C THR G 123 25.01 -9.31 34.00
N ALA G 124 25.62 -10.31 34.67
CA ALA G 124 25.18 -10.87 35.95
C ALA G 124 25.37 -9.82 37.07
N PRO G 125 24.55 -9.83 38.15
CA PRO G 125 24.70 -8.78 39.18
C PRO G 125 25.77 -9.07 40.22
N SER G 126 26.35 -8.00 40.77
CA SER G 126 27.32 -8.02 41.86
C SER G 126 26.59 -7.65 43.13
N VAL G 127 26.38 -8.59 44.05
CA VAL G 127 25.61 -8.30 45.27
C VAL G 127 26.56 -8.14 46.50
N TYR G 128 26.48 -6.97 47.17
CA TYR G 128 27.29 -6.64 48.33
C TYR G 128 26.44 -6.18 49.52
N PRO G 129 26.67 -6.71 50.74
CA PRO G 129 25.88 -6.25 51.90
C PRO G 129 26.40 -4.93 52.46
N LEU G 130 25.53 -4.21 53.17
CA LEU G 130 25.91 -2.93 53.76
C LEU G 130 25.61 -2.97 55.27
N ALA G 131 26.70 -3.09 56.07
CA ALA G 131 26.65 -3.19 57.53
C ALA G 131 27.05 -1.86 58.21
N PRO G 132 26.53 -1.54 59.43
CA PRO G 132 26.85 -0.25 60.08
C PRO G 132 28.32 -0.04 60.42
N VAL G 133 28.65 1.21 60.80
CA VAL G 133 29.99 1.72 61.13
C VAL G 133 30.59 1.03 62.38
N CYS G 134 31.93 1.14 62.54
CA CYS G 134 32.73 0.59 63.63
C CYS G 134 32.29 1.21 64.97
N GLY G 135 32.37 2.54 65.08
CA GLY G 135 31.94 3.29 66.26
C GLY G 135 30.43 3.34 66.31
N ASP G 136 29.83 2.32 66.95
CA ASP G 136 28.38 2.13 67.05
C ASP G 136 27.71 3.15 67.98
N THR G 137 26.50 3.58 67.56
CA THR G 137 25.62 4.52 68.27
C THR G 137 24.53 3.73 69.04
N THR G 138 24.44 2.45 68.69
CA THR G 138 23.45 1.60 69.28
C THR G 138 22.14 2.24 68.90
N GLY G 139 21.40 2.58 69.94
CA GLY G 139 20.02 3.03 69.87
C GLY G 139 19.01 1.90 70.03
N SER G 140 17.73 2.21 69.79
CA SER G 140 16.63 1.23 69.90
C SER G 140 16.47 0.45 68.59
N SER G 141 16.63 1.13 67.44
CA SER G 141 16.50 0.54 66.11
C SER G 141 17.83 0.52 65.36
N VAL G 142 17.90 -0.24 64.25
CA VAL G 142 19.08 -0.40 63.40
C VAL G 142 18.65 -0.60 61.92
N THR G 143 19.28 0.18 61.02
CA THR G 143 19.03 0.18 59.57
C THR G 143 20.08 -0.69 58.86
N LEU G 144 19.71 -1.38 57.77
CA LEU G 144 20.61 -2.24 56.98
C LEU G 144 20.34 -2.11 55.48
N GLY G 145 21.41 -2.15 54.69
CA GLY G 145 21.34 -2.05 53.23
C GLY G 145 21.90 -3.23 52.46
N CYS G 146 21.43 -3.39 51.21
CA CYS G 146 21.84 -4.44 50.28
C CYS G 146 22.07 -3.80 48.91
N LEU G 147 23.32 -3.85 48.40
CA LEU G 147 23.67 -3.27 47.10
C LEU G 147 23.71 -4.35 46.01
N VAL G 148 23.27 -3.97 44.80
CA VAL G 148 23.22 -4.79 43.59
C VAL G 148 23.82 -3.93 42.47
N LYS G 149 25.08 -4.18 42.12
CA LYS G 149 25.79 -3.40 41.12
C LYS G 149 25.93 -4.15 39.80
N GLY G 150 26.08 -3.44 38.71
CA GLY G 150 26.34 -4.01 37.42
C GLY G 150 25.51 -5.06 36.74
N TYR G 151 24.23 -4.84 36.45
CA TYR G 151 23.43 -5.94 35.92
C TYR G 151 22.63 -5.54 34.67
N PHE G 152 22.48 -6.48 33.73
CA PHE G 152 21.70 -6.19 32.55
C PHE G 152 20.92 -7.42 32.06
N PRO G 153 19.62 -7.28 31.70
CA PRO G 153 18.76 -6.09 31.79
C PRO G 153 17.91 -6.14 33.04
N GLU G 154 16.95 -5.23 33.13
CA GLU G 154 16.01 -5.23 34.24
C GLU G 154 14.97 -6.38 34.02
N PRO G 155 14.28 -6.92 35.07
CA PRO G 155 14.30 -6.54 36.49
C PRO G 155 15.01 -7.55 37.40
N VAL G 156 15.31 -7.10 38.63
CA VAL G 156 15.85 -7.93 39.71
C VAL G 156 14.87 -7.82 40.88
N THR G 157 14.66 -8.91 41.60
CA THR G 157 13.75 -8.88 42.74
C THR G 157 14.58 -8.95 44.00
N LEU G 158 14.12 -8.28 45.06
CA LEU G 158 14.84 -8.25 46.33
C LEU G 158 13.89 -8.40 47.51
N THR G 159 14.05 -9.49 48.26
CA THR G 159 13.26 -9.75 49.47
C THR G 159 14.19 -9.83 50.69
N TRP G 160 13.63 -9.66 51.89
CA TRP G 160 14.41 -9.73 53.12
C TRP G 160 13.91 -10.88 53.98
N ASN G 161 14.84 -11.80 54.32
CA ASN G 161 14.64 -13.01 55.11
C ASN G 161 13.50 -13.88 54.49
N SER G 162 13.56 -14.03 53.13
CA SER G 162 12.65 -14.78 52.26
C SER G 162 11.23 -14.17 52.28
N GLY G 163 11.17 -12.85 52.12
CA GLY G 163 9.93 -12.08 52.09
C GLY G 163 9.07 -12.15 53.34
N SER G 164 9.65 -12.69 54.45
CA SER G 164 9.00 -12.86 55.75
C SER G 164 8.61 -11.53 56.35
N LEU G 165 9.58 -10.60 56.48
CA LEU G 165 9.35 -9.27 57.03
C LEU G 165 9.56 -8.20 55.95
N SER G 166 8.53 -7.33 55.77
CA SER G 166 8.46 -6.24 54.79
C SER G 166 7.79 -4.98 55.41
N SER G 167 8.03 -4.73 56.70
CA SER G 167 7.45 -3.57 57.40
C SER G 167 8.15 -2.27 57.00
N GLY G 168 9.48 -2.28 57.06
CA GLY G 168 10.30 -1.12 56.72
C GLY G 168 11.30 -1.39 55.61
N VAL G 169 10.84 -2.01 54.52
CA VAL G 169 11.68 -2.32 53.38
C VAL G 169 11.41 -1.30 52.27
N HIS G 170 12.48 -0.66 51.80
CA HIS G 170 12.44 0.32 50.71
C HIS G 170 13.29 -0.18 49.57
N THR G 171 12.65 -0.63 48.48
CA THR G 171 13.36 -1.14 47.30
C THR G 171 13.53 0.00 46.29
N PHE G 172 14.64 0.75 46.43
CA PHE G 172 15.04 1.87 45.58
C PHE G 172 15.13 1.44 44.12
N PRO G 173 14.51 2.20 43.18
CA PRO G 173 14.57 1.80 41.77
C PRO G 173 15.99 1.92 41.19
N ALA G 174 16.30 1.05 40.20
CA ALA G 174 17.58 1.00 39.52
C ALA G 174 17.81 2.23 38.61
N VAL G 175 19.09 2.49 38.27
CA VAL G 175 19.46 3.60 37.37
C VAL G 175 20.54 3.07 36.38
N LEU G 176 20.24 3.21 35.06
CA LEU G 176 21.08 2.76 33.93
C LEU G 176 22.27 3.70 33.73
N GLN G 177 23.47 3.13 33.68
CA GLN G 177 24.72 3.84 33.47
C GLN G 177 25.67 2.94 32.69
N SER G 178 25.97 3.34 31.43
CA SER G 178 26.86 2.64 30.50
C SER G 178 26.45 1.16 30.37
N ASP G 179 25.17 0.94 29.97
CA ASP G 179 24.47 -0.34 29.74
C ASP G 179 24.48 -1.26 31.00
N LEU G 180 24.44 -0.65 32.19
CA LEU G 180 24.47 -1.37 33.46
C LEU G 180 23.59 -0.70 34.50
N TYR G 181 22.82 -1.52 35.22
CA TYR G 181 21.91 -1.10 36.28
C TYR G 181 22.53 -1.31 37.65
N THR G 182 22.26 -0.39 38.57
CA THR G 182 22.69 -0.47 39.96
C THR G 182 21.43 -0.22 40.81
N LEU G 183 21.18 -1.11 41.78
CA LEU G 183 20.02 -1.12 42.67
C LEU G 183 20.46 -1.22 44.13
N SER G 184 19.58 -0.81 45.08
CA SER G 184 19.81 -0.90 46.52
C SER G 184 18.49 -1.05 47.27
N SER G 185 18.52 -1.52 48.55
CA SER G 185 17.32 -1.66 49.38
C SER G 185 17.62 -1.54 50.87
N SER G 186 16.90 -0.63 51.59
CA SER G 186 17.06 -0.38 53.02
C SER G 186 15.99 -1.09 53.88
N VAL G 187 16.35 -1.46 55.12
CA VAL G 187 15.46 -2.14 56.07
C VAL G 187 15.75 -1.64 57.50
N THR G 188 14.70 -1.42 58.30
CA THR G 188 14.83 -0.96 59.69
C THR G 188 14.20 -1.98 60.63
N VAL G 189 14.97 -2.48 61.60
CA VAL G 189 14.54 -3.45 62.62
C VAL G 189 15.05 -3.03 64.01
N THR G 190 14.43 -3.57 65.07
CA THR G 190 14.80 -3.26 66.46
C THR G 190 16.15 -3.90 66.81
N SER G 191 16.85 -3.35 67.82
CA SER G 191 18.13 -3.87 68.31
C SER G 191 17.97 -5.25 68.98
N SER G 192 16.71 -5.67 69.21
CA SER G 192 16.33 -6.94 69.82
C SER G 192 16.32 -8.10 68.80
N THR G 193 16.41 -7.80 67.48
CA THR G 193 16.39 -8.81 66.40
C THR G 193 17.72 -8.88 65.60
N TRP G 194 18.65 -7.93 65.82
CA TRP G 194 19.93 -7.94 65.13
C TRP G 194 21.06 -7.40 66.02
N PRO G 195 22.26 -8.05 66.06
CA PRO G 195 22.69 -9.23 65.31
C PRO G 195 22.30 -10.56 65.98
N SER G 196 21.41 -10.48 67.01
CA SER G 196 20.91 -11.62 67.78
C SER G 196 20.24 -12.65 66.87
N GLN G 197 19.35 -12.20 65.96
CA GLN G 197 18.71 -13.06 64.97
C GLN G 197 19.29 -12.72 63.59
N SER G 198 19.32 -13.71 62.67
CA SER G 198 19.89 -13.59 61.33
C SER G 198 19.04 -12.75 60.35
N ILE G 199 19.72 -11.88 59.57
CA ILE G 199 19.15 -11.00 58.53
C ILE G 199 20.01 -11.14 57.23
N THR G 200 19.34 -11.37 56.06
CA THR G 200 19.97 -11.56 54.74
C THR G 200 19.01 -11.16 53.57
N CYS G 201 19.54 -10.46 52.54
CA CYS G 201 18.77 -10.01 51.35
C CYS G 201 18.80 -11.09 50.25
N ASN G 202 17.64 -11.33 49.59
CA ASN G 202 17.47 -12.34 48.52
C ASN G 202 17.42 -11.70 47.14
N VAL G 203 18.46 -11.90 46.32
CA VAL G 203 18.53 -11.30 44.99
C VAL G 203 18.30 -12.38 43.91
N ALA G 204 17.47 -12.03 42.93
CA ALA G 204 17.19 -12.92 41.79
C ALA G 204 17.24 -12.13 40.49
N HIS G 205 18.14 -12.54 39.59
CA HIS G 205 18.28 -11.97 38.27
C HIS G 205 18.06 -13.13 37.30
N PRO G 206 16.77 -13.40 36.92
CA PRO G 206 16.45 -14.55 36.06
C PRO G 206 17.07 -14.46 34.66
N ALA G 207 17.18 -13.23 34.10
CA ALA G 207 17.80 -12.98 32.80
C ALA G 207 19.22 -13.57 32.77
N SER G 208 19.99 -13.34 33.87
CA SER G 208 21.34 -13.87 34.01
C SER G 208 21.37 -15.25 34.75
N SER G 209 20.17 -15.83 35.09
CA SER G 209 19.98 -17.11 35.81
C SER G 209 20.67 -17.08 37.21
N THR G 210 20.71 -15.88 37.83
CA THR G 210 21.34 -15.64 39.12
C THR G 210 20.30 -15.65 40.23
N LYS G 211 20.62 -16.30 41.36
CA LYS G 211 19.79 -16.35 42.58
C LYS G 211 20.76 -16.45 43.76
N VAL G 212 21.02 -15.31 44.42
CA VAL G 212 21.97 -15.20 45.54
C VAL G 212 21.26 -14.75 46.83
N ASP G 213 21.82 -15.20 47.98
CA ASP G 213 21.43 -14.84 49.35
C ASP G 213 22.70 -14.40 50.07
N LYS G 214 22.90 -13.06 50.19
CA LYS G 214 24.09 -12.51 50.84
C LYS G 214 23.78 -12.17 52.27
N LYS G 215 24.48 -12.83 53.20
CA LYS G 215 24.27 -12.67 54.64
C LYS G 215 25.04 -11.47 55.19
N ILE G 216 24.32 -10.60 55.90
CA ILE G 216 24.92 -9.42 56.50
C ILE G 216 25.66 -9.85 57.76
N GLU G 217 26.90 -9.34 57.95
CA GLU G 217 27.79 -9.66 59.06
C GLU G 217 28.35 -8.38 59.69
N PRO G 218 28.39 -8.27 61.05
CA PRO G 218 28.95 -7.05 61.67
C PRO G 218 30.46 -6.99 61.57
N VAL H 1 -6.84 9.02 -21.04
CA VAL H 1 -5.43 9.30 -21.38
C VAL H 1 -5.27 9.41 -22.90
N GLN H 2 -5.09 10.62 -23.43
CA GLN H 2 -5.03 10.84 -24.87
C GLN H 2 -3.97 11.86 -25.27
N LEU H 3 -3.56 11.80 -26.55
CA LEU H 3 -2.59 12.69 -27.18
C LEU H 3 -3.16 13.20 -28.53
N LYS H 4 -3.62 14.46 -28.55
CA LYS H 4 -4.21 15.05 -29.75
C LYS H 4 -3.15 15.93 -30.42
N GLN H 5 -2.74 15.55 -31.65
CA GLN H 5 -1.74 16.26 -32.42
C GLN H 5 -2.40 17.19 -33.44
N SER H 6 -1.74 18.31 -33.74
CA SER H 6 -2.19 19.35 -34.70
C SER H 6 -1.01 20.10 -35.27
N GLY H 7 -1.05 20.36 -36.56
CA GLY H 7 0.02 21.11 -37.20
C GLY H 7 -0.06 21.11 -38.72
N PRO H 8 0.75 21.96 -39.40
CA PRO H 8 0.71 22.00 -40.88
C PRO H 8 1.12 20.65 -41.51
N GLY H 9 0.53 20.33 -42.65
CA GLY H 9 0.77 19.07 -43.35
C GLY H 9 1.70 19.15 -44.53
N LEU H 10 2.16 20.39 -44.84
CA LEU H 10 3.06 20.69 -45.96
C LEU H 10 4.02 21.80 -45.55
N VAL H 11 5.31 21.57 -45.78
CA VAL H 11 6.38 22.50 -45.45
C VAL H 11 7.21 22.72 -46.72
N GLN H 12 7.55 23.98 -47.01
CA GLN H 12 8.39 24.32 -48.17
C GLN H 12 9.84 23.94 -47.81
N PRO H 13 10.71 23.57 -48.77
CA PRO H 13 12.09 23.19 -48.39
C PRO H 13 12.84 24.29 -47.63
N SER H 14 13.80 23.87 -46.77
CA SER H 14 14.66 24.68 -45.88
C SER H 14 13.86 25.42 -44.77
N GLN H 15 12.57 25.09 -44.59
CA GLN H 15 11.76 25.75 -43.56
C GLN H 15 11.53 24.86 -42.35
N SER H 16 11.00 25.44 -41.27
CA SER H 16 10.75 24.72 -40.03
C SER H 16 9.45 23.90 -40.05
N LEU H 17 9.24 23.12 -38.97
CA LEU H 17 8.08 22.27 -38.72
C LEU H 17 7.73 22.44 -37.27
N SER H 18 6.75 23.31 -37.01
CA SER H 18 6.24 23.55 -35.67
C SER H 18 5.00 22.69 -35.53
N LEU H 19 5.03 21.81 -34.52
CA LEU H 19 3.96 20.85 -34.22
C LEU H 19 3.52 20.97 -32.79
N THR H 20 2.28 20.59 -32.50
CA THR H 20 1.70 20.67 -31.16
C THR H 20 1.03 19.34 -30.79
N CYS H 21 1.40 18.78 -29.63
CA CYS H 21 0.82 17.54 -29.09
C CYS H 21 0.14 17.93 -27.79
N THR H 22 -1.20 18.02 -27.79
CA THR H 22 -2.02 18.41 -26.63
C THR H 22 -2.50 17.17 -25.88
N VAL H 23 -2.00 16.99 -24.65
CA VAL H 23 -2.29 15.83 -23.81
C VAL H 23 -3.53 16.03 -22.88
N SER H 24 -4.01 14.91 -22.27
CA SER H 24 -5.17 14.83 -21.36
C SER H 24 -5.20 13.49 -20.63
N GLY H 25 -5.87 13.45 -19.49
CA GLY H 25 -5.97 12.25 -18.67
C GLY H 25 -4.79 12.08 -17.73
N PHE H 26 -3.76 12.90 -17.95
CA PHE H 26 -2.56 12.90 -17.14
C PHE H 26 -1.93 14.28 -17.12
N SER H 27 -1.13 14.55 -16.08
CA SER H 27 -0.42 15.81 -15.89
C SER H 27 0.88 15.78 -16.65
N LEU H 28 1.24 16.92 -17.23
CA LEU H 28 2.47 17.05 -17.99
C LEU H 28 3.67 17.06 -17.06
N THR H 29 3.54 17.76 -15.90
CA THR H 29 4.58 17.87 -14.86
C THR H 29 5.06 16.52 -14.30
N SER H 30 4.40 15.40 -14.69
CA SER H 30 4.73 14.08 -14.20
C SER H 30 5.39 13.20 -15.27
N TYR H 31 4.72 13.04 -16.45
CA TYR H 31 5.17 12.12 -17.49
C TYR H 31 6.06 12.79 -18.52
N GLY H 32 6.70 11.98 -19.36
CA GLY H 32 7.57 12.43 -20.43
C GLY H 32 6.96 12.08 -21.78
N VAL H 33 6.94 13.06 -22.68
CA VAL H 33 6.39 12.89 -24.02
C VAL H 33 7.55 12.79 -25.01
N HIS H 34 7.51 11.72 -25.82
CA HIS H 34 8.48 11.40 -26.86
C HIS H 34 7.96 11.84 -28.22
N TRP H 35 8.82 11.78 -29.24
CA TRP H 35 8.51 12.12 -30.62
C TRP H 35 9.23 11.12 -31.53
N VAL H 36 8.44 10.36 -32.31
CA VAL H 36 8.92 9.30 -33.20
C VAL H 36 8.27 9.50 -34.58
N ARG H 37 9.08 9.51 -35.65
CA ARG H 37 8.57 9.70 -37.00
C ARG H 37 8.63 8.38 -37.79
N GLN H 38 7.84 8.29 -38.88
CA GLN H 38 7.81 7.13 -39.76
C GLN H 38 7.74 7.57 -41.26
N PRO H 39 8.88 7.43 -42.02
CA PRO H 39 8.86 7.76 -43.46
C PRO H 39 7.88 6.83 -44.18
N PRO H 40 7.02 7.30 -45.10
CA PRO H 40 6.00 6.43 -45.70
C PRO H 40 6.57 5.08 -46.19
N GLY H 41 5.96 3.99 -45.74
CA GLY H 41 6.36 2.62 -46.07
C GLY H 41 7.70 2.15 -45.51
N LYS H 42 8.22 2.87 -44.51
CA LYS H 42 9.53 2.56 -43.91
C LYS H 42 9.43 2.37 -42.38
N GLY H 43 10.57 2.00 -41.77
CA GLY H 43 10.69 1.79 -40.33
C GLY H 43 10.46 3.03 -39.47
N LEU H 44 10.46 2.86 -38.15
CA LEU H 44 10.26 3.96 -37.21
C LEU H 44 11.61 4.55 -36.76
N GLU H 45 11.58 5.84 -36.43
CA GLU H 45 12.74 6.60 -36.00
C GLU H 45 12.39 7.53 -34.82
N TRP H 46 12.98 7.29 -33.63
CA TRP H 46 12.77 8.14 -32.45
C TRP H 46 13.63 9.37 -32.62
N LEU H 47 13.00 10.54 -32.49
CA LEU H 47 13.66 11.82 -32.73
C LEU H 47 14.06 12.54 -31.43
N GLY H 48 13.20 12.50 -30.41
CA GLY H 48 13.50 13.18 -29.16
C GLY H 48 12.41 13.08 -28.11
N VAL H 49 12.74 13.51 -26.88
CA VAL H 49 11.82 13.47 -25.74
C VAL H 49 12.00 14.74 -24.89
N ILE H 50 10.93 15.10 -24.13
CA ILE H 50 10.90 16.16 -23.14
C ILE H 50 10.41 15.53 -21.85
N TRP H 51 11.28 15.52 -20.85
CA TRP H 51 11.01 14.93 -19.55
C TRP H 51 10.15 15.85 -18.71
N SER H 52 9.67 15.31 -17.58
CA SER H 52 8.84 15.92 -16.55
C SER H 52 9.36 17.29 -16.09
N GLY H 53 10.65 17.33 -15.74
CA GLY H 53 11.33 18.52 -15.24
C GLY H 53 11.71 19.58 -16.25
N GLY H 54 11.51 19.29 -17.52
CA GLY H 54 11.87 20.20 -18.60
C GLY H 54 13.19 19.83 -19.26
N SER H 55 13.82 18.73 -18.79
CA SER H 55 15.04 18.22 -19.38
C SER H 55 14.68 17.51 -20.68
N THR H 56 15.65 17.38 -21.59
CA THR H 56 15.42 16.82 -22.91
C THR H 56 16.54 15.92 -23.40
N ASP H 57 16.18 14.98 -24.28
CA ASP H 57 17.08 14.07 -24.99
C ASP H 57 16.69 14.08 -26.47
N TYR H 58 17.62 14.51 -27.35
CA TYR H 58 17.42 14.55 -28.81
C TYR H 58 18.31 13.51 -29.51
N ASN H 59 17.78 12.90 -30.60
CA ASN H 59 18.47 11.93 -31.46
C ASN H 59 19.67 12.65 -32.02
N ALA H 60 20.87 12.16 -31.88
CA ALA H 60 22.00 13.03 -32.11
C ALA H 60 21.98 13.63 -33.50
N ALA H 61 21.67 12.84 -34.50
CA ALA H 61 21.62 13.36 -35.87
C ALA H 61 20.68 14.58 -36.03
N PHE H 62 20.03 15.04 -34.94
CA PHE H 62 19.07 16.13 -35.03
C PHE H 62 19.34 17.30 -34.09
N ILE H 63 20.33 17.23 -33.24
CA ILE H 63 20.44 18.09 -32.09
C ILE H 63 20.41 19.58 -32.35
N SER H 64 21.06 20.06 -33.38
CA SER H 64 21.00 21.50 -33.73
C SER H 64 19.61 21.96 -34.23
N ARG H 65 19.05 21.27 -35.24
CA ARG H 65 17.75 21.59 -35.85
C ARG H 65 16.51 21.22 -34.98
N LEU H 66 16.64 20.31 -34.01
CA LEU H 66 15.49 19.90 -33.17
C LEU H 66 15.34 20.75 -31.92
N SER H 67 14.07 20.96 -31.48
CA SER H 67 13.72 21.73 -30.29
C SER H 67 12.30 21.34 -29.75
N ILE H 68 12.26 20.65 -28.59
CA ILE H 68 11.00 20.27 -27.94
C ILE H 68 10.82 21.10 -26.66
N ARG H 69 9.68 21.80 -26.54
CA ARG H 69 9.32 22.66 -25.39
C ARG H 69 7.86 22.37 -24.97
N LYS H 70 7.50 22.58 -23.68
CA LYS H 70 6.14 22.25 -23.24
C LYS H 70 5.55 23.26 -22.23
N ASP H 71 4.21 23.47 -22.33
CA ASP H 71 3.42 24.33 -21.44
C ASP H 71 2.60 23.42 -20.53
N ASN H 72 3.14 23.16 -19.32
CA ASN H 72 2.53 22.25 -18.36
C ASN H 72 1.09 22.64 -17.98
N SER H 73 0.82 23.95 -17.87
CA SER H 73 -0.50 24.51 -17.53
C SER H 73 -1.53 24.19 -18.62
N LYS H 74 -1.16 24.42 -19.91
CA LYS H 74 -2.03 24.25 -21.08
C LYS H 74 -1.98 22.81 -21.66
N SER H 75 -1.29 21.86 -20.98
CA SER H 75 -1.14 20.45 -21.36
C SER H 75 -0.59 20.25 -22.81
N GLN H 76 0.22 21.22 -23.30
CA GLN H 76 0.77 21.20 -24.66
C GLN H 76 2.27 20.97 -24.69
N VAL H 77 2.75 20.28 -25.73
CA VAL H 77 4.15 19.93 -26.03
C VAL H 77 4.42 20.28 -27.49
N PHE H 78 5.38 21.15 -27.74
CA PHE H 78 5.71 21.63 -29.08
C PHE H 78 6.96 20.99 -29.62
N PHE H 79 6.96 20.73 -30.94
CA PHE H 79 8.05 20.10 -31.68
C PHE H 79 8.38 20.97 -32.87
N LYS H 80 9.52 21.68 -32.80
CA LYS H 80 9.99 22.53 -33.87
C LYS H 80 11.24 21.94 -34.48
N MET H 81 11.20 21.64 -35.78
CA MET H 81 12.36 21.12 -36.50
C MET H 81 12.66 22.07 -37.64
N ASN H 82 13.82 22.72 -37.57
CA ASN H 82 14.29 23.73 -38.53
C ASN H 82 14.88 23.11 -39.81
N SER H 83 14.84 23.87 -40.92
CA SER H 83 15.40 23.55 -42.23
C SER H 83 15.11 22.10 -42.69
N LEU H 84 13.81 21.85 -43.00
CA LEU H 84 13.32 20.56 -43.47
C LEU H 84 13.76 20.29 -44.89
N GLN H 85 13.84 19.01 -45.25
CA GLN H 85 14.25 18.55 -46.57
C GLN H 85 13.50 17.25 -46.91
N ALA H 86 13.56 16.79 -48.18
CA ALA H 86 12.89 15.60 -48.73
C ALA H 86 12.89 14.37 -47.80
N ASP H 87 14.04 14.07 -47.15
CA ASP H 87 14.25 12.95 -46.22
C ASP H 87 13.41 13.08 -44.91
N ASP H 88 12.82 14.26 -44.65
CA ASP H 88 12.03 14.55 -43.46
C ASP H 88 10.54 14.37 -43.70
N THR H 89 10.12 14.12 -44.96
CA THR H 89 8.71 13.87 -45.32
C THR H 89 8.30 12.55 -44.67
N ALA H 90 7.37 12.62 -43.66
CA ALA H 90 6.88 11.48 -42.88
C ALA H 90 5.65 11.85 -42.00
N ILE H 91 5.21 10.88 -41.15
CA ILE H 91 4.14 11.03 -40.15
C ILE H 91 4.82 11.17 -38.77
N TYR H 92 4.44 12.21 -38.03
CA TYR H 92 5.03 12.54 -36.75
C TYR H 92 4.04 12.24 -35.64
N TYR H 93 4.38 11.23 -34.82
CA TYR H 93 3.62 10.79 -33.66
C TYR H 93 4.34 11.24 -32.37
N CYS H 94 3.56 11.62 -31.36
CA CYS H 94 4.08 11.92 -30.04
C CYS H 94 3.66 10.73 -29.20
N ALA H 95 4.56 10.18 -28.38
CA ALA H 95 4.19 8.99 -27.61
C ALA H 95 4.63 9.04 -26.13
N ARG H 96 4.09 8.11 -25.33
CA ARG H 96 4.36 8.00 -23.90
C ARG H 96 4.37 6.53 -23.44
N THR H 97 5.30 6.20 -22.51
CA THR H 97 5.43 4.88 -21.88
C THR H 97 4.34 4.80 -20.79
N PHE H 98 3.84 3.60 -20.45
CA PHE H 98 2.74 3.41 -19.48
C PHE H 98 2.92 4.16 -18.14
N THR H 99 4.15 4.25 -17.60
CA THR H 99 4.39 4.93 -16.32
C THR H 99 5.30 6.19 -16.42
N THR H 100 5.62 6.75 -15.24
CA THR H 100 6.47 7.91 -15.02
C THR H 100 7.93 7.64 -15.36
N SER H 101 8.40 6.36 -15.26
CA SER H 101 9.77 5.91 -15.55
C SER H 101 10.25 6.38 -16.91
N THR H 102 11.57 6.40 -17.09
CA THR H 102 12.22 6.84 -18.34
C THR H 102 12.21 5.72 -19.39
N SER H 103 11.19 4.84 -19.34
CA SER H 103 11.05 3.74 -20.29
C SER H 103 10.64 4.26 -21.67
N ALA H 104 10.99 3.50 -22.72
CA ALA H 104 10.81 3.90 -24.11
C ALA H 104 9.75 3.09 -24.88
N TRP H 105 9.18 2.05 -24.26
CA TRP H 105 8.12 1.28 -24.91
C TRP H 105 6.86 2.10 -24.79
N PHE H 106 6.24 2.41 -25.93
CA PHE H 106 5.10 3.33 -25.95
C PHE H 106 3.75 2.68 -25.92
N ALA H 107 3.06 2.84 -24.76
CA ALA H 107 1.70 2.34 -24.53
C ALA H 107 0.69 3.22 -25.29
N TYR H 108 0.83 4.57 -25.15
CA TYR H 108 -0.01 5.61 -25.75
C TYR H 108 0.72 6.36 -26.84
N TRP H 109 0.02 6.64 -27.96
CA TRP H 109 0.50 7.34 -29.16
C TRP H 109 -0.53 8.36 -29.69
N GLY H 110 -0.04 9.38 -30.41
CA GLY H 110 -0.90 10.35 -31.06
C GLY H 110 -1.45 9.76 -32.34
N GLN H 111 -2.29 10.50 -33.07
CA GLN H 111 -2.84 10.00 -34.34
C GLN H 111 -1.81 10.18 -35.48
N GLY H 112 -0.82 11.04 -35.24
CA GLY H 112 0.22 11.36 -36.20
C GLY H 112 -0.16 12.52 -37.08
N THR H 113 0.85 13.28 -37.54
CA THR H 113 0.69 14.43 -38.43
C THR H 113 1.53 14.15 -39.68
N LEU H 114 0.86 13.97 -40.81
CA LEU H 114 1.58 13.72 -42.06
C LEU H 114 2.14 15.04 -42.59
N VAL H 115 3.49 15.13 -42.67
CA VAL H 115 4.15 16.33 -43.18
C VAL H 115 4.79 16.01 -44.54
N THR H 116 4.64 16.94 -45.49
CA THR H 116 5.12 16.76 -46.86
C THR H 116 6.09 17.88 -47.24
N VAL H 117 7.39 17.57 -47.31
CA VAL H 117 8.40 18.56 -47.71
C VAL H 117 8.35 18.75 -49.26
N SER H 118 7.73 19.87 -49.70
CA SER H 118 7.57 20.21 -51.11
C SER H 118 7.40 21.70 -51.36
N ALA H 119 7.95 22.14 -52.48
CA ALA H 119 7.86 23.49 -53.01
C ALA H 119 6.56 23.64 -53.83
N ALA H 120 5.91 22.50 -54.19
CA ALA H 120 4.62 22.47 -54.90
C ALA H 120 3.54 22.99 -53.96
N LYS H 121 2.72 23.95 -54.44
CA LYS H 121 1.68 24.59 -53.63
C LYS H 121 0.43 23.72 -53.49
N THR H 122 -0.29 23.92 -52.36
CA THR H 122 -1.53 23.24 -52.00
C THR H 122 -2.59 23.40 -53.10
N THR H 123 -3.29 22.29 -53.40
CA THR H 123 -4.37 22.27 -54.38
C THR H 123 -5.58 21.59 -53.73
N ALA H 124 -6.79 22.18 -53.94
CA ALA H 124 -8.06 21.70 -53.41
C ALA H 124 -8.68 20.63 -54.35
N PRO H 125 -9.34 19.58 -53.81
CA PRO H 125 -9.92 18.56 -54.71
C PRO H 125 -11.20 19.00 -55.42
N SER H 126 -11.52 18.29 -56.51
CA SER H 126 -12.75 18.45 -57.28
C SER H 126 -13.46 17.11 -57.17
N VAL H 127 -14.46 17.03 -56.29
CA VAL H 127 -15.13 15.74 -56.04
C VAL H 127 -16.42 15.66 -56.84
N TYR H 128 -16.56 14.54 -57.60
CA TYR H 128 -17.69 14.23 -58.47
C TYR H 128 -18.35 12.87 -58.10
N PRO H 129 -19.71 12.76 -58.10
CA PRO H 129 -20.34 11.49 -57.72
C PRO H 129 -20.48 10.50 -58.86
N LEU H 130 -20.20 9.21 -58.57
CA LEU H 130 -20.24 8.12 -59.55
C LEU H 130 -21.37 7.12 -59.26
N ALA H 131 -22.41 7.17 -60.12
CA ALA H 131 -23.63 6.34 -60.07
C ALA H 131 -23.70 5.42 -61.31
N PRO H 132 -24.31 4.21 -61.20
CA PRO H 132 -24.33 3.29 -62.36
C PRO H 132 -25.19 3.73 -63.56
N VAL H 133 -25.30 2.83 -64.56
CA VAL H 133 -26.02 2.94 -65.84
C VAL H 133 -27.45 3.47 -65.67
N CYS H 134 -27.97 4.15 -66.74
CA CYS H 134 -29.32 4.74 -66.84
C CYS H 134 -30.40 3.66 -66.63
N GLY H 135 -30.19 2.51 -67.25
CA GLY H 135 -31.09 1.35 -67.17
C GLY H 135 -30.89 0.53 -65.91
N ASP H 136 -31.98 0.00 -65.36
CA ASP H 136 -31.98 -0.81 -64.15
C ASP H 136 -31.52 -2.25 -64.44
N THR H 137 -30.23 -2.50 -64.17
CA THR H 137 -29.56 -3.81 -64.34
C THR H 137 -28.85 -4.11 -62.99
N THR H 138 -29.42 -3.55 -61.91
CA THR H 138 -28.95 -3.67 -60.52
C THR H 138 -29.34 -5.05 -59.96
N GLY H 139 -30.63 -5.37 -60.06
CA GLY H 139 -31.20 -6.62 -59.57
C GLY H 139 -31.46 -6.59 -58.08
N SER H 140 -30.54 -7.17 -57.29
CA SER H 140 -30.62 -7.23 -55.84
C SER H 140 -29.59 -6.31 -55.18
N SER H 141 -28.36 -6.25 -55.73
CA SER H 141 -27.28 -5.41 -55.19
C SER H 141 -26.77 -4.39 -56.20
N VAL H 142 -26.33 -3.22 -55.69
CA VAL H 142 -25.80 -2.10 -56.48
C VAL H 142 -24.54 -1.48 -55.79
N THR H 143 -23.58 -0.95 -56.60
CA THR H 143 -22.33 -0.33 -56.16
C THR H 143 -22.27 1.13 -56.63
N LEU H 144 -21.87 2.04 -55.73
CA LEU H 144 -21.74 3.48 -55.98
C LEU H 144 -20.34 3.97 -55.65
N GLY H 145 -19.85 4.96 -56.40
CA GLY H 145 -18.53 5.54 -56.21
C GLY H 145 -18.46 7.03 -55.95
N CYS H 146 -17.32 7.49 -55.43
CA CYS H 146 -17.03 8.89 -55.14
C CYS H 146 -15.56 9.20 -55.45
N LEU H 147 -15.32 9.87 -56.60
CA LEU H 147 -13.97 10.23 -57.05
C LEU H 147 -13.54 11.58 -56.52
N VAL H 148 -12.29 11.65 -56.07
CA VAL H 148 -11.61 12.83 -55.56
C VAL H 148 -10.45 13.08 -56.53
N LYS H 149 -10.38 14.27 -57.14
CA LYS H 149 -9.33 14.51 -58.13
C LYS H 149 -8.66 15.87 -57.98
N GLY H 150 -7.36 15.88 -58.25
CA GLY H 150 -6.50 17.05 -58.26
C GLY H 150 -6.34 17.74 -56.93
N TYR H 151 -5.94 17.00 -55.90
CA TYR H 151 -5.73 17.57 -54.57
C TYR H 151 -4.28 17.39 -54.13
N PHE H 152 -3.82 18.28 -53.23
CA PHE H 152 -2.47 18.29 -52.71
C PHE H 152 -2.34 19.18 -51.48
N PRO H 153 -1.62 18.76 -50.42
CA PRO H 153 -0.98 17.46 -50.23
C PRO H 153 -1.94 16.45 -49.59
N GLU H 154 -1.44 15.26 -49.29
CA GLU H 154 -2.19 14.20 -48.62
C GLU H 154 -2.37 14.57 -47.13
N PRO H 155 -3.46 14.16 -46.44
CA PRO H 155 -4.55 13.28 -46.88
C PRO H 155 -5.91 13.97 -47.15
N VAL H 156 -6.92 13.13 -47.45
CA VAL H 156 -8.35 13.44 -47.60
C VAL H 156 -9.12 12.32 -46.90
N THR H 157 -10.08 12.68 -46.03
CA THR H 157 -10.87 11.67 -45.31
C THR H 157 -12.19 11.49 -46.01
N LEU H 158 -12.55 10.23 -46.29
CA LEU H 158 -13.79 9.92 -46.98
C LEU H 158 -14.59 8.85 -46.25
N THR H 159 -15.78 9.26 -45.79
CA THR H 159 -16.77 8.44 -45.09
C THR H 159 -18.09 8.51 -45.87
N TRP H 160 -19.00 7.56 -45.62
CA TRP H 160 -20.29 7.58 -46.30
C TRP H 160 -21.39 7.61 -45.27
N ASN H 161 -22.18 8.71 -45.30
CA ASN H 161 -23.26 9.03 -44.37
C ASN H 161 -22.69 9.15 -42.95
N SER H 162 -21.68 10.03 -42.80
CA SER H 162 -20.93 10.36 -41.57
C SER H 162 -20.35 9.13 -40.86
N GLY H 163 -20.42 7.96 -41.50
CA GLY H 163 -19.92 6.71 -40.98
C GLY H 163 -20.98 5.75 -40.48
N SER H 164 -22.27 6.01 -40.79
CA SER H 164 -23.40 5.16 -40.40
C SER H 164 -23.25 3.76 -41.02
N LEU H 165 -22.89 3.69 -42.32
CA LEU H 165 -22.57 2.42 -42.96
C LEU H 165 -21.07 2.34 -43.20
N SER H 166 -20.48 1.19 -42.87
CA SER H 166 -19.05 0.93 -42.99
C SER H 166 -18.82 -0.57 -43.28
N SER H 167 -19.84 -1.23 -43.85
CA SER H 167 -19.81 -2.65 -44.18
C SER H 167 -19.18 -2.92 -45.57
N GLY H 168 -19.89 -2.52 -46.64
CA GLY H 168 -19.43 -2.72 -48.00
C GLY H 168 -18.72 -1.52 -48.61
N VAL H 169 -17.83 -0.87 -47.82
CA VAL H 169 -17.10 0.33 -48.24
C VAL H 169 -15.61 0.05 -48.44
N HIS H 170 -15.04 0.59 -49.53
CA HIS H 170 -13.63 0.48 -49.92
C HIS H 170 -13.09 1.84 -50.37
N THR H 171 -11.96 2.28 -49.80
CA THR H 171 -11.28 3.52 -50.18
C THR H 171 -9.92 3.18 -50.81
N PHE H 172 -9.77 3.48 -52.10
CA PHE H 172 -8.56 3.21 -52.88
C PHE H 172 -7.55 4.34 -52.61
N PRO H 173 -6.30 4.01 -52.18
CA PRO H 173 -5.32 5.08 -51.88
C PRO H 173 -5.01 5.98 -53.07
N ALA H 174 -4.56 7.20 -52.78
CA ALA H 174 -4.23 8.17 -53.81
C ALA H 174 -2.90 7.86 -54.54
N VAL H 175 -2.81 8.33 -55.79
CA VAL H 175 -1.65 8.19 -56.67
C VAL H 175 -1.17 9.61 -57.07
N LEU H 176 0.16 9.87 -56.99
CA LEU H 176 0.73 11.16 -57.36
C LEU H 176 1.01 11.20 -58.88
N GLN H 177 0.63 12.32 -59.52
CA GLN H 177 0.83 12.58 -60.94
C GLN H 177 0.87 14.09 -61.13
N SER H 178 2.05 14.63 -61.55
CA SER H 178 2.33 16.06 -61.77
C SER H 178 2.01 16.89 -60.50
N ASP H 179 2.52 16.41 -59.33
CA ASP H 179 2.33 17.00 -57.99
C ASP H 179 0.84 17.18 -57.67
N LEU H 180 0.07 16.11 -57.93
CA LEU H 180 -1.37 16.05 -57.69
C LEU H 180 -1.77 14.64 -57.34
N TYR H 181 -2.77 14.51 -56.46
CA TYR H 181 -3.32 13.23 -56.01
C TYR H 181 -4.74 13.04 -56.50
N THR H 182 -5.08 11.78 -56.79
CA THR H 182 -6.43 11.38 -57.22
C THR H 182 -6.81 10.13 -56.40
N LEU H 183 -7.95 10.24 -55.69
CA LEU H 183 -8.52 9.24 -54.77
C LEU H 183 -9.91 8.81 -55.21
N SER H 184 -10.40 7.67 -54.70
CA SER H 184 -11.75 7.13 -54.99
C SER H 184 -12.22 6.15 -53.90
N SER H 185 -13.54 5.94 -53.82
CA SER H 185 -14.17 5.00 -52.88
C SER H 185 -15.38 4.28 -53.51
N SER H 186 -15.85 3.17 -52.89
CA SER H 186 -16.96 2.37 -53.38
C SER H 186 -17.76 1.70 -52.26
N VAL H 187 -19.11 1.82 -52.33
CA VAL H 187 -20.06 1.23 -51.37
C VAL H 187 -20.95 0.16 -52.10
N THR H 188 -21.32 -0.94 -51.41
CA THR H 188 -22.15 -2.02 -51.98
C THR H 188 -23.34 -2.32 -51.07
N VAL H 189 -24.52 -1.76 -51.39
CA VAL H 189 -25.74 -1.96 -50.59
C VAL H 189 -26.81 -2.71 -51.42
N THR H 190 -27.96 -3.01 -50.81
CA THR H 190 -29.09 -3.67 -51.49
C THR H 190 -29.87 -2.62 -52.29
N SER H 191 -30.60 -3.05 -53.33
CA SER H 191 -31.43 -2.18 -54.18
C SER H 191 -32.60 -1.58 -53.36
N SER H 192 -32.80 -2.10 -52.14
CA SER H 192 -33.81 -1.70 -51.16
C SER H 192 -33.44 -0.38 -50.45
N THR H 193 -32.13 -0.02 -50.45
CA THR H 193 -31.61 1.17 -49.77
C THR H 193 -31.14 2.30 -50.73
N TRP H 194 -31.32 2.13 -52.05
CA TRP H 194 -30.97 3.15 -53.07
C TRP H 194 -31.75 2.93 -54.37
N PRO H 195 -32.32 3.99 -54.99
CA PRO H 195 -32.31 5.40 -54.55
C PRO H 195 -33.48 5.73 -53.60
N SER H 196 -34.17 4.69 -53.07
CA SER H 196 -35.30 4.77 -52.13
C SER H 196 -34.91 5.49 -50.83
N GLN H 197 -33.64 5.36 -50.42
CA GLN H 197 -33.05 6.03 -49.25
C GLN H 197 -31.86 6.88 -49.73
N SER H 198 -31.35 7.79 -48.87
CA SER H 198 -30.27 8.70 -49.23
C SER H 198 -28.86 8.15 -48.90
N ILE H 199 -27.89 8.44 -49.79
CA ILE H 199 -26.48 8.06 -49.70
C ILE H 199 -25.62 9.25 -50.24
N THR H 200 -24.62 9.68 -49.44
CA THR H 200 -23.70 10.78 -49.73
C THR H 200 -22.27 10.48 -49.20
N CYS H 201 -21.24 10.93 -49.93
CA CYS H 201 -19.84 10.75 -49.55
C CYS H 201 -19.31 12.05 -48.91
N ASN H 202 -18.66 11.93 -47.74
CA ASN H 202 -18.14 13.04 -46.93
C ASN H 202 -16.63 13.22 -47.14
N VAL H 203 -16.23 14.15 -48.07
CA VAL H 203 -14.83 14.44 -48.39
C VAL H 203 -14.36 15.63 -47.56
N ALA H 204 -13.13 15.52 -46.97
CA ALA H 204 -12.50 16.59 -46.18
C ALA H 204 -11.01 16.70 -46.50
N HIS H 205 -10.59 17.85 -47.06
CA HIS H 205 -9.20 18.15 -47.35
C HIS H 205 -8.82 19.35 -46.49
N PRO H 206 -8.36 19.09 -45.24
CA PRO H 206 -8.10 20.20 -44.31
C PRO H 206 -6.98 21.14 -44.72
N ALA H 207 -5.95 20.66 -45.46
CA ALA H 207 -4.82 21.51 -45.88
C ALA H 207 -5.28 22.66 -46.78
N SER H 208 -6.40 22.44 -47.52
CA SER H 208 -7.04 23.45 -48.37
C SER H 208 -8.35 23.92 -47.70
N SER H 209 -8.57 23.50 -46.43
CA SER H 209 -9.76 23.79 -45.62
C SER H 209 -11.04 23.57 -46.47
N THR H 210 -11.12 22.38 -47.08
CA THR H 210 -12.23 21.93 -47.91
C THR H 210 -13.00 20.88 -47.10
N LYS H 211 -14.34 20.99 -47.10
CA LYS H 211 -15.25 20.05 -46.45
C LYS H 211 -16.49 19.98 -47.35
N VAL H 212 -16.53 18.95 -48.22
CA VAL H 212 -17.58 18.78 -49.23
C VAL H 212 -18.37 17.47 -49.05
N ASP H 213 -19.69 17.55 -49.27
CA ASP H 213 -20.64 16.44 -49.23
C ASP H 213 -21.35 16.34 -50.59
N LYS H 214 -21.05 15.28 -51.36
CA LYS H 214 -21.67 15.06 -52.68
C LYS H 214 -22.48 13.76 -52.70
N LYS H 215 -23.61 13.76 -53.43
CA LYS H 215 -24.57 12.65 -53.55
C LYS H 215 -24.52 12.05 -54.96
N SER I 1 -9.70 3.85 16.96
CA SER I 1 -8.85 5.03 16.79
C SER I 1 -9.37 6.27 17.53
N ILE I 2 -10.60 6.22 17.96
CA ILE I 2 -11.20 7.37 18.55
C ILE I 2 -10.16 7.73 19.55
N VAL I 3 -9.78 8.98 19.55
CA VAL I 3 -8.79 9.54 20.47
C VAL I 3 -9.42 9.88 21.83
N MET I 4 -8.92 9.21 22.88
CA MET I 4 -9.36 9.41 24.25
C MET I 4 -8.43 10.42 24.91
N THR I 5 -8.95 11.60 25.26
CA THR I 5 -8.13 12.63 25.89
C THR I 5 -8.40 12.62 27.42
N GLN I 6 -7.40 12.13 28.19
CA GLN I 6 -7.44 12.03 29.65
C GLN I 6 -6.95 13.34 30.29
N THR I 7 -7.74 13.86 31.25
CA THR I 7 -7.47 15.12 31.95
C THR I 7 -7.68 14.95 33.47
N PRO I 8 -6.71 15.30 34.32
CA PRO I 8 -5.37 15.82 34.02
C PRO I 8 -4.33 14.70 33.89
N LYS I 9 -3.05 15.05 33.98
CA LYS I 9 -1.95 14.09 33.91
C LYS I 9 -1.39 13.83 35.31
N PHE I 10 -1.49 14.84 36.21
CA PHE I 10 -1.01 14.79 37.59
C PHE I 10 -2.03 15.41 38.53
N LEU I 11 -2.24 14.76 39.68
CA LEU I 11 -3.21 15.19 40.68
C LEU I 11 -2.69 14.93 42.10
N LEU I 12 -2.40 16.02 42.85
CA LEU I 12 -1.89 15.98 44.23
C LEU I 12 -3.01 16.36 45.21
N VAL I 13 -3.28 15.50 46.21
CA VAL I 13 -4.34 15.69 47.21
C VAL I 13 -4.04 15.02 48.55
N SER I 14 -4.64 15.57 49.61
CA SER I 14 -4.54 15.06 50.98
C SER I 14 -5.50 13.90 51.16
N ALA I 15 -5.32 13.11 52.23
CA ALA I 15 -6.19 11.99 52.58
C ALA I 15 -7.58 12.51 52.97
N GLY I 16 -8.62 11.82 52.50
CA GLY I 16 -10.00 12.17 52.74
C GLY I 16 -10.55 13.25 51.83
N ASP I 17 -10.06 13.30 50.58
CA ASP I 17 -10.45 14.30 49.58
C ASP I 17 -11.26 13.70 48.41
N ARG I 18 -12.02 14.56 47.70
CA ARG I 18 -12.80 14.18 46.52
C ARG I 18 -12.03 14.60 45.25
N VAL I 19 -11.74 13.63 44.37
CA VAL I 19 -11.00 13.86 43.13
C VAL I 19 -11.81 13.46 41.89
N THR I 20 -11.52 14.07 40.71
CA THR I 20 -12.23 13.73 39.47
C THR I 20 -11.26 13.67 38.27
N ILE I 21 -11.43 12.64 37.43
CA ILE I 21 -10.64 12.43 36.21
C ILE I 21 -11.60 12.52 35.03
N THR I 22 -11.25 13.32 34.02
CA THR I 22 -12.11 13.56 32.85
C THR I 22 -11.52 13.04 31.54
N CYS I 23 -12.16 12.00 30.97
CA CYS I 23 -11.80 11.42 29.68
C CYS I 23 -12.85 11.81 28.63
N LYS I 24 -12.43 12.60 27.64
CA LYS I 24 -13.34 13.07 26.57
C LYS I 24 -12.97 12.43 25.25
N ALA I 25 -13.88 11.59 24.73
CA ALA I 25 -13.70 10.86 23.48
C ALA I 25 -13.84 11.78 22.26
N SER I 26 -12.86 11.71 21.33
CA SER I 26 -12.82 12.49 20.07
C SER I 26 -14.07 12.27 19.21
N GLN I 27 -14.76 11.16 19.44
CA GLN I 27 -15.98 10.73 18.76
C GLN I 27 -16.95 10.10 19.77
N SER I 28 -18.23 9.93 19.40
CA SER I 28 -19.27 9.35 20.26
C SER I 28 -19.04 7.87 20.53
N VAL I 29 -19.21 7.48 21.81
CA VAL I 29 -19.03 6.14 22.38
C VAL I 29 -20.26 5.80 23.26
N SER I 30 -21.08 4.85 22.83
CA SER I 30 -22.31 4.66 23.53
C SER I 30 -22.06 3.87 24.78
N ASN I 31 -21.41 4.50 25.75
CA ASN I 31 -21.28 3.88 27.07
C ASN I 31 -20.21 2.80 27.18
N ASP I 32 -19.51 2.56 26.09
CA ASP I 32 -18.49 1.52 25.98
C ASP I 32 -17.13 2.06 26.46
N VAL I 33 -17.02 2.34 27.77
CA VAL I 33 -15.83 2.93 28.38
C VAL I 33 -15.43 2.19 29.66
N ALA I 34 -14.11 2.04 29.84
CA ALA I 34 -13.50 1.40 31.01
C ALA I 34 -12.59 2.37 31.80
N TRP I 35 -12.29 2.04 33.06
CA TRP I 35 -11.44 2.79 33.97
C TRP I 35 -10.54 1.84 34.75
N TYR I 36 -9.21 2.03 34.69
CA TYR I 36 -8.26 1.13 35.36
C TYR I 36 -7.35 1.83 36.40
N GLN I 37 -6.86 1.03 37.37
CA GLN I 37 -5.97 1.45 38.45
C GLN I 37 -4.67 0.66 38.32
N GLN I 38 -3.57 1.36 37.98
CA GLN I 38 -2.29 0.68 37.88
C GLN I 38 -1.38 1.14 39.01
N LYS I 39 -1.30 0.33 40.07
CA LYS I 39 -0.45 0.59 41.25
C LYS I 39 1.04 0.31 40.85
N PRO I 40 2.05 1.02 41.42
CA PRO I 40 3.45 0.82 40.98
C PRO I 40 3.97 -0.62 41.08
N GLY I 41 4.50 -1.08 39.96
CA GLY I 41 5.05 -2.40 39.81
C GLY I 41 4.03 -3.43 39.36
N GLN I 42 2.74 -3.16 39.63
CA GLN I 42 1.64 -4.09 39.31
C GLN I 42 0.94 -3.78 37.98
N SER I 43 0.26 -4.79 37.41
CA SER I 43 -0.60 -4.71 36.23
C SER I 43 -1.87 -3.90 36.53
N PRO I 44 -2.48 -3.21 35.54
CA PRO I 44 -3.73 -2.46 35.82
C PRO I 44 -4.87 -3.34 36.34
N LYS I 45 -5.72 -2.74 37.17
CA LYS I 45 -6.87 -3.43 37.73
C LYS I 45 -8.14 -2.70 37.25
N LEU I 46 -9.10 -3.46 36.67
CA LEU I 46 -10.35 -2.92 36.16
C LEU I 46 -11.22 -2.44 37.33
N LEU I 47 -11.48 -1.13 37.39
CA LEU I 47 -12.28 -0.51 38.44
C LEU I 47 -13.72 -0.38 38.01
N ILE I 48 -13.94 0.30 36.87
CA ILE I 48 -15.26 0.60 36.35
C ILE I 48 -15.32 0.19 34.87
N TYR I 49 -16.36 -0.54 34.52
CA TYR I 49 -16.62 -0.88 33.14
C TYR I 49 -17.98 -0.41 32.75
N TYR I 50 -18.10 -0.02 31.49
CA TYR I 50 -19.36 0.46 30.92
C TYR I 50 -19.59 1.91 31.33
N ALA I 51 -18.71 2.41 32.20
CA ALA I 51 -18.73 3.78 32.67
C ALA I 51 -19.72 3.96 33.83
N SER I 52 -20.51 2.92 34.11
CA SER I 52 -21.49 2.96 35.19
C SER I 52 -21.37 1.81 36.19
N ASN I 53 -20.41 0.91 35.96
CA ASN I 53 -20.36 -0.37 36.67
C ASN I 53 -19.05 -0.62 37.38
N ARG I 54 -19.13 -0.81 38.71
CA ARG I 54 -18.01 -1.13 39.58
C ARG I 54 -17.76 -2.63 39.50
N TYR I 55 -16.52 -3.04 39.22
CA TYR I 55 -16.16 -4.45 39.11
C TYR I 55 -16.32 -5.16 40.46
N THR I 56 -16.24 -6.49 40.43
CA THR I 56 -16.35 -7.37 41.58
C THR I 56 -15.10 -7.17 42.45
N GLY I 57 -15.31 -6.69 43.67
CA GLY I 57 -14.24 -6.43 44.63
C GLY I 57 -13.89 -4.96 44.79
N VAL I 58 -14.33 -4.12 43.81
CA VAL I 58 -14.11 -2.68 43.78
C VAL I 58 -14.97 -2.03 44.88
N PRO I 59 -14.34 -1.27 45.81
CA PRO I 59 -15.12 -0.65 46.91
C PRO I 59 -16.03 0.53 46.49
N ASP I 60 -16.85 1.01 47.43
CA ASP I 60 -17.83 2.08 47.23
C ASP I 60 -17.23 3.48 46.98
N ARG I 61 -15.99 3.73 47.45
CA ARG I 61 -15.31 5.03 47.28
C ARG I 61 -15.08 5.38 45.79
N PHE I 62 -14.74 4.39 44.95
CA PHE I 62 -14.52 4.58 43.51
C PHE I 62 -15.85 4.50 42.76
N THR I 63 -16.14 5.52 41.94
CA THR I 63 -17.36 5.64 41.12
C THR I 63 -17.03 6.34 39.80
N GLY I 64 -17.86 6.10 38.79
CA GLY I 64 -17.70 6.70 37.47
C GLY I 64 -19.03 6.84 36.76
N SER I 65 -19.14 7.85 35.85
CA SER I 65 -20.35 8.13 35.06
C SER I 65 -20.03 8.91 33.78
N GLY I 66 -20.80 8.64 32.72
CA GLY I 66 -20.68 9.27 31.41
C GLY I 66 -21.38 8.54 30.28
N TYR I 67 -21.54 9.24 29.13
CA TYR I 67 -22.15 8.73 27.88
C TYR I 67 -21.85 9.69 26.71
N GLY I 68 -21.62 9.13 25.53
CA GLY I 68 -21.34 9.88 24.31
C GLY I 68 -19.87 10.25 24.13
N THR I 69 -19.53 11.52 24.44
CA THR I 69 -18.18 12.01 24.28
C THR I 69 -17.51 12.18 25.66
N ASP I 70 -18.12 12.98 26.57
CA ASP I 70 -17.57 13.29 27.90
C ASP I 70 -17.88 12.21 28.96
N PHE I 71 -16.80 11.58 29.49
CA PHE I 71 -16.80 10.52 30.50
C PHE I 71 -15.94 10.92 31.71
N THR I 72 -16.33 10.48 32.93
CA THR I 72 -15.61 10.82 34.17
C THR I 72 -15.54 9.69 35.21
N PHE I 73 -14.46 9.75 36.04
CA PHE I 73 -14.14 8.89 37.18
C PHE I 73 -13.96 9.77 38.41
N THR I 74 -14.32 9.24 39.61
CA THR I 74 -14.22 9.98 40.87
C THR I 74 -13.95 9.04 42.06
N ILE I 75 -13.32 9.59 43.12
CA ILE I 75 -13.03 8.88 44.38
C ILE I 75 -13.60 9.70 45.54
N SER I 76 -14.62 9.12 46.24
CA SER I 76 -15.36 9.70 47.36
C SER I 76 -14.43 10.18 48.49
N THR I 77 -13.39 9.38 48.80
CA THR I 77 -12.41 9.63 49.84
C THR I 77 -11.04 9.15 49.33
N VAL I 78 -10.08 10.08 49.18
CA VAL I 78 -8.72 9.72 48.74
C VAL I 78 -8.03 9.04 49.91
N GLN I 79 -7.59 7.78 49.71
CA GLN I 79 -6.89 7.03 50.76
C GLN I 79 -5.42 6.87 50.41
N ALA I 80 -4.53 6.83 51.43
CA ALA I 80 -3.06 6.73 51.27
C ALA I 80 -2.66 5.55 50.39
N GLU I 81 -3.56 4.59 50.29
CA GLU I 81 -3.45 3.35 49.53
C GLU I 81 -3.85 3.51 48.05
N ASP I 82 -4.55 4.61 47.68
CA ASP I 82 -5.04 4.82 46.31
C ASP I 82 -3.99 5.47 45.37
N LEU I 83 -2.72 5.59 45.84
CA LEU I 83 -1.56 6.10 45.10
C LEU I 83 -1.29 5.24 43.86
N ALA I 84 -1.73 5.69 42.68
CA ALA I 84 -1.56 4.95 41.41
C ALA I 84 -1.73 5.83 40.17
N VAL I 85 -1.46 5.25 38.99
CA VAL I 85 -1.72 5.88 37.70
C VAL I 85 -3.08 5.36 37.27
N TYR I 86 -3.99 6.27 36.90
CA TYR I 86 -5.34 5.93 36.51
C TYR I 86 -5.55 6.21 35.02
N PHE I 87 -6.00 5.19 34.28
CA PHE I 87 -6.26 5.23 32.86
C PHE I 87 -7.72 4.99 32.56
N CYS I 88 -8.14 5.35 31.35
CA CYS I 88 -9.49 5.14 30.86
C CYS I 88 -9.39 4.44 29.52
N GLN I 89 -10.41 3.71 29.11
CA GLN I 89 -10.37 2.99 27.84
C GLN I 89 -11.70 3.09 27.13
N GLN I 90 -11.67 2.86 25.83
CA GLN I 90 -12.81 2.85 24.93
C GLN I 90 -12.80 1.49 24.24
N ASP I 91 -13.98 0.92 24.00
CA ASP I 91 -14.10 -0.37 23.33
C ASP I 91 -15.26 -0.35 22.31
N TYR I 92 -15.83 0.84 22.00
CA TYR I 92 -16.94 0.94 21.03
C TYR I 92 -16.45 0.75 19.60
N SER I 93 -15.32 1.39 19.26
CA SER I 93 -14.70 1.36 17.92
C SER I 93 -14.29 -0.05 17.47
N SER I 94 -13.92 -0.15 16.18
CA SER I 94 -13.40 -1.34 15.52
C SER I 94 -12.06 -1.73 16.20
N PRO I 95 -11.44 -2.81 15.83
CA PRO I 95 -10.59 -3.48 16.77
C PRO I 95 -9.63 -2.55 17.47
N PRO I 96 -8.91 -1.55 16.79
CA PRO I 96 -7.98 -0.86 17.69
C PRO I 96 -8.74 -0.02 18.71
N TRP I 97 -8.55 -0.37 19.97
CA TRP I 97 -9.26 0.14 21.16
C TRP I 97 -8.38 1.00 22.04
N THR I 98 -8.57 2.31 21.94
CA THR I 98 -7.82 3.39 22.58
C THR I 98 -7.92 3.43 24.10
N PHE I 99 -6.81 3.86 24.72
CA PHE I 99 -6.62 4.06 26.15
C PHE I 99 -6.46 5.55 26.45
N GLY I 100 -6.23 5.89 27.72
CA GLY I 100 -6.00 7.25 28.16
C GLY I 100 -4.53 7.56 28.27
N GLY I 101 -4.24 8.81 28.58
CA GLY I 101 -2.86 9.27 28.75
C GLY I 101 -2.28 8.87 30.09
N GLY I 102 -3.18 8.78 31.08
CA GLY I 102 -2.86 8.45 32.45
C GLY I 102 -2.94 9.65 33.35
N THR I 103 -3.31 9.42 34.62
CA THR I 103 -3.42 10.46 35.63
C THR I 103 -2.70 9.95 36.87
N LYS I 104 -1.50 10.50 37.16
CA LYS I 104 -0.72 10.08 38.32
C LYS I 104 -1.30 10.70 39.58
N LEU I 105 -1.60 9.86 40.57
CA LEU I 105 -2.16 10.32 41.84
C LEU I 105 -1.07 10.36 42.91
N GLU I 106 -0.65 11.60 43.26
CA GLU I 106 0.34 11.89 44.29
C GLU I 106 -0.40 12.34 45.52
N ILE I 107 0.08 11.95 46.71
CA ILE I 107 -0.63 12.32 47.94
C ILE I 107 0.12 13.42 48.72
N ARG I 108 -0.66 14.30 49.37
CA ARG I 108 -0.17 15.40 50.20
C ARG I 108 -0.34 15.00 51.66
N ARG I 109 0.77 15.01 52.42
CA ARG I 109 0.79 14.65 53.84
C ARG I 109 1.51 15.73 54.66
N ALA I 110 1.69 15.50 55.98
CA ALA I 110 2.40 16.41 56.87
C ALA I 110 3.90 16.33 56.59
N ASP I 111 4.51 17.46 56.23
CA ASP I 111 5.94 17.56 55.92
C ASP I 111 6.76 17.08 57.13
N ALA I 112 7.50 15.97 56.96
CA ALA I 112 8.30 15.36 58.03
C ALA I 112 9.78 15.22 57.65
N ALA I 113 10.66 15.19 58.66
CA ALA I 113 12.11 15.12 58.52
C ALA I 113 12.61 13.73 58.11
N PRO I 114 13.69 13.66 57.29
CA PRO I 114 14.25 12.36 56.91
C PRO I 114 15.13 11.72 58.00
N THR I 115 15.45 10.42 57.83
CA THR I 115 16.34 9.68 58.72
C THR I 115 17.55 9.26 57.87
N VAL I 116 18.61 10.10 57.91
CA VAL I 116 19.85 9.88 57.15
C VAL I 116 20.69 8.82 57.87
N SER I 117 21.14 7.80 57.13
CA SER I 117 21.95 6.70 57.64
C SER I 117 23.03 6.32 56.60
N ILE I 118 24.29 6.70 56.88
CA ILE I 118 25.44 6.42 56.01
C ILE I 118 25.83 4.94 56.17
N PHE I 119 26.36 4.32 55.08
CA PHE I 119 26.79 2.93 55.05
C PHE I 119 28.17 2.82 54.36
N PRO I 120 29.27 2.50 55.10
CA PRO I 120 30.60 2.40 54.46
C PRO I 120 30.72 1.19 53.53
N PRO I 121 31.59 1.23 52.48
CA PRO I 121 31.68 0.11 51.53
C PRO I 121 32.13 -1.22 52.15
N SER I 122 31.54 -2.32 51.67
CA SER I 122 31.83 -3.70 52.11
C SER I 122 33.24 -4.15 51.73
N SER I 123 33.79 -5.15 52.46
CA SER I 123 35.12 -5.72 52.19
C SER I 123 35.05 -6.58 50.93
N GLU I 124 33.84 -7.08 50.59
CA GLU I 124 33.53 -7.89 49.40
C GLU I 124 33.69 -7.05 48.13
N GLN I 125 33.19 -5.78 48.14
CA GLN I 125 33.32 -4.83 47.03
C GLN I 125 34.79 -4.39 46.90
N LEU I 126 35.52 -4.28 48.03
CA LEU I 126 36.94 -3.92 48.09
C LEU I 126 37.79 -4.97 47.42
N THR I 127 37.41 -6.25 47.58
CA THR I 127 38.08 -7.40 46.98
C THR I 127 37.80 -7.40 45.46
N SER I 128 36.62 -6.87 45.03
CA SER I 128 36.24 -6.74 43.62
C SER I 128 37.17 -5.74 42.91
N GLY I 129 37.41 -4.58 43.53
CA GLY I 129 38.29 -3.56 43.00
C GLY I 129 37.83 -2.12 43.13
N GLY I 130 36.53 -1.94 43.36
CA GLY I 130 35.90 -0.63 43.51
C GLY I 130 35.34 -0.34 44.89
N ALA I 131 34.79 0.88 45.08
CA ALA I 131 34.19 1.33 46.34
C ALA I 131 32.99 2.25 46.10
N SER I 132 31.88 1.99 46.79
CA SER I 132 30.66 2.76 46.67
C SER I 132 30.07 3.14 48.04
N VAL I 133 30.31 4.40 48.45
CA VAL I 133 29.83 4.95 49.73
C VAL I 133 28.35 5.29 49.57
N VAL I 134 27.49 4.46 50.17
CA VAL I 134 26.02 4.57 50.08
C VAL I 134 25.48 5.36 51.29
N CYS I 135 24.53 6.28 51.04
CA CYS I 135 23.89 7.08 52.08
C CYS I 135 22.37 7.11 51.85
N PHE I 136 21.61 6.46 52.75
CA PHE I 136 20.16 6.34 52.66
C PHE I 136 19.40 7.48 53.31
N LEU I 137 18.42 8.00 52.59
CA LEU I 137 17.50 9.05 53.04
C LEU I 137 16.14 8.38 53.18
N ASN I 138 15.50 8.46 54.37
CA ASN I 138 14.25 7.74 54.57
C ASN I 138 13.15 8.51 55.27
N ASN I 139 11.90 8.19 54.94
CA ASN I 139 10.68 8.71 55.59
C ASN I 139 10.39 10.24 55.65
N PHE I 140 10.31 10.91 54.50
CA PHE I 140 10.27 12.37 54.49
C PHE I 140 9.33 12.97 53.46
N TYR I 141 8.72 14.11 53.81
CA TYR I 141 7.83 14.88 52.93
C TYR I 141 8.26 16.36 52.93
N PRO I 142 8.40 17.02 51.75
CA PRO I 142 8.18 16.54 50.38
C PRO I 142 9.38 15.81 49.79
N LYS I 143 9.19 15.26 48.56
CA LYS I 143 10.14 14.50 47.75
C LYS I 143 11.42 15.30 47.44
N ASP I 144 11.28 16.65 47.25
CA ASP I 144 12.36 17.58 46.95
CA ASP I 144 12.38 17.55 46.94
C ASP I 144 13.42 17.56 48.06
N ILE I 145 14.67 17.14 47.73
CA ILE I 145 15.80 17.06 48.64
C ILE I 145 17.13 17.21 47.85
N ASN I 146 18.05 18.03 48.41
CA ASN I 146 19.37 18.31 47.82
CA ASN I 146 19.37 18.31 47.82
C ASN I 146 20.46 17.67 48.67
N VAL I 147 21.18 16.68 48.10
CA VAL I 147 22.26 15.97 48.79
C VAL I 147 23.63 16.67 48.54
N LYS I 148 24.65 16.35 49.36
CA LYS I 148 26.01 16.93 49.29
C LYS I 148 27.03 15.93 49.83
N TRP I 149 27.96 15.47 48.96
CA TRP I 149 29.02 14.54 49.34
C TRP I 149 30.30 15.32 49.66
N LYS I 150 30.80 15.20 50.92
CA LYS I 150 32.03 15.87 51.35
C LYS I 150 33.00 14.87 51.99
N ILE I 151 34.30 15.05 51.69
CA ILE I 151 35.39 14.19 52.17
C ILE I 151 36.45 15.08 52.81
N ASP I 152 36.51 15.10 54.16
CA ASP I 152 37.43 15.90 54.98
C ASP I 152 37.35 17.42 54.64
N GLY I 153 36.22 17.83 54.09
CA GLY I 153 35.95 19.20 53.65
C GLY I 153 35.84 19.37 52.15
N SER I 154 36.41 18.42 51.37
CA SER I 154 36.40 18.43 49.91
C SER I 154 35.09 17.88 49.36
N GLU I 155 34.30 18.76 48.72
CA GLU I 155 33.02 18.41 48.10
C GLU I 155 33.28 17.71 46.76
N ARG I 156 32.60 16.58 46.52
CA ARG I 156 32.75 15.82 45.27
C ARG I 156 31.38 15.66 44.59
N GLN I 157 31.16 16.45 43.53
CA GLN I 157 29.90 16.45 42.76
C GLN I 157 30.01 15.49 41.55
N ASN I 158 31.23 15.26 41.05
CA ASN I 158 31.46 14.36 39.92
C ASN I 158 31.41 12.90 40.37
N GLY I 159 30.66 12.08 39.64
CA GLY I 159 30.48 10.66 39.92
C GLY I 159 29.55 10.36 41.06
N VAL I 160 28.32 10.92 41.01
CA VAL I 160 27.27 10.73 42.03
C VAL I 160 25.98 10.28 41.34
N LEU I 161 25.33 9.23 41.90
CA LEU I 161 24.08 8.68 41.39
C LEU I 161 23.01 8.73 42.48
N ASN I 162 21.76 9.08 42.12
CA ASN I 162 20.64 9.18 43.07
C ASN I 162 19.36 8.58 42.51
N SER I 163 18.54 7.94 43.37
CA SER I 163 17.28 7.32 42.94
C SER I 163 16.18 7.42 43.99
N TRP I 164 15.18 8.26 43.70
CA TRP I 164 14.00 8.47 44.55
C TRP I 164 13.01 7.34 44.40
N THR I 165 12.30 7.02 45.49
CA THR I 165 11.28 5.97 45.48
C THR I 165 9.90 6.54 45.23
N ASP I 166 8.94 5.66 44.97
CA ASP I 166 7.54 6.01 44.83
C ASP I 166 7.02 6.23 46.26
N GLN I 167 5.99 7.08 46.41
CA GLN I 167 5.41 7.42 47.70
C GLN I 167 4.81 6.19 48.39
N ASP I 168 4.98 6.10 49.74
CA ASP I 168 4.52 4.97 50.55
C ASP I 168 3.00 4.85 50.54
N SER I 169 2.50 3.61 50.39
CA SER I 169 1.07 3.33 50.36
C SER I 169 0.43 3.45 51.74
N LYS I 170 1.25 3.46 52.82
CA LYS I 170 0.73 3.51 54.19
C LYS I 170 0.82 4.93 54.78
N ASP I 171 2.05 5.41 55.05
CA ASP I 171 2.28 6.72 55.68
C ASP I 171 2.53 7.86 54.66
N SER I 172 2.63 7.53 53.36
CA SER I 172 2.84 8.44 52.22
C SER I 172 4.21 9.18 52.31
N THR I 173 5.27 8.45 52.72
CA THR I 173 6.62 9.03 52.82
C THR I 173 7.51 8.61 51.66
N TYR I 174 8.42 9.52 51.28
CA TYR I 174 9.40 9.35 50.24
C TYR I 174 10.73 8.91 50.83
N SER I 175 11.55 8.23 50.03
CA SER I 175 12.88 7.76 50.42
C SER I 175 13.82 7.83 49.20
N MET I 176 15.09 8.19 49.41
CA MET I 176 16.03 8.28 48.28
C MET I 176 17.40 7.74 48.69
N SER I 177 18.07 7.09 47.73
CA SER I 177 19.37 6.46 47.93
C SER I 177 20.45 7.23 47.18
N SER I 178 21.46 7.72 47.91
CA SER I 178 22.63 8.40 47.35
C SER I 178 23.80 7.43 47.25
N THR I 179 24.50 7.46 46.10
CA THR I 179 25.66 6.60 45.82
C THR I 179 26.83 7.44 45.28
N LEU I 180 28.05 6.98 45.59
CA LEU I 180 29.30 7.59 45.17
C LEU I 180 30.26 6.48 44.73
N THR I 181 30.42 6.32 43.41
CA THR I 181 31.28 5.28 42.86
C THR I 181 32.71 5.83 42.70
N LEU I 182 33.69 5.13 43.33
CA LEU I 182 35.12 5.46 43.31
C LEU I 182 35.95 4.18 43.21
N THR I 183 37.24 4.30 42.83
CA THR I 183 38.16 3.16 42.75
C THR I 183 38.71 2.87 44.14
N LYS I 184 39.29 1.65 44.36
CA LYS I 184 39.88 1.29 45.65
C LYS I 184 41.08 2.21 45.95
N ASP I 185 41.77 2.69 44.89
CA ASP I 185 42.90 3.63 44.97
C ASP I 185 42.41 4.97 45.54
N GLU I 186 41.24 5.44 45.07
CA GLU I 186 40.59 6.67 45.50
C GLU I 186 40.11 6.57 46.95
N TYR I 187 39.54 5.41 47.33
CA TYR I 187 39.01 5.16 48.67
C TYR I 187 40.11 5.09 49.74
N GLU I 188 41.24 4.45 49.43
CA GLU I 188 42.35 4.29 50.39
C GLU I 188 43.11 5.62 50.60
N ARG I 189 42.98 6.57 49.64
CA ARG I 189 43.60 7.91 49.65
C ARG I 189 43.09 8.78 50.81
N HIS I 190 41.81 8.63 51.18
CA HIS I 190 41.16 9.44 52.21
C HIS I 190 40.60 8.58 53.37
N ASN I 191 40.26 9.26 54.50
CA ASN I 191 39.80 8.64 55.75
C ASN I 191 38.36 9.02 56.11
N SER I 192 38.08 10.33 56.37
CA SER I 192 36.77 10.85 56.78
C SER I 192 35.84 11.13 55.60
N TYR I 193 34.70 10.43 55.57
CA TYR I 193 33.67 10.55 54.54
C TYR I 193 32.35 11.01 55.15
N THR I 194 31.91 12.20 54.76
CA THR I 194 30.68 12.79 55.28
C THR I 194 29.55 12.70 54.24
N CYS I 195 28.29 12.79 54.71
CA CYS I 195 27.07 12.79 53.91
C CYS I 195 26.04 13.73 54.54
N GLU I 196 25.65 14.79 53.79
CA GLU I 196 24.70 15.80 54.27
C GLU I 196 23.64 16.09 53.20
N ALA I 197 22.38 16.28 53.62
CA ALA I 197 21.27 16.58 52.71
C ALA I 197 20.32 17.63 53.32
N THR I 198 19.98 18.66 52.51
CA THR I 198 19.12 19.78 52.89
C THR I 198 17.63 19.42 52.70
N HIS I 199 16.79 19.79 53.70
CA HIS I 199 15.34 19.55 53.68
C HIS I 199 14.55 20.82 54.10
N LYS I 200 13.22 20.79 53.84
CA LYS I 200 12.25 21.85 54.16
C LYS I 200 11.98 21.89 55.67
N THR I 201 12.11 20.73 56.34
CA THR I 201 11.84 20.53 57.76
C THR I 201 12.92 21.14 58.67
N SER I 202 14.17 21.33 58.17
CA SER I 202 15.24 21.93 58.95
C SER I 202 16.26 22.69 58.09
N THR I 203 16.73 23.83 58.61
CA THR I 203 17.72 24.71 57.99
C THR I 203 19.09 24.05 57.94
N SER I 204 19.45 23.30 59.01
CA SER I 204 20.71 22.58 59.14
C SER I 204 20.61 21.15 58.57
N PRO I 205 21.60 20.66 57.78
CA PRO I 205 21.50 19.31 57.22
C PRO I 205 21.79 18.22 58.27
N ILE I 206 21.20 17.02 58.08
CA ILE I 206 21.39 15.87 58.96
C ILE I 206 22.72 15.19 58.57
N VAL I 207 23.77 15.46 59.38
CA VAL I 207 25.14 15.00 59.17
C VAL I 207 25.34 13.57 59.65
N LYS I 208 25.93 12.74 58.78
CA LYS I 208 26.31 11.35 59.04
C LYS I 208 27.68 11.10 58.40
N SER I 209 28.63 10.59 59.18
CA SER I 209 30.00 10.34 58.74
C SER I 209 30.63 9.09 59.37
N PHE I 210 31.84 8.72 58.91
CA PHE I 210 32.64 7.58 59.39
C PHE I 210 34.15 7.79 59.12
N ASN I 211 35.00 6.88 59.64
CA ASN I 211 36.45 6.92 59.45
C ASN I 211 36.96 5.60 58.90
N SER J 1 21.75 2.58 -30.17
CA SER J 1 22.50 2.31 -31.40
C SER J 1 22.70 0.79 -31.62
N ILE J 2 21.86 -0.03 -30.99
CA ILE J 2 21.94 -1.47 -31.14
C ILE J 2 21.06 -1.86 -32.32
N VAL J 3 21.68 -2.36 -33.40
CA VAL J 3 20.97 -2.74 -34.62
C VAL J 3 20.07 -3.96 -34.35
N MET J 4 18.75 -3.77 -34.54
CA MET J 4 17.77 -4.81 -34.35
C MET J 4 17.34 -5.34 -35.70
N THR J 5 17.72 -6.61 -35.97
CA THR J 5 17.48 -7.31 -37.24
C THR J 5 16.17 -8.15 -37.16
N GLN J 6 15.11 -7.68 -37.86
CA GLN J 6 13.80 -8.32 -37.90
C GLN J 6 13.66 -9.26 -39.11
N THR J 7 13.20 -10.51 -38.86
CA THR J 7 13.05 -11.54 -39.89
C THR J 7 11.74 -12.33 -39.69
N PRO J 8 10.92 -12.56 -40.76
CA PRO J 8 11.13 -12.17 -42.16
C PRO J 8 10.49 -10.82 -42.53
N LYS J 9 10.92 -10.25 -43.66
CA LYS J 9 10.40 -8.98 -44.17
C LYS J 9 8.93 -9.13 -44.62
N PHE J 10 8.55 -10.34 -45.15
CA PHE J 10 7.19 -10.68 -45.61
C PHE J 10 6.77 -12.04 -45.06
N LEU J 11 5.47 -12.19 -44.75
CA LEU J 11 4.90 -13.38 -44.15
C LEU J 11 3.46 -13.61 -44.62
N LEU J 12 3.24 -14.57 -45.56
CA LEU J 12 1.91 -14.90 -46.11
C LEU J 12 1.47 -16.25 -45.59
N VAL J 13 0.30 -16.29 -44.91
CA VAL J 13 -0.26 -17.49 -44.29
C VAL J 13 -1.80 -17.48 -44.22
N SER J 14 -2.41 -18.68 -44.21
CA SER J 14 -3.87 -18.85 -44.09
C SER J 14 -4.32 -18.60 -42.64
N ALA J 15 -5.64 -18.42 -42.43
CA ALA J 15 -6.23 -18.23 -41.10
C ALA J 15 -6.05 -19.50 -40.24
N GLY J 16 -5.83 -19.32 -38.95
CA GLY J 16 -5.60 -20.40 -38.00
C GLY J 16 -4.24 -21.06 -38.18
N ASP J 17 -3.18 -20.24 -38.18
CA ASP J 17 -1.79 -20.68 -38.34
C ASP J 17 -0.92 -20.20 -37.18
N ARG J 18 0.30 -20.76 -37.07
CA ARG J 18 1.28 -20.36 -36.06
C ARG J 18 2.50 -19.80 -36.79
N VAL J 19 2.59 -18.46 -36.83
CA VAL J 19 3.65 -17.72 -37.52
C VAL J 19 4.68 -17.18 -36.52
N THR J 20 5.94 -17.11 -36.95
CA THR J 20 7.04 -16.65 -36.10
C THR J 20 7.81 -15.51 -36.75
N ILE J 21 8.24 -14.57 -35.92
CA ILE J 21 9.08 -13.42 -36.26
C ILE J 21 10.33 -13.52 -35.37
N THR J 22 11.47 -12.96 -35.80
CA THR J 22 12.70 -12.97 -35.00
C THR J 22 13.40 -11.62 -35.12
N CYS J 23 13.60 -10.96 -33.96
CA CYS J 23 14.32 -9.70 -33.84
C CYS J 23 15.62 -9.97 -33.11
N LYS J 24 16.75 -9.90 -33.82
CA LYS J 24 18.05 -10.17 -33.20
C LYS J 24 18.86 -8.87 -33.06
N ALA J 25 19.29 -8.56 -31.82
CA ALA J 25 20.04 -7.37 -31.44
C ALA J 25 21.54 -7.56 -31.62
N SER J 26 22.24 -6.50 -32.09
CA SER J 26 23.69 -6.52 -32.30
C SER J 26 24.44 -6.62 -30.95
N GLN J 27 23.84 -6.06 -29.89
CA GLN J 27 24.35 -6.03 -28.53
C GLN J 27 23.28 -6.58 -27.56
N SER J 28 23.72 -7.09 -26.39
CA SER J 28 22.85 -7.65 -25.36
C SER J 28 21.91 -6.61 -24.74
N VAL J 29 20.62 -6.98 -24.57
CA VAL J 29 19.56 -6.19 -23.95
C VAL J 29 18.80 -7.11 -22.97
N SER J 30 19.04 -6.91 -21.66
CA SER J 30 18.43 -7.72 -20.60
C SER J 30 16.91 -7.45 -20.52
N ASN J 31 16.15 -8.16 -21.39
CA ASN J 31 14.69 -8.16 -21.58
C ASN J 31 14.07 -6.74 -21.81
N ASP J 32 14.79 -5.84 -22.53
CA ASP J 32 14.24 -4.51 -22.78
C ASP J 32 13.78 -4.37 -24.24
N VAL J 33 12.89 -5.29 -24.65
CA VAL J 33 12.33 -5.32 -26.02
C VAL J 33 10.80 -5.14 -25.98
N ALA J 34 10.27 -4.43 -27.00
CA ALA J 34 8.84 -4.15 -27.19
C ALA J 34 8.36 -4.66 -28.57
N TRP J 35 7.05 -4.95 -28.70
CA TRP J 35 6.44 -5.44 -29.94
C TRP J 35 5.17 -4.68 -30.25
N TYR J 36 5.08 -4.17 -31.49
CA TYR J 36 3.97 -3.34 -31.98
C TYR J 36 3.27 -3.94 -33.23
N GLN J 37 2.01 -3.49 -33.44
CA GLN J 37 1.12 -3.86 -34.55
C GLN J 37 0.64 -2.58 -35.22
N GLN J 38 1.14 -2.28 -36.43
CA GLN J 38 0.70 -1.07 -37.12
C GLN J 38 -0.19 -1.42 -38.33
N LYS J 39 -1.51 -1.32 -38.12
CA LYS J 39 -2.54 -1.55 -39.14
C LYS J 39 -2.55 -0.33 -40.09
N PRO J 40 -2.80 -0.51 -41.42
CA PRO J 40 -2.74 0.65 -42.34
C PRO J 40 -3.61 1.84 -41.94
N GLY J 41 -3.07 3.03 -42.13
CA GLY J 41 -3.72 4.29 -41.81
C GLY J 41 -3.81 4.61 -40.34
N GLN J 42 -3.48 3.62 -39.47
CA GLN J 42 -3.51 3.65 -38.00
C GLN J 42 -2.11 3.68 -37.38
N SER J 43 -2.05 4.08 -36.11
CA SER J 43 -0.83 4.17 -35.30
C SER J 43 -0.34 2.78 -34.87
N PRO J 44 0.95 2.64 -34.50
CA PRO J 44 1.42 1.35 -33.98
C PRO J 44 0.85 1.14 -32.59
N LYS J 45 0.31 -0.05 -32.30
CA LYS J 45 -0.27 -0.34 -30.99
C LYS J 45 0.59 -1.34 -30.26
N LEU J 46 0.94 -1.00 -29.01
CA LEU J 46 1.79 -1.82 -28.17
C LEU J 46 1.11 -3.16 -27.90
N LEU J 47 1.67 -4.25 -28.45
CA LEU J 47 1.17 -5.60 -28.24
C LEU J 47 1.76 -6.17 -26.98
N ILE J 48 3.10 -6.25 -26.95
CA ILE J 48 3.88 -6.83 -25.88
C ILE J 48 4.97 -5.82 -25.44
N TYR J 49 5.46 -5.97 -24.20
CA TYR J 49 6.51 -5.16 -23.58
C TYR J 49 7.39 -6.05 -22.71
N TYR J 50 8.64 -5.65 -22.51
CA TYR J 50 9.62 -6.42 -21.75
C TYR J 50 9.79 -7.82 -22.31
N ALA J 51 9.72 -7.95 -23.63
CA ALA J 51 9.94 -9.22 -24.29
C ALA J 51 8.77 -10.19 -24.13
N SER J 52 8.38 -10.48 -22.89
CA SER J 52 7.39 -11.52 -22.69
C SER J 52 6.08 -11.12 -22.05
N ASN J 53 5.90 -9.85 -21.72
CA ASN J 53 4.69 -9.38 -21.02
C ASN J 53 3.66 -8.80 -21.97
N ARG J 54 2.41 -9.34 -21.97
CA ARG J 54 1.29 -8.88 -22.83
C ARG J 54 0.70 -7.57 -22.31
N TYR J 55 0.60 -6.55 -23.17
CA TYR J 55 0.01 -5.27 -22.75
C TYR J 55 -1.51 -5.44 -22.54
N THR J 56 -2.06 -4.62 -21.62
CA THR J 56 -3.45 -4.58 -21.18
C THR J 56 -4.40 -4.51 -22.38
N GLY J 57 -5.34 -5.47 -22.43
CA GLY J 57 -6.33 -5.59 -23.50
C GLY J 57 -5.87 -6.36 -24.73
N VAL J 58 -4.58 -6.76 -24.78
CA VAL J 58 -3.99 -7.51 -25.91
C VAL J 58 -4.30 -9.00 -25.69
N PRO J 59 -4.88 -9.68 -26.71
CA PRO J 59 -5.28 -11.10 -26.52
C PRO J 59 -4.11 -12.08 -26.39
N ASP J 60 -4.44 -13.26 -25.85
CA ASP J 60 -3.57 -14.40 -25.56
C ASP J 60 -2.90 -14.97 -26.82
N ARG J 61 -3.55 -14.83 -28.02
CA ARG J 61 -3.00 -15.32 -29.29
C ARG J 61 -1.63 -14.67 -29.61
N PHE J 62 -1.45 -13.39 -29.25
CA PHE J 62 -0.20 -12.65 -29.42
C PHE J 62 0.71 -12.90 -28.20
N THR J 63 1.80 -13.68 -28.40
CA THR J 63 2.76 -14.03 -27.35
C THR J 63 4.19 -13.81 -27.80
N GLY J 64 4.98 -13.16 -26.94
CA GLY J 64 6.39 -12.85 -27.18
C GLY J 64 7.31 -13.55 -26.20
N SER J 65 8.58 -13.78 -26.63
CA SER J 65 9.61 -14.43 -25.82
C SER J 65 11.01 -13.96 -26.23
N GLY J 66 12.02 -14.39 -25.46
CA GLY J 66 13.42 -14.07 -25.68
C GLY J 66 14.07 -13.25 -24.58
N TYR J 67 15.41 -13.25 -24.54
CA TYR J 67 16.23 -12.51 -23.60
C TYR J 67 17.64 -12.31 -24.17
N GLY J 68 18.19 -11.13 -23.98
CA GLY J 68 19.54 -10.76 -24.36
C GLY J 68 20.02 -10.45 -25.77
N THR J 69 19.92 -11.40 -26.68
CA THR J 69 20.26 -11.15 -28.09
C THR J 69 19.16 -11.65 -29.03
N ASP J 70 18.63 -12.87 -28.81
CA ASP J 70 17.58 -13.46 -29.64
C ASP J 70 16.19 -13.17 -29.05
N PHE J 71 15.22 -12.77 -29.91
CA PHE J 71 13.85 -12.43 -29.51
C PHE J 71 12.84 -12.85 -30.58
N THR J 72 11.75 -13.52 -30.15
CA THR J 72 10.71 -13.99 -31.07
C THR J 72 9.31 -13.57 -30.67
N PHE J 73 8.47 -13.37 -31.69
CA PHE J 73 7.05 -13.07 -31.58
C PHE J 73 6.31 -14.15 -32.33
N THR J 74 5.32 -14.78 -31.69
CA THR J 74 4.56 -15.86 -32.31
C THR J 74 3.04 -15.65 -32.11
N ILE J 75 2.25 -15.85 -33.18
CA ILE J 75 0.79 -15.72 -33.14
C ILE J 75 0.17 -17.12 -33.09
N SER J 76 -0.59 -17.42 -32.01
CA SER J 76 -1.25 -18.71 -31.76
C SER J 76 -2.27 -19.05 -32.85
N THR J 77 -3.13 -18.09 -33.21
CA THR J 77 -4.15 -18.25 -34.24
C THR J 77 -4.17 -17.01 -35.12
N VAL J 78 -3.80 -17.16 -36.39
CA VAL J 78 -3.78 -16.06 -37.35
C VAL J 78 -5.24 -15.76 -37.74
N GLN J 79 -5.64 -14.49 -37.70
CA GLN J 79 -6.99 -14.01 -38.04
C GLN J 79 -6.90 -12.86 -39.06
N ALA J 80 -8.01 -12.59 -39.77
CA ALA J 80 -8.07 -11.52 -40.78
C ALA J 80 -7.77 -10.14 -40.19
N GLU J 81 -8.08 -9.93 -38.89
CA GLU J 81 -7.87 -8.68 -38.14
C GLU J 81 -6.39 -8.42 -37.81
N ASP J 82 -5.58 -9.50 -37.72
CA ASP J 82 -4.16 -9.48 -37.37
C ASP J 82 -3.25 -8.91 -38.50
N LEU J 83 -3.87 -8.58 -39.61
CA LEU J 83 -3.16 -8.11 -40.76
C LEU J 83 -2.63 -6.78 -40.43
N ALA J 84 -1.33 -6.66 -40.45
CA ALA J 84 -0.60 -5.40 -40.20
C ALA J 84 0.91 -5.53 -40.46
N VAL J 85 1.67 -4.46 -40.10
CA VAL J 85 3.13 -4.36 -40.17
C VAL J 85 3.62 -4.49 -38.74
N TYR J 86 4.31 -5.58 -38.45
CA TYR J 86 4.77 -5.86 -37.10
C TYR J 86 6.21 -5.38 -36.90
N PHE J 87 6.43 -4.57 -35.85
CA PHE J 87 7.72 -4.01 -35.49
C PHE J 87 8.16 -4.43 -34.11
N CYS J 88 9.47 -4.31 -33.82
CA CYS J 88 10.02 -4.56 -32.49
C CYS J 88 10.86 -3.35 -32.10
N GLN J 89 11.24 -3.22 -30.82
CA GLN J 89 12.00 -2.06 -30.34
C GLN J 89 12.92 -2.46 -29.21
N GLN J 90 13.96 -1.65 -28.97
CA GLN J 90 14.92 -1.79 -27.87
C GLN J 90 14.83 -0.52 -27.02
N ASP J 91 15.00 -0.64 -25.70
CA ASP J 91 14.93 0.48 -24.77
C ASP J 91 16.07 0.41 -23.72
N TYR J 92 17.03 -0.51 -23.89
CA TYR J 92 18.13 -0.69 -22.96
C TYR J 92 19.23 0.36 -23.16
N SER J 93 19.57 0.66 -24.43
CA SER J 93 20.59 1.62 -24.83
C SER J 93 20.24 3.05 -24.42
N SER J 94 21.16 3.93 -24.74
CA SER J 94 21.02 5.31 -24.43
C SER J 94 20.14 5.86 -25.47
N PRO J 95 19.85 7.23 -25.32
CA PRO J 95 18.60 7.64 -25.91
C PRO J 95 18.26 7.22 -27.31
N PRO J 96 19.17 7.10 -28.36
CA PRO J 96 18.51 6.61 -29.59
C PRO J 96 18.18 5.14 -29.40
N TRP J 97 16.88 4.86 -29.36
CA TRP J 97 16.30 3.53 -29.12
C TRP J 97 15.73 3.00 -30.43
N THR J 98 16.51 2.13 -31.09
CA THR J 98 16.23 1.53 -32.39
C THR J 98 14.92 0.73 -32.49
N PHE J 99 14.49 0.47 -33.73
CA PHE J 99 13.32 -0.31 -34.12
C PHE J 99 13.70 -1.32 -35.17
N GLY J 100 12.92 -2.38 -35.28
CA GLY J 100 13.12 -3.39 -36.31
C GLY J 100 12.61 -2.91 -37.65
N GLY J 101 13.02 -3.59 -38.72
CA GLY J 101 12.62 -3.25 -40.09
C GLY J 101 11.14 -3.31 -40.34
N GLY J 102 10.49 -4.34 -39.80
CA GLY J 102 9.06 -4.57 -39.95
C GLY J 102 8.76 -5.90 -40.62
N THR J 103 7.58 -6.46 -40.33
CA THR J 103 7.15 -7.71 -40.92
C THR J 103 5.75 -7.51 -41.45
N LYS J 104 5.63 -7.54 -42.79
CA LYS J 104 4.37 -7.37 -43.52
C LYS J 104 3.62 -8.69 -43.51
N LEU J 105 2.53 -8.75 -42.73
CA LEU J 105 1.71 -9.94 -42.57
C LEU J 105 0.58 -9.94 -43.60
N GLU J 106 0.76 -10.76 -44.65
CA GLU J 106 -0.24 -10.94 -45.70
C GLU J 106 -0.92 -12.26 -45.44
N ILE J 107 -2.18 -12.40 -45.86
CA ILE J 107 -2.94 -13.60 -45.52
C ILE J 107 -3.37 -14.38 -46.76
N ARG J 108 -3.53 -15.69 -46.58
CA ARG J 108 -3.99 -16.61 -47.61
C ARG J 108 -5.49 -16.88 -47.41
N ARG J 109 -6.21 -16.87 -48.54
CA ARG J 109 -7.63 -17.19 -48.65
C ARG J 109 -7.90 -17.87 -50.00
N ALA J 110 -9.07 -18.50 -50.14
CA ALA J 110 -9.49 -19.15 -51.38
C ALA J 110 -9.57 -18.12 -52.50
N ASP J 111 -9.07 -18.47 -53.68
CA ASP J 111 -9.00 -17.60 -54.85
C ASP J 111 -10.41 -17.27 -55.39
N ALA J 112 -10.92 -16.08 -55.04
CA ALA J 112 -12.24 -15.61 -55.45
C ALA J 112 -12.16 -14.76 -56.73
N ALA J 113 -13.29 -14.67 -57.46
CA ALA J 113 -13.41 -13.92 -58.70
C ALA J 113 -13.90 -12.48 -58.44
N PRO J 114 -13.43 -11.49 -59.25
CA PRO J 114 -13.83 -10.09 -58.99
C PRO J 114 -15.25 -9.72 -59.45
N THR J 115 -15.71 -8.51 -59.04
CA THR J 115 -17.01 -7.91 -59.42
C THR J 115 -16.72 -6.53 -60.06
N VAL J 116 -16.72 -6.48 -61.41
CA VAL J 116 -16.42 -5.27 -62.20
C VAL J 116 -17.61 -4.32 -62.22
N SER J 117 -17.32 -3.00 -62.18
CA SER J 117 -18.30 -1.93 -62.19
C SER J 117 -17.78 -0.74 -63.01
N ILE J 118 -18.45 -0.43 -64.17
CA ILE J 118 -18.06 0.69 -65.04
C ILE J 118 -18.95 1.91 -64.71
N PHE J 119 -18.29 3.04 -64.40
CA PHE J 119 -18.93 4.29 -64.00
C PHE J 119 -18.76 5.39 -65.06
N PRO J 120 -19.86 5.80 -65.74
CA PRO J 120 -19.77 6.90 -66.73
C PRO J 120 -19.35 8.24 -66.09
N PRO J 121 -18.58 9.11 -66.83
CA PRO J 121 -18.17 10.40 -66.25
C PRO J 121 -19.38 11.25 -65.87
N SER J 122 -19.39 11.70 -64.61
CA SER J 122 -20.42 12.53 -63.99
C SER J 122 -20.66 13.83 -64.77
N SER J 123 -21.91 14.31 -64.79
CA SER J 123 -22.32 15.53 -65.47
C SER J 123 -21.56 16.77 -64.96
N GLU J 124 -21.06 16.72 -63.71
CA GLU J 124 -20.32 17.79 -63.01
C GLU J 124 -18.89 18.00 -63.54
N GLN J 125 -18.14 16.90 -63.83
CA GLN J 125 -16.77 17.01 -64.35
C GLN J 125 -16.79 17.49 -65.80
N LEU J 126 -17.75 16.96 -66.59
CA LEU J 126 -17.97 17.28 -68.01
C LEU J 126 -18.33 18.76 -68.21
N THR J 127 -18.66 19.44 -67.11
CA THR J 127 -18.94 20.86 -67.06
C THR J 127 -17.59 21.59 -66.96
N SER J 128 -16.73 21.18 -65.99
CA SER J 128 -15.38 21.73 -65.74
C SER J 128 -14.46 21.59 -66.95
N GLY J 129 -14.58 20.48 -67.67
CA GLY J 129 -13.78 20.19 -68.86
C GLY J 129 -13.33 18.75 -68.94
N GLY J 130 -12.79 18.23 -67.83
CA GLY J 130 -12.30 16.85 -67.71
C GLY J 130 -13.36 15.78 -67.90
N ALA J 131 -12.92 14.55 -68.15
CA ALA J 131 -13.79 13.38 -68.36
C ALA J 131 -13.03 12.10 -68.02
N SER J 132 -13.28 11.54 -66.83
CA SER J 132 -12.60 10.34 -66.38
C SER J 132 -13.57 9.17 -66.24
N VAL J 133 -13.31 8.10 -66.99
CA VAL J 133 -14.12 6.88 -66.95
C VAL J 133 -13.46 5.98 -65.91
N VAL J 134 -14.17 5.71 -64.81
CA VAL J 134 -13.68 4.92 -63.69
C VAL J 134 -14.30 3.53 -63.70
N CYS J 135 -13.47 2.51 -63.44
CA CYS J 135 -13.90 1.13 -63.39
C CYS J 135 -13.35 0.47 -62.14
N PHE J 136 -14.24 -0.07 -61.30
CA PHE J 136 -13.85 -0.73 -60.06
C PHE J 136 -13.78 -2.25 -60.23
N LEU J 137 -12.88 -2.89 -59.44
CA LEU J 137 -12.61 -4.34 -59.41
C LEU J 137 -12.64 -4.74 -57.94
N ASN J 138 -13.69 -5.44 -57.50
CA ASN J 138 -13.83 -5.70 -56.07
C ASN J 138 -13.91 -7.16 -55.66
N ASN J 139 -13.49 -7.43 -54.42
CA ASN J 139 -13.57 -8.75 -53.77
C ASN J 139 -12.89 -9.99 -54.37
N PHE J 140 -11.59 -9.92 -54.62
CA PHE J 140 -10.89 -10.96 -55.36
C PHE J 140 -9.56 -11.31 -54.71
N TYR J 141 -9.08 -12.54 -54.99
CA TYR J 141 -7.81 -13.09 -54.53
C TYR J 141 -7.22 -13.95 -55.64
N PRO J 142 -5.92 -13.82 -55.97
CA PRO J 142 -4.87 -13.00 -55.34
C PRO J 142 -4.81 -11.56 -55.84
N LYS J 143 -3.82 -10.80 -55.29
CA LYS J 143 -3.57 -9.38 -55.56
C LYS J 143 -3.34 -9.07 -57.05
N ASP J 144 -2.48 -9.87 -57.75
CA ASP J 144 -2.14 -9.68 -59.16
CA ASP J 144 -2.15 -9.67 -59.16
C ASP J 144 -3.41 -9.73 -60.05
N ILE J 145 -3.61 -8.68 -60.88
CA ILE J 145 -4.74 -8.51 -61.80
C ILE J 145 -4.35 -7.51 -62.91
N ASN J 146 -4.78 -7.80 -64.17
CA ASN J 146 -4.51 -6.98 -65.35
CA ASN J 146 -4.50 -6.98 -65.34
C ASN J 146 -5.78 -6.29 -65.82
N VAL J 147 -5.71 -4.98 -66.11
CA VAL J 147 -6.86 -4.19 -66.59
C VAL J 147 -6.61 -3.72 -68.04
N LYS J 148 -7.68 -3.71 -68.85
CA LYS J 148 -7.58 -3.30 -70.26
C LYS J 148 -8.70 -2.34 -70.63
N TRP J 149 -8.32 -1.11 -71.01
CA TRP J 149 -9.28 -0.10 -71.44
C TRP J 149 -9.45 -0.16 -72.96
N LYS J 150 -10.71 -0.30 -73.40
CA LYS J 150 -11.08 -0.33 -74.80
C LYS J 150 -12.28 0.60 -75.05
N ILE J 151 -12.30 1.25 -76.23
CA ILE J 151 -13.36 2.17 -76.66
C ILE J 151 -13.78 1.79 -78.09
N ASP J 152 -14.99 1.21 -78.25
CA ASP J 152 -15.57 0.74 -79.53
C ASP J 152 -14.70 -0.36 -80.19
N GLY J 153 -13.83 -0.99 -79.40
CA GLY J 153 -12.90 -2.02 -79.85
C GLY J 153 -11.47 -1.54 -79.97
N SER J 154 -11.24 -0.22 -79.74
CA SER J 154 -9.93 0.43 -79.81
C SER J 154 -9.30 0.57 -78.41
N GLU J 155 -8.18 -0.14 -78.20
CA GLU J 155 -7.43 -0.18 -76.95
C GLU J 155 -6.69 1.13 -76.69
N ARG J 156 -6.79 1.60 -75.45
CA ARG J 156 -6.10 2.81 -74.98
C ARG J 156 -5.29 2.41 -73.75
N GLN J 157 -3.98 2.60 -73.83
CA GLN J 157 -3.06 2.24 -72.74
C GLN J 157 -2.38 3.48 -72.12
N ASN J 158 -2.34 4.60 -72.86
CA ASN J 158 -1.71 5.84 -72.40
C ASN J 158 -2.70 6.72 -71.61
N GLY J 159 -2.26 7.17 -70.43
CA GLY J 159 -3.02 8.01 -69.51
C GLY J 159 -3.81 7.29 -68.44
N VAL J 160 -3.58 5.97 -68.28
CA VAL J 160 -4.27 5.12 -67.31
C VAL J 160 -3.58 5.17 -65.94
N LEU J 161 -4.38 5.31 -64.87
CA LEU J 161 -3.96 5.35 -63.47
C LEU J 161 -4.68 4.25 -62.69
N ASN J 162 -3.91 3.44 -61.93
CA ASN J 162 -4.42 2.29 -61.18
C ASN J 162 -4.07 2.31 -59.67
N SER J 163 -5.06 1.97 -58.81
CA SER J 163 -4.86 1.92 -57.37
C SER J 163 -5.42 0.65 -56.78
N TRP J 164 -4.63 -0.02 -55.94
CA TRP J 164 -4.96 -1.26 -55.23
C TRP J 164 -5.22 -0.96 -53.76
N THR J 165 -6.21 -1.61 -53.14
CA THR J 165 -6.50 -1.42 -51.71
C THR J 165 -5.74 -2.37 -50.83
N ASP J 166 -5.58 -2.01 -49.54
CA ASP J 166 -4.96 -2.87 -48.55
C ASP J 166 -5.84 -4.11 -48.41
N GLN J 167 -5.22 -5.29 -48.21
CA GLN J 167 -5.92 -6.55 -48.01
C GLN J 167 -6.91 -6.35 -46.84
N ASP J 168 -8.19 -6.68 -47.08
CA ASP J 168 -9.29 -6.47 -46.12
C ASP J 168 -9.12 -7.25 -44.82
N SER J 169 -9.47 -6.57 -43.71
CA SER J 169 -9.43 -7.09 -42.34
C SER J 169 -10.63 -8.00 -42.03
N LYS J 170 -11.56 -8.13 -42.99
CA LYS J 170 -12.78 -8.95 -42.86
C LYS J 170 -12.66 -10.28 -43.64
N ASP J 171 -12.73 -10.22 -44.99
CA ASP J 171 -12.73 -11.37 -45.89
C ASP J 171 -11.36 -11.68 -46.54
N SER J 172 -10.29 -10.91 -46.22
CA SER J 172 -8.93 -11.07 -46.76
C SER J 172 -8.84 -10.86 -48.30
N THR J 173 -9.88 -10.25 -48.92
CA THR J 173 -9.91 -10.01 -50.35
C THR J 173 -9.21 -8.72 -50.73
N TYR J 174 -9.08 -8.47 -52.05
CA TYR J 174 -8.47 -7.27 -52.62
C TYR J 174 -9.46 -6.49 -53.52
N SER J 175 -9.12 -5.22 -53.86
CA SER J 175 -9.91 -4.36 -54.72
C SER J 175 -9.01 -3.36 -55.47
N MET J 176 -9.38 -3.03 -56.72
CA MET J 176 -8.61 -2.18 -57.61
C MET J 176 -9.49 -1.14 -58.33
N SER J 177 -8.93 0.06 -58.59
CA SER J 177 -9.60 1.16 -59.28
C SER J 177 -8.78 1.63 -60.49
N SER J 178 -9.40 1.60 -61.69
CA SER J 178 -8.75 2.05 -62.93
C SER J 178 -9.44 3.31 -63.46
N THR J 179 -8.65 4.35 -63.78
CA THR J 179 -9.15 5.64 -64.25
C THR J 179 -8.61 6.00 -65.63
N LEU J 180 -9.49 6.53 -66.50
CA LEU J 180 -9.09 6.96 -67.84
C LEU J 180 -9.32 8.47 -67.97
N THR J 181 -8.29 9.23 -67.58
CA THR J 181 -8.23 10.69 -67.58
C THR J 181 -8.16 11.22 -69.02
N LEU J 182 -9.26 11.83 -69.50
CA LEU J 182 -9.34 12.40 -70.85
C LEU J 182 -10.10 13.73 -70.84
N THR J 183 -9.97 14.52 -71.93
CA THR J 183 -10.65 15.81 -72.06
C THR J 183 -12.06 15.59 -72.60
N LYS J 184 -12.92 16.65 -72.54
CA LYS J 184 -14.29 16.62 -73.06
C LYS J 184 -14.26 16.42 -74.58
N ASP J 185 -13.28 17.06 -75.25
CA ASP J 185 -13.04 16.98 -76.70
C ASP J 185 -12.70 15.56 -77.12
N GLU J 186 -11.95 14.83 -76.26
CA GLU J 186 -11.58 13.43 -76.49
C GLU J 186 -12.77 12.51 -76.17
N TYR J 187 -13.57 12.88 -75.15
CA TYR J 187 -14.73 12.10 -74.73
C TYR J 187 -15.88 12.16 -75.74
N GLU J 188 -16.20 13.37 -76.25
CA GLU J 188 -17.28 13.61 -77.22
C GLU J 188 -17.01 12.93 -78.59
N ARG J 189 -15.77 12.43 -78.80
CA ARG J 189 -15.35 11.73 -80.02
C ARG J 189 -15.95 10.32 -80.12
N HIS J 190 -16.18 9.65 -78.97
CA HIS J 190 -16.71 8.29 -78.93
C HIS J 190 -17.96 8.13 -78.04
N ASN J 191 -18.72 7.03 -78.26
CA ASN J 191 -19.97 6.71 -77.56
C ASN J 191 -19.87 5.49 -76.63
N SER J 192 -19.37 4.33 -77.14
CA SER J 192 -19.27 3.08 -76.36
C SER J 192 -17.91 2.90 -75.66
N TYR J 193 -17.95 2.87 -74.31
CA TYR J 193 -16.78 2.70 -73.45
C TYR J 193 -16.91 1.36 -72.71
N THR J 194 -16.01 0.42 -73.05
CA THR J 194 -16.00 -0.95 -72.53
C THR J 194 -14.89 -1.10 -71.48
N CYS J 195 -15.13 -1.98 -70.49
CA CYS J 195 -14.21 -2.25 -69.39
C CYS J 195 -14.03 -3.76 -69.23
N GLU J 196 -12.78 -4.26 -69.33
CA GLU J 196 -12.44 -5.67 -69.21
C GLU J 196 -11.13 -5.89 -68.43
N ALA J 197 -11.08 -6.97 -67.64
CA ALA J 197 -9.92 -7.32 -66.82
C ALA J 197 -9.68 -8.83 -66.76
N THR J 198 -8.40 -9.24 -66.69
CA THR J 198 -7.97 -10.65 -66.64
C THR J 198 -7.61 -11.06 -65.20
N HIS J 199 -8.08 -12.26 -64.79
CA HIS J 199 -7.81 -12.82 -63.47
C HIS J 199 -7.53 -14.33 -63.53
N LYS J 200 -6.88 -14.86 -62.48
CA LYS J 200 -6.50 -16.26 -62.27
C LYS J 200 -7.70 -17.21 -62.27
N THR J 201 -8.87 -16.75 -61.78
CA THR J 201 -10.10 -17.54 -61.68
C THR J 201 -10.70 -17.91 -63.05
N SER J 202 -11.05 -16.92 -63.89
CA SER J 202 -11.68 -17.17 -65.19
C SER J 202 -10.77 -16.82 -66.37
N THR J 203 -10.86 -17.64 -67.44
CA THR J 203 -10.10 -17.48 -68.69
C THR J 203 -10.65 -16.29 -69.48
N SER J 204 -11.99 -16.22 -69.62
CA SER J 204 -12.67 -15.13 -70.33
C SER J 204 -12.85 -13.91 -69.39
N PRO J 205 -12.45 -12.68 -69.82
CA PRO J 205 -12.56 -11.51 -68.93
C PRO J 205 -13.99 -11.03 -68.70
N ILE J 206 -14.26 -10.46 -67.51
CA ILE J 206 -15.59 -9.92 -67.16
C ILE J 206 -15.76 -8.60 -67.91
N VAL J 207 -16.81 -8.53 -68.75
CA VAL J 207 -17.15 -7.39 -69.59
C VAL J 207 -18.22 -6.51 -68.92
N LYS J 208 -17.97 -5.18 -68.89
CA LYS J 208 -18.88 -4.15 -68.36
C LYS J 208 -18.76 -2.92 -69.27
N SER J 209 -19.88 -2.47 -69.85
CA SER J 209 -19.91 -1.32 -70.78
C SER J 209 -21.14 -0.41 -70.59
N PHE J 210 -21.17 0.74 -71.30
CA PHE J 210 -22.26 1.74 -71.29
C PHE J 210 -22.26 2.57 -72.60
N ASN J 211 -23.20 3.55 -72.72
CA ASN J 211 -23.31 4.42 -73.90
C ASN J 211 -23.56 5.87 -73.49
#